data_4UYZ
#
_entry.id   4UYZ
#
_cell.length_a   60.829
_cell.length_b   193.880
_cell.length_c   75.717
_cell.angle_alpha   90.00
_cell.angle_beta   91.88
_cell.angle_gamma   90.00
#
_symmetry.space_group_name_H-M   'P 1 21 1'
#
loop_
_entity.id
_entity.type
_entity.pdbx_description
1 polymer 'PROTEIN NOTUM HOMOLOG'
2 polymer 'POLY ALA'
3 non-polymer 2-acetamido-2-deoxy-beta-D-glucopyranose
4 non-polymer 'CHLORIDE ION'
#
loop_
_entity_poly.entity_id
_entity_poly.type
_entity_poly.pdbx_seq_one_letter_code
_entity_poly.pdbx_strand_id
1 'polypeptide(L)'
;ETGRTEAAPAAGQPVESFPLDFTAVEGNMDSFMAQVKSLAQSLYPCSAQQLNEDLRLHLLLNTSVTCNDGSPAGYYLKES
RGSRRWLLFLEGGWYCFNRENCDSRYDTMRRLMSSRDWPRTRTGTGILSSQPEENPYWWNANMVFIPYCSSDVWSGASSK
SEKNEYAFMGALIIQEVVRELLGRGLSGAKVLLLAGSSAGGTGVLLNVDRVAEQLEKLGYPAIQVRGLADSGWFLDNKQY
RHTDCVDTITCAPTEAIRRGIRYWNGVVPERCRRQFQEGEEWNCFFGYKVYPTLRCPVFVVQWLFDEAQLTVDNVHLTGQ
PVQEGLRLYIQNLGRELRHTLKDVPASFAPACLSHEIIIRSHWTDVQVKGTSLPRALHCWDRSLHDSHKASKTPLKGCPV
HLVDSCPWPHCNPSCPTVRDQFTGQEMNVAQFLMHMGFDMQTVAQPQGLEPSELLGMLSNGSGTKHHHHHH
;
A,B,C,D
2 'polypeptide(L)' AAAAAAAAAA E
#
loop_
_chem_comp.id
_chem_comp.type
_chem_comp.name
_chem_comp.formula
CL non-polymer 'CHLORIDE ION' 'Cl -1'
NAG D-saccharide, beta linking 2-acetamido-2-deoxy-beta-D-glucopyranose 'C8 H15 N O6'
#
# COMPACT_ATOMS: atom_id res chain seq x y z
N GLU A 53 -1.85 -5.88 39.87
CA GLU A 53 -1.46 -5.86 38.43
C GLU A 53 -1.84 -4.56 37.74
N ASP A 54 -2.75 -3.81 38.36
CA ASP A 54 -3.29 -2.58 37.79
C ASP A 54 -3.17 -1.42 38.77
N LEU A 55 -3.59 -0.23 38.36
CA LEU A 55 -3.38 1.02 39.12
C LEU A 55 -4.52 1.33 40.08
N ARG A 56 -4.18 1.47 41.36
CA ARG A 56 -5.13 1.73 42.45
C ARG A 56 -5.31 3.22 42.73
N LEU A 57 -6.57 3.67 42.69
CA LEU A 57 -6.97 5.04 43.01
C LEU A 57 -6.68 5.45 44.45
N HIS A 58 -6.08 6.62 44.59
CA HIS A 58 -5.88 7.26 45.89
C HIS A 58 -6.37 8.68 45.80
N LEU A 59 -7.16 9.10 46.76
CA LEU A 59 -7.59 10.50 46.82
C LEU A 59 -6.59 11.30 47.65
N LEU A 60 -6.47 12.59 47.34
CA LEU A 60 -5.50 13.45 48.03
C LEU A 60 -5.90 13.71 49.47
N LEU A 61 -4.96 13.45 50.38
CA LEU A 61 -5.21 13.62 51.81
C LEU A 61 -5.43 15.09 52.21
N ASN A 62 -4.70 16.02 51.59
CA ASN A 62 -4.95 17.45 51.72
C ASN A 62 -6.20 17.83 50.92
N THR A 63 -7.36 17.82 51.58
CA THR A 63 -8.62 17.93 50.85
C THR A 63 -8.92 19.34 50.35
N SER A 64 -8.03 20.28 50.64
CA SER A 64 -8.17 21.66 50.16
C SER A 64 -8.15 21.69 48.63
N VAL A 65 -7.29 20.86 48.06
CA VAL A 65 -7.19 20.70 46.61
C VAL A 65 -8.30 19.79 46.11
N THR A 66 -8.99 20.27 45.07
CA THR A 66 -10.22 19.64 44.63
C THR A 66 -10.48 19.78 43.15
N CYS A 67 -11.44 18.99 42.69
CA CYS A 67 -12.00 19.06 41.35
C CYS A 67 -12.92 20.26 41.20
N ASN A 68 -13.48 20.42 40.00
CA ASN A 68 -14.40 21.53 39.70
C ASN A 68 -15.64 21.56 40.60
N ASP A 69 -16.24 20.40 40.83
CA ASP A 69 -17.39 20.29 41.69
C ASP A 69 -16.97 20.41 43.15
N GLY A 70 -15.68 20.38 43.43
CA GLY A 70 -15.25 20.39 44.81
C GLY A 70 -15.05 19.01 45.39
N SER A 71 -15.28 17.98 44.58
CA SER A 71 -14.98 16.62 44.99
C SER A 71 -13.47 16.47 45.11
N PRO A 72 -13.00 15.63 46.05
CA PRO A 72 -11.56 15.47 46.16
C PRO A 72 -10.98 14.86 44.89
N ALA A 73 -9.77 15.31 44.55
CA ALA A 73 -9.02 14.78 43.42
C ALA A 73 -8.06 13.69 43.92
N GLY A 74 -7.39 13.03 43.00
CA GLY A 74 -6.39 12.04 43.38
C GLY A 74 -5.48 11.56 42.28
N TYR A 75 -5.08 10.30 42.37
CA TYR A 75 -4.23 9.66 41.37
C TYR A 75 -4.43 8.17 41.42
N TYR A 76 -4.19 7.53 40.29
CA TYR A 76 -4.05 6.08 40.20
C TYR A 76 -2.58 5.69 40.20
N LEU A 77 -2.23 4.71 41.01
CA LEU A 77 -0.83 4.32 41.18
C LEU A 77 -0.61 2.80 41.13
N LYS A 78 0.41 2.38 40.38
CA LYS A 78 0.91 1.00 40.39
C LYS A 78 2.41 1.02 40.67
N GLU A 79 2.80 0.45 41.81
CA GLU A 79 4.21 0.47 42.24
C GLU A 79 5.04 -0.58 41.57
N SER A 80 6.31 -0.26 41.32
CA SER A 80 7.29 -1.26 40.96
C SER A 80 8.46 -1.08 41.93
N ARG A 81 8.59 -1.99 42.89
CA ARG A 81 9.61 -1.88 43.96
C ARG A 81 11.06 -1.90 43.42
N GLY A 82 11.31 -2.76 42.44
CA GLY A 82 12.63 -2.85 41.81
C GLY A 82 13.03 -1.60 41.05
N SER A 83 12.08 -0.98 40.35
CA SER A 83 12.37 0.17 39.49
C SER A 83 12.61 1.49 40.23
N ARG A 84 13.53 2.30 39.73
CA ARG A 84 13.76 3.65 40.22
C ARG A 84 13.25 4.67 39.20
N ARG A 85 12.42 4.20 38.27
CA ARG A 85 11.83 5.01 37.22
C ARG A 85 10.34 5.23 37.53
N TRP A 86 9.88 6.49 37.40
CA TRP A 86 8.47 6.84 37.59
C TRP A 86 7.92 7.59 36.38
N LEU A 87 6.71 7.21 35.93
CA LEU A 87 5.93 8.01 34.99
C LEU A 87 4.66 8.58 35.62
N LEU A 88 4.52 9.91 35.55
CA LEU A 88 3.31 10.60 35.92
C LEU A 88 2.62 11.02 34.66
N PHE A 89 1.37 10.61 34.50
CA PHE A 89 0.64 10.94 33.30
C PHE A 89 -0.59 11.81 33.57
N LEU A 90 -0.70 12.89 32.79
CA LEU A 90 -1.81 13.81 32.86
C LEU A 90 -2.78 13.58 31.72
N GLU A 91 -4.01 13.26 32.10
CA GLU A 91 -5.08 13.06 31.15
C GLU A 91 -5.39 14.36 30.41
N GLY A 92 -5.84 14.24 29.18
CA GLY A 92 -6.24 15.41 28.42
C GLY A 92 -7.75 15.55 28.41
N GLY A 93 -8.26 16.33 27.46
CA GLY A 93 -9.69 16.43 27.27
C GLY A 93 -10.20 17.85 27.30
N TRP A 94 -9.56 18.72 26.54
CA TRP A 94 -9.93 20.14 26.44
C TRP A 94 -9.90 20.92 27.74
N TYR A 95 -10.79 21.89 27.81
CA TYR A 95 -10.75 22.91 28.84
C TYR A 95 -12.12 23.51 28.82
N CYS A 96 -12.40 24.32 29.82
CA CYS A 96 -13.63 25.05 29.90
C CYS A 96 -13.35 26.46 30.38
N PHE A 97 -13.72 27.48 29.61
CA PHE A 97 -13.25 28.85 29.92
C PHE A 97 -14.25 29.95 30.36
N ASN A 98 -15.47 29.57 30.73
CA ASN A 98 -16.44 30.46 31.41
C ASN A 98 -17.61 29.64 31.93
N ARG A 99 -18.42 30.26 32.78
CA ARG A 99 -19.49 29.54 33.47
C ARG A 99 -20.43 28.81 32.53
N GLU A 100 -20.99 29.52 31.56
CA GLU A 100 -21.94 28.89 30.65
C GLU A 100 -21.35 27.64 30.02
N ASN A 101 -20.10 27.75 29.57
CA ASN A 101 -19.31 26.62 29.04
C ASN A 101 -19.01 25.51 30.05
N CYS A 102 -18.72 25.89 31.28
CA CYS A 102 -18.41 24.90 32.31
C CYS A 102 -19.64 24.14 32.74
N ASP A 103 -20.76 24.86 32.88
CA ASP A 103 -22.04 24.24 33.20
C ASP A 103 -22.37 23.20 32.13
N SER A 104 -22.23 23.59 30.87
CA SER A 104 -22.56 22.73 29.75
C SER A 104 -21.68 21.48 29.74
N ARG A 105 -20.42 21.67 30.14
CA ARG A 105 -19.46 20.60 30.34
C ARG A 105 -19.93 19.69 31.45
N TYR A 106 -20.42 20.29 32.54
CA TYR A 106 -20.81 19.56 33.74
C TYR A 106 -21.96 18.60 33.49
N ASP A 107 -22.93 19.05 32.71
CA ASP A 107 -24.11 18.24 32.40
C ASP A 107 -23.64 17.12 31.50
N THR A 108 -22.92 17.49 30.44
CA THR A 108 -22.50 16.53 29.43
C THR A 108 -21.37 15.58 29.87
N MET A 109 -20.29 16.14 30.39
CA MET A 109 -19.05 15.38 30.64
C MET A 109 -18.65 15.38 32.12
N ARG A 110 -19.59 15.05 33.00
CA ARG A 110 -19.32 15.08 34.44
C ARG A 110 -17.98 14.44 34.88
N ARG A 111 -17.53 13.39 34.17
CA ARG A 111 -16.30 12.68 34.56
C ARG A 111 -15.09 13.58 34.59
N LEU A 112 -15.09 14.57 33.71
CA LEU A 112 -13.96 15.47 33.59
C LEU A 112 -13.99 16.67 34.56
N MET A 113 -14.95 16.66 35.47
CA MET A 113 -15.13 17.72 36.46
C MET A 113 -15.34 17.20 37.90
N SER A 114 -15.37 15.88 38.05
CA SER A 114 -15.64 15.26 39.34
C SER A 114 -14.90 13.94 39.58
N SER A 115 -14.62 13.65 40.84
CA SER A 115 -14.06 12.36 41.20
C SER A 115 -15.18 11.38 41.59
N ARG A 116 -16.43 11.76 41.34
CA ARG A 116 -17.58 10.98 41.79
C ARG A 116 -17.74 9.63 41.07
N ASP A 117 -17.42 9.61 39.78
CA ASP A 117 -17.65 8.44 38.93
C ASP A 117 -16.39 7.64 38.63
N TRP A 118 -15.28 8.04 39.24
CA TRP A 118 -13.95 7.47 39.03
C TRP A 118 -13.87 6.02 39.47
N PRO A 119 -13.43 5.13 38.55
CA PRO A 119 -13.29 3.69 38.82
C PRO A 119 -12.26 3.49 39.89
N ARG A 120 -12.38 2.42 40.66
CA ARG A 120 -11.42 2.24 41.75
C ARG A 120 -10.06 1.77 41.23
N THR A 121 -10.05 1.17 40.04
CA THR A 121 -8.80 0.86 39.33
C THR A 121 -8.87 1.24 37.87
N ARG A 122 -7.68 1.50 37.33
CA ARG A 122 -7.44 1.62 35.91
C ARG A 122 -6.40 0.61 35.53
N THR A 123 -6.48 0.18 34.27
CA THR A 123 -5.50 -0.70 33.70
C THR A 123 -4.58 0.12 32.83
N GLY A 124 -3.29 0.00 33.11
CA GLY A 124 -2.24 0.69 32.38
C GLY A 124 -2.27 0.32 30.92
N THR A 125 -2.13 1.34 30.09
CA THR A 125 -2.31 1.23 28.67
C THR A 125 -1.24 2.10 28.01
N GLY A 126 -0.82 1.73 26.81
CA GLY A 126 0.30 2.39 26.13
C GLY A 126 1.57 2.39 26.96
N ILE A 127 2.15 3.58 27.13
CA ILE A 127 3.34 3.78 27.94
C ILE A 127 3.12 3.44 29.43
N LEU A 128 1.87 3.48 29.89
CA LEU A 128 1.55 3.13 31.27
C LEU A 128 1.39 1.63 31.50
N SER A 129 1.37 0.89 30.39
CA SER A 129 1.22 -0.57 30.37
C SER A 129 2.36 -1.32 31.05
N SER A 130 2.02 -2.41 31.70
CA SER A 130 3.02 -3.27 32.33
C SER A 130 3.28 -4.51 31.50
N GLN A 131 2.76 -4.51 30.27
CA GLN A 131 2.95 -5.63 29.35
C GLN A 131 4.14 -5.38 28.43
N PRO A 132 5.22 -6.16 28.61
CA PRO A 132 6.49 -5.92 27.95
C PRO A 132 6.33 -5.80 26.46
N GLU A 133 5.29 -6.41 25.90
CA GLU A 133 5.05 -6.29 24.47
C GLU A 133 4.37 -4.95 24.13
N GLU A 134 3.61 -4.41 25.07
CA GLU A 134 3.02 -3.09 24.93
C GLU A 134 4.04 -1.99 25.22
N ASN A 135 4.89 -2.25 26.21
CA ASN A 135 5.79 -1.26 26.79
C ASN A 135 7.21 -1.84 26.94
N PRO A 136 7.93 -2.01 25.81
CA PRO A 136 9.20 -2.75 25.77
C PRO A 136 10.26 -2.31 26.79
N TYR A 137 10.37 -1.00 27.02
CA TYR A 137 11.36 -0.43 27.93
C TYR A 137 10.80 -0.01 29.28
N TRP A 138 9.61 0.59 29.30
CA TRP A 138 9.08 1.18 30.53
C TRP A 138 8.05 0.37 31.32
N TRP A 139 7.78 -0.87 30.91
CA TRP A 139 6.73 -1.70 31.53
C TRP A 139 6.93 -1.91 33.03
N ASN A 140 8.17 -1.92 33.47
CA ASN A 140 8.49 -2.18 34.87
C ASN A 140 8.61 -0.94 35.75
N ALA A 141 8.24 0.22 35.24
CA ALA A 141 8.34 1.45 36.03
C ALA A 141 7.20 1.52 37.04
N ASN A 142 7.30 2.43 38.01
CA ASN A 142 6.16 2.81 38.84
C ASN A 142 5.29 3.73 38.01
N MET A 143 3.99 3.46 37.96
CA MET A 143 3.14 4.30 37.13
C MET A 143 2.05 5.03 37.88
N VAL A 144 1.90 6.31 37.52
CA VAL A 144 0.91 7.22 38.11
C VAL A 144 0.06 7.81 37.00
N PHE A 145 -1.25 7.72 37.17
CA PHE A 145 -2.18 8.32 36.23
C PHE A 145 -2.93 9.41 36.97
N ILE A 146 -2.99 10.62 36.42
CA ILE A 146 -3.72 11.71 37.10
C ILE A 146 -4.91 12.12 36.26
N PRO A 147 -6.13 11.85 36.77
CA PRO A 147 -7.30 12.22 35.98
C PRO A 147 -7.49 13.74 35.90
N TYR A 148 -7.91 14.20 34.74
CA TYR A 148 -8.06 15.60 34.45
C TYR A 148 -9.35 16.16 35.11
N CYS A 149 -9.26 16.42 36.42
CA CYS A 149 -10.31 17.07 37.22
C CYS A 149 -10.57 18.51 36.87
N SER A 150 -9.52 19.27 36.58
CA SER A 150 -9.54 20.72 36.75
C SER A 150 -10.17 21.51 35.62
N SER A 151 -10.07 21.01 34.39
CA SER A 151 -10.67 21.69 33.24
C SER A 151 -9.90 22.92 32.80
N ASP A 152 -8.75 23.17 33.43
CA ASP A 152 -7.98 24.37 33.19
C ASP A 152 -6.74 24.15 32.32
N VAL A 153 -6.52 22.95 31.80
CA VAL A 153 -5.28 22.63 31.10
C VAL A 153 -4.17 22.58 32.13
N TRP A 154 -4.53 22.37 33.38
CA TRP A 154 -3.59 22.14 34.46
C TRP A 154 -2.94 23.42 34.96
N SER A 155 -3.40 24.55 34.42
CA SER A 155 -2.88 25.85 34.81
C SER A 155 -3.35 26.35 36.20
N GLY A 156 -4.60 26.10 36.56
CA GLY A 156 -5.18 26.71 37.77
C GLY A 156 -4.36 26.62 39.04
N ALA A 157 -4.05 27.78 39.64
CA ALA A 157 -3.19 27.83 40.84
C ALA A 157 -3.80 28.42 42.11
N SER A 158 -5.12 28.60 42.11
CA SER A 158 -5.79 29.21 43.27
C SER A 158 -6.77 28.26 43.97
N SER A 159 -6.71 28.25 45.30
CA SER A 159 -7.63 27.47 46.14
C SER A 159 -9.09 27.92 45.99
N LYS A 160 -9.32 29.23 45.99
CA LYS A 160 -10.68 29.77 45.96
C LYS A 160 -11.51 29.22 44.80
N GLU A 165 -19.31 29.12 42.26
CA GLU A 165 -18.40 29.03 41.13
C GLU A 165 -17.57 27.73 41.19
N TYR A 166 -17.00 27.33 40.06
CA TYR A 166 -16.11 26.18 40.01
C TYR A 166 -14.73 26.52 40.56
N ALA A 167 -13.90 25.49 40.74
CA ALA A 167 -12.54 25.65 41.21
C ALA A 167 -11.57 25.09 40.18
N PHE A 168 -10.61 25.92 39.77
CA PHE A 168 -9.58 25.43 38.86
C PHE A 168 -8.26 25.33 39.61
N MET A 169 -7.81 24.10 39.82
CA MET A 169 -6.65 23.80 40.67
C MET A 169 -5.69 22.79 40.04
N GLY A 170 -5.60 22.79 38.72
CA GLY A 170 -4.72 21.86 37.99
C GLY A 170 -3.28 21.86 38.49
N ALA A 171 -2.69 23.05 38.55
CA ALA A 171 -1.32 23.24 39.05
C ALA A 171 -1.12 22.77 40.49
N LEU A 172 -2.15 22.91 41.34
CA LEU A 172 -2.06 22.47 42.74
C LEU A 172 -2.23 20.97 42.86
N ILE A 173 -3.13 20.39 42.06
CA ILE A 173 -3.28 18.94 42.03
C ILE A 173 -1.92 18.28 41.77
N ILE A 174 -1.22 18.75 40.73
CA ILE A 174 0.10 18.23 40.42
C ILE A 174 1.05 18.47 41.59
N GLN A 175 0.90 19.60 42.25
CA GLN A 175 1.75 19.87 43.39
C GLN A 175 1.51 18.86 44.49
N GLU A 176 0.25 18.54 44.74
CA GLU A 176 -0.10 17.62 45.81
C GLU A 176 0.24 16.17 45.50
N VAL A 177 0.03 15.76 44.24
CA VAL A 177 0.34 14.39 43.84
C VAL A 177 1.79 14.06 44.14
N VAL A 178 2.69 14.96 43.73
CA VAL A 178 4.13 14.80 43.89
C VAL A 178 4.57 14.70 45.37
N ARG A 179 4.10 15.62 46.22
CA ARG A 179 4.39 15.57 47.67
C ARG A 179 3.97 14.25 48.31
N GLU A 180 2.76 13.80 47.99
CA GLU A 180 2.25 12.52 48.47
C GLU A 180 3.08 11.34 47.93
N LEU A 181 3.38 11.38 46.64
CA LEU A 181 4.12 10.29 45.99
C LEU A 181 5.50 10.06 46.57
N LEU A 182 6.11 11.13 47.07
CA LEU A 182 7.41 11.05 47.75
C LEU A 182 7.30 10.08 48.91
N GLY A 183 6.18 10.19 49.62
CA GLY A 183 5.88 9.29 50.71
C GLY A 183 5.79 7.83 50.30
N ARG A 184 5.72 7.55 49.00
CA ARG A 184 5.50 6.18 48.55
C ARG A 184 6.66 5.49 47.81
N GLY A 185 7.84 6.09 47.86
CA GLY A 185 8.99 5.56 47.15
C GLY A 185 9.57 6.49 46.10
N LEU A 186 8.90 7.60 45.84
CA LEU A 186 9.39 8.58 44.86
C LEU A 186 10.71 9.19 45.26
N SER A 187 10.92 9.32 46.57
CA SER A 187 12.18 9.81 47.11
C SER A 187 13.34 8.99 46.59
N GLY A 188 13.10 7.70 46.35
CA GLY A 188 14.12 6.80 45.79
C GLY A 188 14.27 6.85 44.27
N ALA A 189 13.53 7.75 43.61
CA ALA A 189 13.57 7.82 42.15
C ALA A 189 14.90 8.32 41.63
N LYS A 190 15.28 7.82 40.46
CA LYS A 190 16.37 8.38 39.68
C LYS A 190 15.82 9.18 38.51
N VAL A 191 14.66 8.78 38.01
CA VAL A 191 14.01 9.50 36.92
C VAL A 191 12.50 9.71 37.18
N LEU A 192 12.03 10.91 36.91
CA LEU A 192 10.61 11.15 36.91
C LEU A 192 10.25 11.66 35.55
N LEU A 193 9.51 10.85 34.80
CA LEU A 193 9.07 11.30 33.50
C LEU A 193 7.68 11.85 33.65
N LEU A 194 7.49 13.12 33.32
CA LEU A 194 6.17 13.74 33.42
C LEU A 194 5.55 13.81 32.03
N ALA A 195 4.52 13.01 31.82
CA ALA A 195 3.96 12.86 30.48
C ALA A 195 2.49 13.23 30.42
N GLY A 196 1.96 13.43 29.23
CA GLY A 196 0.57 13.79 29.06
C GLY A 196 0.15 13.88 27.61
N SER A 197 -1.14 13.73 27.34
CA SER A 197 -1.69 13.78 25.99
C SER A 197 -2.69 14.90 25.94
N SER A 198 -2.82 15.51 24.75
CA SER A 198 -3.84 16.51 24.52
C SER A 198 -3.55 17.70 25.46
N ALA A 199 -4.54 18.07 26.26
CA ALA A 199 -4.43 19.13 27.24
C ALA A 199 -3.41 18.76 28.30
N GLY A 200 -3.20 17.47 28.52
CA GLY A 200 -2.13 17.03 29.40
C GLY A 200 -0.77 17.24 28.73
N GLY A 201 -0.75 17.21 27.40
CA GLY A 201 0.46 17.48 26.64
C GLY A 201 0.93 18.89 26.94
N THR A 202 -0.03 19.80 26.89
CA THR A 202 0.24 21.18 27.26
C THR A 202 0.50 21.31 28.73
N GLY A 203 -0.24 20.58 29.55
CA GLY A 203 -0.08 20.65 30.99
C GLY A 203 1.35 20.40 31.42
N VAL A 204 2.04 19.58 30.63
CA VAL A 204 3.43 19.23 30.92
C VAL A 204 4.36 20.39 30.73
N LEU A 205 4.22 21.12 29.61
CA LEU A 205 5.09 22.26 29.34
C LEU A 205 4.93 23.31 30.43
N LEU A 206 3.69 23.49 30.88
CA LEU A 206 3.34 24.45 31.91
C LEU A 206 3.83 24.04 33.28
N ASN A 207 3.83 22.74 33.55
CA ASN A 207 4.19 22.29 34.90
C ASN A 207 5.56 21.67 35.09
N VAL A 208 6.19 21.28 33.99
CA VAL A 208 7.43 20.53 34.09
C VAL A 208 8.52 21.25 34.90
N ASP A 209 8.75 22.53 34.63
CA ASP A 209 9.79 23.27 35.36
C ASP A 209 9.41 23.45 36.82
N ARG A 210 8.11 23.65 37.08
CA ARG A 210 7.62 23.78 38.46
C ARG A 210 7.89 22.52 39.28
N VAL A 211 7.71 21.36 38.65
CA VAL A 211 7.86 20.09 39.35
C VAL A 211 9.30 19.87 39.78
N ALA A 212 10.25 20.18 38.87
CA ALA A 212 11.69 20.13 39.16
C ALA A 212 12.01 21.11 40.28
N GLU A 213 11.50 22.33 40.12
CA GLU A 213 11.57 23.37 41.15
C GLU A 213 11.06 22.94 42.52
N GLN A 214 9.95 22.19 42.53
CA GLN A 214 9.36 21.68 43.75
C GLN A 214 10.23 20.60 44.42
N LEU A 215 10.88 19.76 43.60
CA LEU A 215 11.64 18.63 44.11
C LEU A 215 12.94 19.04 44.79
N GLU A 216 13.64 20.01 44.18
CA GLU A 216 14.87 20.56 44.75
C GLU A 216 14.58 21.11 46.13
N LYS A 217 13.46 21.81 46.24
CA LYS A 217 13.11 22.55 47.43
C LYS A 217 12.75 21.63 48.57
N LEU A 218 12.07 20.52 48.25
CA LEU A 218 11.73 19.52 49.25
C LEU A 218 12.95 18.67 49.54
N GLY A 219 14.01 18.89 48.77
CA GLY A 219 15.32 18.34 49.08
C GLY A 219 15.65 17.03 48.39
N TYR A 220 15.22 16.92 47.14
CA TYR A 220 15.53 15.74 46.32
C TYR A 220 16.12 16.12 44.96
N PRO A 221 17.34 16.70 44.97
CA PRO A 221 17.91 17.12 43.69
C PRO A 221 18.28 15.93 42.81
N ALA A 222 18.44 14.76 43.43
CA ALA A 222 18.84 13.56 42.71
C ALA A 222 17.83 13.14 41.63
N ILE A 223 16.55 13.42 41.83
CA ILE A 223 15.51 13.02 40.87
C ILE A 223 15.57 13.91 39.64
N GLN A 224 15.75 13.29 38.48
CA GLN A 224 15.85 14.02 37.22
C GLN A 224 14.50 14.08 36.51
N VAL A 225 13.88 15.26 36.60
CA VAL A 225 12.59 15.52 35.98
C VAL A 225 12.75 15.70 34.48
N ARG A 226 11.87 15.05 33.72
CA ARG A 226 11.86 15.15 32.26
C ARG A 226 10.42 15.21 31.83
N GLY A 227 10.18 15.57 30.59
CA GLY A 227 8.83 15.70 30.10
C GLY A 227 8.59 15.12 28.73
N LEU A 228 7.35 14.73 28.48
CA LEU A 228 6.93 14.19 27.19
C LEU A 228 5.58 14.81 26.90
N ALA A 229 5.48 15.53 25.79
CA ALA A 229 4.30 16.34 25.47
C ALA A 229 3.62 15.89 24.20
N ASP A 230 2.72 14.94 24.37
CA ASP A 230 1.99 14.36 23.27
C ASP A 230 0.72 15.15 22.96
N SER A 231 0.65 15.65 21.74
CA SER A 231 -0.52 16.38 21.26
C SER A 231 -0.87 17.58 22.14
N GLY A 232 0.16 18.25 22.64
CA GLY A 232 -0.02 19.48 23.40
C GLY A 232 0.65 20.67 22.73
N TRP A 233 1.12 20.46 21.50
CA TRP A 233 1.90 21.46 20.75
C TRP A 233 1.01 22.09 19.69
N PHE A 234 0.38 23.21 20.06
CA PHE A 234 -0.57 23.89 19.19
C PHE A 234 -0.05 25.19 18.59
N LEU A 235 -0.74 25.63 17.55
CA LEU A 235 -0.43 26.89 16.90
C LEU A 235 -1.56 27.87 17.11
N ASP A 236 -1.20 29.11 17.42
CA ASP A 236 -2.13 30.22 17.43
C ASP A 236 -2.16 30.79 16.01
N ASN A 237 -3.13 30.35 15.22
CA ASN A 237 -3.14 30.66 13.82
C ASN A 237 -4.53 31.06 13.38
N LYS A 238 -4.64 31.49 12.14
CA LYS A 238 -5.93 31.88 11.59
C LYS A 238 -6.73 30.62 11.33
N GLN A 239 -7.98 30.63 11.78
CA GLN A 239 -8.94 29.57 11.48
C GLN A 239 -9.15 29.56 9.98
N TYR A 240 -9.39 28.39 9.40
CA TYR A 240 -9.68 28.29 7.96
C TYR A 240 -10.86 29.16 7.58
N ARG A 241 -11.90 29.07 8.39
CA ARG A 241 -13.07 29.94 8.26
C ARG A 241 -13.41 30.40 9.66
N HIS A 242 -13.57 31.70 9.83
CA HIS A 242 -13.71 32.25 11.17
C HIS A 242 -15.06 31.92 11.80
N THR A 243 -15.04 31.61 13.09
CA THR A 243 -16.27 31.39 13.84
C THR A 243 -16.19 32.13 15.16
N ASP A 244 -17.33 32.70 15.57
CA ASP A 244 -17.44 33.43 16.83
C ASP A 244 -17.13 32.48 17.98
N CYS A 245 -16.45 33.00 18.99
CA CYS A 245 -16.06 32.19 20.12
C CYS A 245 -17.24 32.01 21.09
N VAL A 246 -18.13 31.09 20.71
CA VAL A 246 -19.29 30.75 21.52
C VAL A 246 -19.07 29.39 22.17
N ASP A 247 -18.80 28.38 21.37
CA ASP A 247 -18.70 27.00 21.85
C ASP A 247 -17.25 26.53 21.86
N THR A 248 -16.84 25.95 22.99
CA THR A 248 -15.44 25.54 23.25
C THR A 248 -14.71 24.88 22.07
N ILE A 249 -15.32 23.86 21.47
CA ILE A 249 -14.70 23.17 20.33
C ILE A 249 -14.42 24.13 19.18
N THR A 250 -15.29 25.12 19.03
CA THR A 250 -15.26 26.03 17.90
C THR A 250 -14.38 27.29 18.09
N CYS A 251 -14.28 27.77 19.33
CA CYS A 251 -13.45 28.94 19.64
C CYS A 251 -12.02 28.79 19.17
N ALA A 252 -11.46 29.91 18.67
CA ALA A 252 -10.08 29.96 18.14
C ALA A 252 -9.00 29.83 19.24
N PRO A 253 -7.82 29.27 18.91
CA PRO A 253 -6.84 28.94 19.94
C PRO A 253 -6.48 30.12 20.86
N THR A 254 -6.19 31.30 20.32
CA THR A 254 -5.79 32.45 21.12
C THR A 254 -6.87 33.04 22.02
N GLU A 255 -8.02 33.35 21.43
CA GLU A 255 -9.18 33.84 22.17
C GLU A 255 -9.61 32.89 23.29
N ALA A 256 -9.57 31.59 23.00
CA ALA A 256 -9.86 30.59 24.01
C ALA A 256 -8.89 30.67 25.18
N ILE A 257 -7.61 30.86 24.93
CA ILE A 257 -6.66 30.91 26.06
C ILE A 257 -6.62 32.29 26.73
N ARG A 258 -6.82 33.34 25.94
CA ARG A 258 -7.06 34.68 26.48
C ARG A 258 -8.17 34.66 27.55
N ARG A 259 -9.32 34.08 27.21
CA ARG A 259 -10.47 34.04 28.13
C ARG A 259 -10.21 33.11 29.31
N GLY A 260 -9.79 31.90 29.00
CA GLY A 260 -9.52 30.86 29.99
C GLY A 260 -8.61 31.26 31.10
N ILE A 261 -7.41 31.72 30.75
CA ILE A 261 -6.39 32.11 31.73
C ILE A 261 -6.94 33.04 32.80
N ARG A 262 -7.73 34.02 32.38
CA ARG A 262 -8.34 34.93 33.31
C ARG A 262 -9.31 34.18 34.22
N TYR A 263 -10.15 33.36 33.61
CA TYR A 263 -11.12 32.55 34.32
C TYR A 263 -10.48 31.57 35.32
N TRP A 264 -9.50 30.81 34.84
CA TRP A 264 -8.85 29.77 35.66
C TRP A 264 -7.93 30.34 36.73
N ASN A 265 -7.54 31.60 36.56
CA ASN A 265 -6.45 32.20 37.31
C ASN A 265 -5.16 31.44 37.03
N GLY A 266 -4.89 31.24 35.75
CA GLY A 266 -3.82 30.38 35.27
C GLY A 266 -2.45 30.92 35.60
N VAL A 267 -1.57 30.05 36.06
CA VAL A 267 -0.18 30.40 36.27
C VAL A 267 0.67 29.75 35.20
N VAL A 268 1.56 30.53 34.61
CA VAL A 268 2.44 30.02 33.55
C VAL A 268 3.89 29.98 34.04
N PRO A 269 4.73 29.15 33.41
CA PRO A 269 6.15 29.16 33.82
C PRO A 269 6.79 30.57 33.76
N GLU A 270 7.32 31.02 34.89
CA GLU A 270 7.99 32.32 35.04
C GLU A 270 9.00 32.62 33.92
N ARG A 271 9.76 31.62 33.52
CA ARG A 271 10.79 31.80 32.49
C ARG A 271 10.18 32.21 31.15
N CYS A 272 9.01 31.63 30.86
CA CYS A 272 8.20 32.06 29.74
C CYS A 272 7.56 33.42 30.01
N ARG A 273 7.18 33.66 31.27
CA ARG A 273 6.57 34.93 31.69
C ARG A 273 7.42 36.15 31.35
N ARG A 274 8.68 36.15 31.76
CA ARG A 274 9.51 37.32 31.61
C ARG A 274 9.79 37.64 30.14
N GLN A 275 9.39 36.76 29.24
CA GLN A 275 9.64 36.94 27.81
C GLN A 275 8.50 37.69 27.12
N PHE A 276 7.43 37.99 27.86
CA PHE A 276 6.24 38.59 27.25
C PHE A 276 5.64 39.69 28.10
N GLN A 277 4.79 40.50 27.47
CA GLN A 277 4.09 41.54 28.21
C GLN A 277 3.05 41.01 29.17
N GLU A 278 2.60 41.88 30.04
CA GLU A 278 1.83 41.36 31.11
C GLU A 278 0.39 41.57 30.79
N GLY A 279 -0.38 40.56 31.15
CA GLY A 279 -1.66 40.33 30.55
C GLY A 279 -1.45 39.73 29.17
N GLU A 280 -0.24 39.21 28.88
CA GLU A 280 -0.01 38.56 27.57
C GLU A 280 0.54 37.12 27.69
N GLU A 281 0.22 36.50 28.82
CA GLU A 281 0.75 35.23 29.25
C GLU A 281 0.14 34.04 28.49
N TRP A 282 -1.00 34.26 27.86
CA TRP A 282 -1.62 33.24 27.04
C TRP A 282 -0.61 32.71 26.04
N ASN A 283 0.41 33.50 25.75
CA ASN A 283 1.44 33.08 24.81
C ASN A 283 2.10 31.76 25.20
N CYS A 284 2.16 31.51 26.51
CA CYS A 284 2.93 30.41 27.08
C CYS A 284 2.20 29.08 27.06
N PHE A 285 1.04 29.04 26.41
CA PHE A 285 0.26 27.82 26.31
C PHE A 285 0.57 27.17 24.98
N PHE A 286 1.36 27.87 24.18
CA PHE A 286 1.75 27.33 22.89
C PHE A 286 3.20 26.86 22.92
N GLY A 287 3.41 25.62 22.47
CA GLY A 287 4.68 24.93 22.62
C GLY A 287 5.85 25.72 22.10
N TYR A 288 5.80 26.13 20.85
CA TYR A 288 6.93 26.83 20.27
C TYR A 288 7.31 28.11 21.01
N LYS A 289 6.31 28.79 21.55
CA LYS A 289 6.58 29.98 22.34
C LYS A 289 7.11 29.65 23.73
N VAL A 290 6.85 28.44 24.24
CA VAL A 290 7.28 28.08 25.61
C VAL A 290 8.54 27.22 25.67
N TYR A 291 8.77 26.46 24.60
CA TYR A 291 9.81 25.44 24.59
C TYR A 291 11.21 25.97 24.81
N PRO A 292 11.60 27.00 24.03
CA PRO A 292 12.96 27.52 24.04
C PRO A 292 13.47 27.82 25.44
N THR A 293 12.57 28.20 26.33
CA THR A 293 12.93 28.66 27.66
C THR A 293 12.96 27.52 28.67
N LEU A 294 12.71 26.30 28.21
CA LEU A 294 12.54 25.16 29.11
C LEU A 294 13.83 24.62 29.71
N ARG A 295 13.87 24.43 31.02
CA ARG A 295 15.11 23.95 31.64
C ARG A 295 15.25 22.44 31.58
N CYS A 296 14.15 21.72 31.82
CA CYS A 296 14.14 20.26 31.70
C CYS A 296 14.13 19.83 30.25
N PRO A 297 14.70 18.65 29.97
CA PRO A 297 14.59 18.10 28.63
C PRO A 297 13.18 17.63 28.41
N VAL A 298 12.64 17.91 27.22
CA VAL A 298 11.27 17.53 26.92
C VAL A 298 11.20 16.93 25.52
N PHE A 299 10.72 15.69 25.47
CA PHE A 299 10.38 15.04 24.22
C PHE A 299 8.99 15.47 23.73
N VAL A 300 8.89 15.87 22.46
CA VAL A 300 7.62 16.29 21.87
C VAL A 300 7.11 15.29 20.84
N VAL A 301 5.84 14.90 21.03
CA VAL A 301 5.16 13.95 20.14
C VAL A 301 3.97 14.67 19.54
N GLN A 302 3.87 14.71 18.22
CA GLN A 302 2.89 15.55 17.58
C GLN A 302 2.59 15.07 16.19
N TRP A 303 1.31 14.86 15.89
CA TRP A 303 0.90 14.50 14.54
C TRP A 303 1.01 15.77 13.75
N LEU A 304 1.63 15.71 12.58
CA LEU A 304 1.74 16.91 11.77
C LEU A 304 0.36 17.46 11.49
N PHE A 305 -0.67 16.64 11.67
CA PHE A 305 -2.04 17.11 11.52
C PHE A 305 -2.95 16.69 12.66
N ASP A 306 -2.70 17.22 13.86
CA ASP A 306 -3.57 16.90 14.97
C ASP A 306 -5.03 17.17 14.63
N GLU A 307 -5.89 16.20 14.93
CA GLU A 307 -7.35 16.35 14.85
C GLU A 307 -7.83 17.56 15.68
N ALA A 308 -7.36 17.67 16.91
CA ALA A 308 -7.75 18.79 17.77
C ALA A 308 -7.40 20.17 17.18
N GLN A 309 -6.24 20.30 16.54
CA GLN A 309 -5.87 21.55 15.89
C GLN A 309 -6.83 21.90 14.77
N LEU A 310 -7.20 20.89 13.99
CA LEU A 310 -8.11 21.12 12.88
C LEU A 310 -9.48 21.52 13.40
N THR A 311 -9.80 21.06 14.61
CA THR A 311 -11.10 21.35 15.22
C THR A 311 -11.18 22.80 15.59
N VAL A 312 -10.19 23.30 16.35
CA VAL A 312 -10.14 24.72 16.75
C VAL A 312 -9.94 25.66 15.57
N ASP A 313 -9.37 25.13 14.48
CA ASP A 313 -9.19 25.87 13.24
C ASP A 313 -10.44 25.85 12.39
N ASN A 314 -11.45 25.12 12.85
CA ASN A 314 -12.74 24.99 12.18
C ASN A 314 -12.65 24.27 10.82
N VAL A 315 -11.88 23.18 10.81
CA VAL A 315 -11.83 22.28 9.67
C VAL A 315 -12.67 21.04 9.94
N HIS A 316 -13.80 20.94 9.26
CA HIS A 316 -14.69 19.77 9.35
C HIS A 316 -14.54 18.98 8.05
N LEU A 317 -14.29 17.68 8.17
CA LEU A 317 -14.03 16.89 6.96
C LEU A 317 -15.09 15.83 6.62
N VAL A 322 -12.61 18.43 -2.07
CA VAL A 322 -12.11 19.57 -1.31
C VAL A 322 -11.84 20.78 -2.20
N GLN A 323 -12.14 21.96 -1.67
CA GLN A 323 -11.84 23.20 -2.36
C GLN A 323 -10.33 23.36 -2.45
N GLU A 324 -9.88 24.09 -3.47
CA GLU A 324 -8.47 24.36 -3.71
C GLU A 324 -7.83 24.99 -2.48
N GLY A 325 -8.43 26.07 -2.01
CA GLY A 325 -8.01 26.76 -0.80
C GLY A 325 -7.83 25.83 0.37
N LEU A 326 -8.81 24.95 0.59
CA LEU A 326 -8.74 23.98 1.69
C LEU A 326 -7.48 23.12 1.67
N ARG A 327 -7.08 22.65 0.49
CA ARG A 327 -5.85 21.86 0.36
C ARG A 327 -4.64 22.63 0.93
N LEU A 328 -4.55 23.91 0.59
CA LEU A 328 -3.42 24.76 0.97
C LEU A 328 -3.37 25.01 2.47
N TYR A 329 -4.53 25.28 3.07
CA TYR A 329 -4.64 25.49 4.51
C TYR A 329 -4.05 24.29 5.25
N ILE A 330 -4.50 23.10 4.86
CA ILE A 330 -4.00 21.88 5.46
C ILE A 330 -2.52 21.71 5.11
N GLN A 331 -2.19 21.90 3.83
CA GLN A 331 -0.82 21.75 3.37
C GLN A 331 0.11 22.65 4.16
N ASN A 332 -0.28 23.91 4.27
CA ASN A 332 0.50 24.89 5.02
C ASN A 332 0.54 24.53 6.50
N LEU A 333 -0.57 24.04 7.03
CA LEU A 333 -0.64 23.75 8.46
C LEU A 333 0.41 22.71 8.86
N GLY A 334 0.58 21.68 8.04
CA GLY A 334 1.61 20.68 8.29
C GLY A 334 2.98 21.30 8.19
N ARG A 335 3.13 22.19 7.21
CA ARG A 335 4.35 22.96 6.96
C ARG A 335 4.75 23.82 8.16
N GLU A 336 3.80 24.57 8.71
CA GLU A 336 4.07 25.44 9.86
C GLU A 336 4.52 24.63 11.06
N LEU A 337 3.84 23.51 11.31
CA LEU A 337 4.20 22.63 12.41
C LEU A 337 5.59 22.07 12.28
N ARG A 338 5.89 21.50 11.10
CA ARG A 338 7.22 21.01 10.80
C ARG A 338 8.23 22.08 11.16
N HIS A 339 7.93 23.32 10.76
CA HIS A 339 8.80 24.45 11.00
C HIS A 339 9.05 24.69 12.48
N THR A 340 8.01 24.68 13.29
CA THR A 340 8.17 25.00 14.71
C THR A 340 9.02 23.94 15.40
N LEU A 341 9.12 22.77 14.77
CA LEU A 341 9.79 21.63 15.38
C LEU A 341 11.25 21.46 14.99
N LYS A 342 11.74 22.30 14.08
CA LYS A 342 13.16 22.30 13.66
C LYS A 342 14.12 22.44 14.85
N ASP A 343 13.83 23.40 15.73
CA ASP A 343 14.68 23.69 16.88
C ASP A 343 14.59 22.66 18.01
N VAL A 344 13.57 21.80 17.95
CA VAL A 344 13.37 20.78 18.97
C VAL A 344 14.11 19.51 18.60
N PRO A 345 15.24 19.27 19.27
CA PRO A 345 16.09 18.12 18.91
C PRO A 345 15.35 16.79 19.09
N ALA A 346 14.57 16.65 20.16
CA ALA A 346 13.90 15.39 20.50
C ALA A 346 12.41 15.47 20.22
N SER A 347 12.00 14.99 19.06
CA SER A 347 10.61 15.07 18.66
C SER A 347 10.26 13.89 17.77
N PHE A 348 8.99 13.54 17.80
CA PHE A 348 8.46 12.45 17.00
C PHE A 348 7.18 12.98 16.38
N ALA A 349 7.18 13.14 15.05
CA ALA A 349 6.10 13.84 14.40
C ALA A 349 5.65 13.22 13.08
N PRO A 350 4.79 12.18 13.14
CA PRO A 350 4.32 11.52 11.92
C PRO A 350 3.30 12.36 11.19
N ALA A 351 3.20 12.13 9.87
CA ALA A 351 2.25 12.87 9.03
C ALA A 351 0.93 12.12 8.95
N CYS A 352 0.33 11.90 10.12
CA CYS A 352 -0.96 11.25 10.22
C CYS A 352 -1.95 12.23 10.84
N LEU A 353 -3.22 12.00 10.55
CA LEU A 353 -4.31 12.87 11.01
C LEU A 353 -5.02 12.24 12.20
N SER A 354 -4.52 12.48 13.40
CA SER A 354 -5.03 11.85 14.62
C SER A 354 -4.68 12.66 15.86
N HIS A 355 -5.31 12.32 16.97
CA HIS A 355 -5.08 13.06 18.22
C HIS A 355 -4.77 12.08 19.34
N GLU A 356 -3.57 12.18 19.91
CA GLU A 356 -3.15 11.35 21.06
C GLU A 356 -2.61 9.96 20.66
N ILE A 357 -1.45 9.56 21.20
CA ILE A 357 -0.90 8.25 20.88
C ILE A 357 -0.30 7.48 22.04
N ILE A 358 0.31 8.19 22.97
CA ILE A 358 1.14 7.62 24.02
C ILE A 358 0.39 6.70 24.97
N ILE A 359 -0.85 7.08 25.23
CA ILE A 359 -1.73 6.41 26.18
C ILE A 359 -2.41 5.22 25.48
N ARG A 360 -2.32 5.15 24.15
CA ARG A 360 -3.01 4.12 23.37
C ARG A 360 -2.20 2.86 23.18
N SER A 361 -2.88 1.74 22.94
CA SER A 361 -2.22 0.43 22.85
C SER A 361 -1.39 0.23 21.59
N HIS A 362 -1.87 0.82 20.49
CA HIS A 362 -1.24 0.62 19.19
C HIS A 362 -0.11 1.63 18.97
N TRP A 363 0.28 2.32 20.03
CA TRP A 363 1.32 3.33 19.91
C TRP A 363 2.65 2.76 19.46
N THR A 364 2.86 1.45 19.66
CA THR A 364 4.08 0.78 19.23
C THR A 364 4.12 0.64 17.73
N ASP A 365 2.96 0.67 17.09
CA ASP A 365 2.83 0.49 15.66
C ASP A 365 3.45 1.62 14.85
N VAL A 366 3.20 2.85 15.27
CA VAL A 366 3.63 4.04 14.51
C VAL A 366 5.14 4.17 14.36
N GLN A 367 5.57 4.43 13.13
CA GLN A 367 6.97 4.69 12.83
C GLN A 367 7.10 5.96 12.00
N VAL A 368 8.23 6.64 12.12
CA VAL A 368 8.50 7.80 11.27
C VAL A 368 9.56 7.45 10.22
N LYS A 369 10.82 7.42 10.60
CA LYS A 369 11.85 7.12 9.62
C LYS A 369 12.27 5.68 9.83
N GLY A 370 11.29 4.78 9.71
CA GLY A 370 11.48 3.39 10.07
C GLY A 370 11.84 3.22 11.54
N THR A 371 11.46 4.18 12.39
CA THR A 371 11.73 4.10 13.82
C THR A 371 10.45 4.18 14.63
N SER A 372 10.39 3.34 15.66
CA SER A 372 9.27 3.33 16.56
C SER A 372 9.39 4.50 17.48
N LEU A 373 8.24 5.02 17.92
CA LEU A 373 8.19 6.01 18.96
C LEU A 373 8.77 5.48 20.27
N PRO A 374 8.36 4.28 20.69
CA PRO A 374 8.94 3.73 21.92
C PRO A 374 10.46 3.63 21.87
N ARG A 375 11.00 3.29 20.69
CA ARG A 375 12.45 3.27 20.47
C ARG A 375 13.03 4.66 20.60
N ALA A 376 12.38 5.63 19.97
CA ALA A 376 12.79 7.04 20.00
C ALA A 376 12.91 7.59 21.41
N LEU A 377 11.95 7.24 22.28
CA LEU A 377 12.03 7.68 23.66
C LEU A 377 13.19 7.06 24.39
N HIS A 378 13.49 5.83 24.03
CA HIS A 378 14.64 5.12 24.57
C HIS A 378 15.96 5.79 24.17
N CYS A 379 16.12 6.07 22.88
CA CYS A 379 17.30 6.75 22.38
C CYS A 379 17.48 8.04 23.13
N TRP A 380 16.40 8.83 23.17
CA TRP A 380 16.38 10.11 23.86
C TRP A 380 16.75 9.95 25.33
N ASP A 381 16.22 8.91 25.95
CA ASP A 381 16.50 8.58 27.33
C ASP A 381 17.99 8.27 27.50
N ARG A 382 18.52 7.48 26.57
CA ARG A 382 19.93 7.09 26.53
C ARG A 382 20.83 8.32 26.35
N SER A 383 20.41 9.20 25.45
CA SER A 383 21.11 10.45 25.13
C SER A 383 21.37 11.36 26.34
N LEU A 384 20.55 11.22 27.39
CA LEU A 384 20.73 12.04 28.57
C LEU A 384 21.55 11.29 29.61
N CYS A 398 21.11 5.53 17.34
CA CYS A 398 19.71 5.61 16.98
C CYS A 398 19.16 7.04 17.07
N PRO A 399 18.32 7.45 16.09
CA PRO A 399 18.02 8.88 15.89
C PRO A 399 17.01 9.43 16.90
N VAL A 400 16.91 10.76 16.96
CA VAL A 400 16.09 11.40 18.00
C VAL A 400 15.10 12.46 17.48
N HIS A 401 15.44 13.09 16.35
CA HIS A 401 14.57 14.06 15.69
C HIS A 401 13.80 13.45 14.51
N LEU A 402 12.74 12.72 14.81
CA LEU A 402 12.00 12.00 13.79
C LEU A 402 10.75 12.76 13.36
N VAL A 403 10.91 13.60 12.35
CA VAL A 403 9.81 14.42 11.89
C VAL A 403 9.59 14.11 10.42
N ASP A 404 8.34 13.86 10.05
CA ASP A 404 7.98 13.55 8.69
C ASP A 404 8.09 14.76 7.79
N SER A 405 8.72 14.58 6.63
CA SER A 405 8.72 15.60 5.60
C SER A 405 7.84 15.10 4.46
N CYS A 406 6.54 15.03 4.72
CA CYS A 406 5.60 14.37 3.84
C CYS A 406 4.31 15.19 3.75
N PRO A 407 4.09 15.81 2.57
CA PRO A 407 3.20 16.97 2.41
C PRO A 407 1.70 16.75 2.62
N TRP A 408 1.27 15.52 2.93
CA TRP A 408 -0.16 15.25 3.04
C TRP A 408 -0.53 14.29 4.18
N PRO A 409 -1.73 14.48 4.80
CA PRO A 409 -2.24 13.54 5.79
C PRO A 409 -2.29 12.08 5.29
N HIS A 410 -2.10 11.14 6.22
CA HIS A 410 -2.17 9.71 5.93
C HIS A 410 -1.10 9.22 4.95
N CYS A 411 -0.21 10.12 4.52
CA CYS A 411 0.87 9.80 3.57
C CYS A 411 1.98 8.93 4.18
N ASN A 412 1.84 8.63 5.47
CA ASN A 412 2.70 7.68 6.19
C ASN A 412 1.98 6.34 6.27
N PRO A 413 2.71 5.22 6.10
CA PRO A 413 2.14 3.86 6.18
C PRO A 413 1.66 3.43 7.57
N SER A 414 2.25 3.98 8.62
CA SER A 414 1.90 3.57 9.99
C SER A 414 0.73 4.38 10.59
N CYS A 415 0.09 5.22 9.78
CA CYS A 415 -1.01 6.01 10.29
C CYS A 415 -2.07 5.15 10.95
N PRO A 416 -2.61 5.62 12.08
CA PRO A 416 -3.51 4.83 12.91
C PRO A 416 -4.88 4.68 12.27
N THR A 417 -5.49 3.51 12.50
CA THR A 417 -6.84 3.27 12.00
C THR A 417 -7.83 2.93 13.13
N VAL A 418 -7.31 2.79 14.35
CA VAL A 418 -8.03 2.19 15.51
C VAL A 418 -8.77 0.87 15.22
N GLU B 53 26.71 -5.71 24.18
CA GLU B 53 25.61 -6.40 23.45
C GLU B 53 26.11 -7.66 22.74
N ASP B 54 27.33 -7.62 22.22
CA ASP B 54 27.87 -8.76 21.49
C ASP B 54 28.20 -9.94 22.43
N LEU B 55 28.18 -11.16 21.90
CA LEU B 55 28.50 -12.36 22.67
C LEU B 55 29.97 -12.73 22.53
N ARG B 56 30.66 -12.89 23.66
CA ARG B 56 32.12 -13.20 23.71
C ARG B 56 32.42 -14.71 23.60
N LEU B 57 33.14 -15.10 22.55
CA LEU B 57 33.60 -16.48 22.35
C LEU B 57 34.57 -16.95 23.43
N HIS B 58 34.29 -18.11 24.01
CA HIS B 58 35.17 -18.73 24.98
C HIS B 58 35.47 -20.14 24.50
N LEU B 59 36.74 -20.52 24.52
CA LEU B 59 37.12 -21.88 24.20
C LEU B 59 37.11 -22.74 25.44
N LEU B 60 36.91 -24.04 25.25
CA LEU B 60 36.81 -24.97 26.36
C LEU B 60 38.18 -25.25 26.91
N LEU B 61 38.27 -25.25 28.24
CA LEU B 61 39.54 -25.49 28.93
C LEU B 61 39.96 -26.95 28.79
N ASN B 62 39.02 -27.87 28.93
CA ASN B 62 39.30 -29.27 28.65
C ASN B 62 39.43 -29.46 27.15
N THR B 63 40.69 -29.49 26.71
CA THR B 63 41.07 -29.46 25.30
C THR B 63 40.94 -30.81 24.60
N SER B 64 40.65 -31.87 25.36
CA SER B 64 40.32 -33.16 24.74
C SER B 64 38.99 -33.12 23.96
N VAL B 65 38.00 -32.37 24.46
CA VAL B 65 36.70 -32.20 23.78
C VAL B 65 36.80 -31.22 22.60
N THR B 66 36.44 -31.66 21.41
CA THR B 66 36.77 -30.90 20.20
C THR B 66 35.77 -31.01 19.05
N CYS B 67 36.00 -30.23 18.00
CA CYS B 67 35.20 -30.31 16.79
C CYS B 67 35.74 -31.43 15.92
N ASN B 68 35.18 -31.53 14.72
CA ASN B 68 35.51 -32.62 13.80
C ASN B 68 36.98 -32.66 13.46
N ASP B 69 37.56 -31.49 13.30
CA ASP B 69 38.93 -31.35 12.84
C ASP B 69 39.95 -31.38 13.99
N GLY B 70 39.49 -31.48 15.23
CA GLY B 70 40.39 -31.47 16.38
C GLY B 70 40.61 -30.12 17.01
N SER B 71 40.23 -29.05 16.31
CA SER B 71 40.28 -27.69 16.87
C SER B 71 39.39 -27.57 18.11
N PRO B 72 39.83 -26.81 19.13
CA PRO B 72 39.09 -26.74 20.39
C PRO B 72 37.70 -26.12 20.17
N ALA B 73 36.69 -26.73 20.78
CA ALA B 73 35.34 -26.24 20.62
C ALA B 73 35.05 -25.11 21.63
N GLY B 74 33.81 -24.66 21.70
CA GLY B 74 33.44 -23.63 22.66
C GLY B 74 32.10 -22.97 22.45
N TYR B 75 31.93 -21.82 23.09
CA TYR B 75 30.64 -21.14 23.16
C TYR B 75 30.82 -19.64 23.20
N TYR B 76 29.81 -18.93 22.72
CA TYR B 76 29.71 -17.50 22.89
C TYR B 76 28.86 -17.22 24.12
N LEU B 77 29.26 -16.23 24.91
CA LEU B 77 28.54 -15.85 26.13
C LEU B 77 28.31 -14.36 26.24
N LYS B 78 27.09 -13.99 26.64
CA LYS B 78 26.79 -12.62 27.07
C LYS B 78 26.10 -12.70 28.43
N GLU B 79 26.83 -12.37 29.49
CA GLU B 79 26.29 -12.45 30.82
C GLU B 79 25.40 -11.25 31.12
N SER B 80 24.28 -11.52 31.78
CA SER B 80 23.40 -10.46 32.23
C SER B 80 23.31 -10.61 33.74
N ARG B 81 23.93 -9.69 34.46
CA ARG B 81 24.06 -9.89 35.90
C ARG B 81 22.76 -9.75 36.68
N GLY B 82 21.84 -8.89 36.23
CA GLY B 82 20.52 -8.83 36.86
C GLY B 82 19.71 -10.11 36.69
N SER B 83 19.86 -10.76 35.54
CA SER B 83 19.06 -11.92 35.16
C SER B 83 19.44 -13.23 35.84
N ARG B 84 18.41 -14.07 36.07
CA ARG B 84 18.55 -15.45 36.58
C ARG B 84 18.05 -16.52 35.59
N ARG B 85 17.80 -16.09 34.36
CA ARG B 85 17.39 -16.96 33.28
C ARG B 85 18.56 -17.16 32.33
N TRP B 86 18.80 -18.40 31.95
CA TRP B 86 19.86 -18.70 31.01
C TRP B 86 19.30 -19.32 29.78
N LEU B 87 19.93 -19.06 28.67
CA LEU B 87 19.41 -19.62 27.46
C LEU B 87 20.59 -20.17 26.69
N LEU B 88 20.61 -21.46 26.41
CA LEU B 88 21.71 -22.02 25.65
C LEU B 88 21.16 -22.39 24.32
N PHE B 89 21.75 -21.86 23.25
CA PHE B 89 21.29 -22.13 21.91
C PHE B 89 22.28 -23.02 21.17
N LEU B 90 21.78 -24.13 20.63
CA LEU B 90 22.56 -25.08 19.82
C LEU B 90 22.32 -24.80 18.36
N GLU B 91 23.34 -24.32 17.67
CA GLU B 91 23.19 -24.04 16.25
C GLU B 91 22.97 -25.34 15.43
N GLY B 92 22.24 -25.22 14.32
CA GLY B 92 21.95 -26.35 13.46
C GLY B 92 22.83 -26.38 12.23
N GLY B 93 22.33 -27.03 11.19
CA GLY B 93 23.03 -27.12 9.91
C GLY B 93 23.42 -28.53 9.53
N TRP B 94 22.46 -29.45 9.54
CA TRP B 94 22.68 -30.81 9.04
C TRP B 94 23.69 -31.65 9.80
N TYR B 95 24.36 -32.54 9.06
CA TYR B 95 25.24 -33.57 9.59
C TYR B 95 25.98 -34.16 8.41
N CYS B 96 26.99 -35.00 8.67
CA CYS B 96 27.58 -35.88 7.65
C CYS B 96 27.67 -37.29 8.23
N PHE B 97 27.32 -38.30 7.44
CA PHE B 97 27.24 -39.67 7.98
C PHE B 97 28.24 -40.72 7.48
N ASN B 98 29.20 -40.31 6.65
CA ASN B 98 30.25 -41.20 6.14
C ASN B 98 31.49 -40.39 5.76
N ARG B 99 32.65 -41.03 5.75
CA ARG B 99 33.89 -40.30 5.46
C ARG B 99 33.82 -39.65 4.09
N GLU B 100 33.42 -40.41 3.08
CA GLU B 100 33.14 -39.83 1.77
C GLU B 100 32.38 -38.51 1.96
N ASN B 101 31.40 -38.51 2.85
CA ASN B 101 30.56 -37.34 3.07
C ASN B 101 31.14 -36.24 3.95
N CYS B 102 31.84 -36.63 5.02
CA CYS B 102 32.46 -35.62 5.88
C CYS B 102 33.62 -34.92 5.20
N ASP B 103 34.37 -35.64 4.36
CA ASP B 103 35.41 -35.01 3.56
C ASP B 103 34.88 -33.88 2.66
N SER B 104 33.77 -34.12 1.96
CA SER B 104 33.13 -33.08 1.14
C SER B 104 32.72 -31.85 1.94
N ARG B 105 32.14 -32.11 3.11
CA ARG B 105 31.81 -31.07 4.09
C ARG B 105 33.03 -30.20 4.36
N TYR B 106 34.15 -30.84 4.65
CA TYR B 106 35.35 -30.16 5.12
C TYR B 106 35.88 -29.15 4.13
N ASP B 107 35.78 -29.47 2.85
CA ASP B 107 36.09 -28.51 1.81
C ASP B 107 34.98 -27.47 1.76
N THR B 108 33.75 -27.93 1.49
CA THR B 108 32.60 -27.06 1.20
C THR B 108 32.18 -26.13 2.35
N MET B 109 32.04 -26.68 3.55
CA MET B 109 31.54 -25.90 4.68
C MET B 109 32.43 -26.06 5.90
N ARG B 110 33.71 -25.80 5.71
CA ARG B 110 34.72 -25.98 6.74
C ARG B 110 34.27 -25.36 8.06
N ARG B 111 33.55 -24.25 7.97
CA ARG B 111 33.07 -23.52 9.14
C ARG B 111 32.34 -24.43 10.14
N LEU B 112 31.63 -25.43 9.61
CA LEU B 112 30.74 -26.28 10.40
C LEU B 112 31.45 -27.47 11.05
N MET B 113 32.75 -27.56 10.79
CA MET B 113 33.55 -28.70 11.23
C MET B 113 34.80 -28.29 11.99
N SER B 114 34.99 -26.98 12.19
CA SER B 114 36.23 -26.45 12.79
C SER B 114 35.97 -25.19 13.61
N SER B 115 36.87 -24.88 14.53
CA SER B 115 36.76 -23.66 15.32
C SER B 115 37.67 -22.57 14.79
N ARG B 116 38.42 -22.92 13.74
CA ARG B 116 39.56 -22.13 13.27
C ARG B 116 39.25 -20.71 12.82
N ASP B 117 38.13 -20.51 12.13
CA ASP B 117 37.78 -19.19 11.62
C ASP B 117 36.65 -18.52 12.41
N TRP B 118 36.39 -18.95 13.64
CA TRP B 118 35.30 -18.36 14.42
C TRP B 118 35.60 -16.94 14.83
N PRO B 119 34.63 -16.03 14.59
CA PRO B 119 34.65 -14.64 15.07
C PRO B 119 34.86 -14.61 16.58
N ARG B 120 35.56 -13.62 17.11
CA ARG B 120 35.72 -13.57 18.56
C ARG B 120 34.49 -13.04 19.30
N THR B 121 33.49 -12.54 18.55
CA THR B 121 32.22 -12.15 19.12
C THR B 121 31.14 -12.13 18.05
N ARG B 122 29.88 -12.20 18.50
CA ARG B 122 28.71 -12.14 17.62
C ARG B 122 27.48 -11.56 18.32
N THR B 123 26.60 -10.92 17.54
CA THR B 123 25.39 -10.30 18.10
C THR B 123 24.22 -11.28 18.11
N GLY B 124 23.45 -11.27 19.18
CA GLY B 124 22.27 -12.13 19.26
C GLY B 124 21.17 -11.66 18.32
N THR B 125 20.45 -12.61 17.75
CA THR B 125 19.30 -12.29 16.94
C THR B 125 18.13 -13.16 17.43
N GLY B 126 16.92 -12.88 16.92
CA GLY B 126 15.70 -13.48 17.45
C GLY B 126 15.82 -13.57 18.94
N ILE B 127 15.49 -14.73 19.47
CA ILE B 127 15.51 -14.97 20.91
C ILE B 127 16.85 -14.74 21.60
N LEU B 128 17.90 -14.46 20.83
CA LEU B 128 19.23 -14.26 21.42
C LEU B 128 19.55 -12.79 21.49
N SER B 129 18.62 -12.00 20.98
CA SER B 129 18.72 -10.56 20.95
C SER B 129 18.62 -9.94 22.33
N SER B 130 19.30 -8.81 22.52
CA SER B 130 19.19 -8.04 23.74
C SER B 130 18.33 -6.81 23.51
N GLN B 131 17.82 -6.69 22.29
CA GLN B 131 16.92 -5.59 21.96
C GLN B 131 15.47 -5.94 22.33
N PRO B 132 14.90 -5.19 23.31
CA PRO B 132 13.54 -5.43 23.84
C PRO B 132 12.45 -5.45 22.76
N GLU B 133 12.58 -4.58 21.75
CA GLU B 133 11.66 -4.62 20.61
C GLU B 133 11.82 -5.87 19.73
N GLU B 134 12.93 -6.59 19.86
CA GLU B 134 13.13 -7.85 19.11
C GLU B 134 12.88 -9.09 19.98
N ASN B 135 12.76 -8.90 21.30
CA ASN B 135 12.86 -9.98 22.28
C ASN B 135 12.25 -9.47 23.61
N PRO B 136 10.92 -9.24 23.63
CA PRO B 136 10.23 -8.60 24.76
C PRO B 136 10.39 -9.31 26.09
N TYR B 137 10.32 -10.65 26.07
CA TYR B 137 10.35 -11.40 27.32
C TYR B 137 11.70 -11.97 27.75
N TRP B 138 12.63 -12.21 26.82
CA TRP B 138 13.97 -12.71 27.17
C TRP B 138 15.19 -11.87 26.77
N TRP B 139 15.00 -10.60 26.40
CA TRP B 139 16.13 -9.72 25.99
C TRP B 139 17.15 -9.56 27.12
N ASN B 140 16.73 -9.72 28.36
CA ASN B 140 17.64 -9.51 29.47
C ASN B 140 18.26 -10.76 30.08
N ALA B 141 18.10 -11.90 29.45
CA ALA B 141 18.70 -13.15 29.94
C ALA B 141 20.23 -13.26 29.75
N ASN B 142 20.83 -14.30 30.31
CA ASN B 142 22.20 -14.62 29.94
C ASN B 142 22.11 -15.41 28.67
N MET B 143 22.87 -15.05 27.65
CA MET B 143 22.79 -15.70 26.35
C MET B 143 24.06 -16.50 26.09
N VAL B 144 23.87 -17.77 25.79
CA VAL B 144 24.95 -18.68 25.44
C VAL B 144 24.64 -19.26 24.08
N PHE B 145 25.55 -19.10 23.13
CA PHE B 145 25.35 -19.57 21.77
C PHE B 145 26.40 -20.60 21.54
N ILE B 146 25.98 -21.85 21.28
CA ILE B 146 26.91 -22.95 21.09
C ILE B 146 27.04 -23.29 19.62
N PRO B 147 28.17 -22.89 19.01
CA PRO B 147 28.38 -23.13 17.57
C PRO B 147 28.51 -24.62 17.29
N TYR B 148 27.91 -25.05 16.18
CA TYR B 148 27.76 -26.47 15.80
C TYR B 148 29.04 -27.02 15.20
N CYS B 149 29.96 -27.45 16.07
CA CYS B 149 31.23 -28.09 15.65
C CYS B 149 31.12 -29.49 15.03
N SER B 150 30.30 -30.33 15.65
CA SER B 150 30.48 -31.77 15.57
C SER B 150 29.94 -32.46 14.32
N SER B 151 28.84 -31.95 13.76
CA SER B 151 28.21 -32.60 12.61
C SER B 151 27.52 -33.92 12.95
N ASP B 152 27.33 -34.20 14.24
CA ASP B 152 26.70 -35.44 14.68
C ASP B 152 25.29 -35.21 15.19
N VAL B 153 24.74 -34.03 14.98
CA VAL B 153 23.38 -33.73 15.50
C VAL B 153 23.37 -33.71 17.02
N TRP B 154 24.56 -33.51 17.58
CA TRP B 154 24.76 -33.34 19.01
C TRP B 154 24.77 -34.69 19.73
N SER B 155 24.65 -35.75 18.93
CA SER B 155 24.65 -37.12 19.44
C SER B 155 26.01 -37.63 19.91
N GLY B 156 27.09 -37.29 19.20
CA GLY B 156 28.38 -37.92 19.42
C GLY B 156 28.88 -37.88 20.84
N ALA B 157 29.41 -38.99 21.34
CA ALA B 157 29.96 -38.99 22.69
C ALA B 157 31.29 -39.71 22.83
N SER B 158 31.87 -40.15 21.71
CA SER B 158 33.15 -40.88 21.74
C SER B 158 34.37 -39.97 21.92
N TYR B 166 38.14 -37.90 12.00
CA TYR B 166 37.12 -37.00 12.54
C TYR B 166 36.63 -37.36 13.93
N ALA B 167 36.59 -36.34 14.80
CA ALA B 167 36.03 -36.46 16.13
C ALA B 167 34.56 -36.07 16.10
N PHE B 168 33.74 -36.78 16.87
CA PHE B 168 32.33 -36.46 17.00
C PHE B 168 31.96 -36.31 18.49
N MET B 169 31.87 -35.06 18.96
CA MET B 169 31.83 -34.78 20.40
C MET B 169 30.59 -33.95 20.83
N GLY B 170 29.61 -33.84 19.96
CA GLY B 170 28.43 -33.00 20.24
C GLY B 170 27.83 -33.12 21.64
N ALA B 171 27.59 -34.35 22.10
CA ALA B 171 27.01 -34.59 23.43
C ALA B 171 27.94 -34.14 24.56
N LEU B 172 29.25 -34.37 24.36
CA LEU B 172 30.27 -34.00 25.33
C LEU B 172 30.49 -32.52 25.37
N ILE B 173 30.45 -31.88 24.19
CA ILE B 173 30.55 -30.43 24.11
C ILE B 173 29.52 -29.79 25.04
N ILE B 174 28.25 -30.17 24.87
CA ILE B 174 27.17 -29.65 25.69
C ILE B 174 27.48 -29.91 27.15
N GLN B 175 27.92 -31.12 27.44
CA GLN B 175 28.30 -31.48 28.79
C GLN B 175 29.34 -30.49 29.33
N GLU B 176 30.41 -30.29 28.56
CA GLU B 176 31.54 -29.47 28.98
C GLU B 176 31.14 -27.99 29.11
N VAL B 177 30.30 -27.52 28.21
CA VAL B 177 29.81 -26.14 28.29
C VAL B 177 29.05 -25.92 29.58
N VAL B 178 28.07 -26.76 29.89
CA VAL B 178 27.30 -26.49 31.08
C VAL B 178 28.13 -26.61 32.35
N ARG B 179 29.15 -27.49 32.36
CA ARG B 179 30.05 -27.55 33.52
C ARG B 179 30.78 -26.22 33.74
N GLU B 180 31.27 -25.64 32.64
CA GLU B 180 32.00 -24.38 32.72
C GLU B 180 31.12 -23.22 33.14
N LEU B 181 29.90 -23.18 32.59
CA LEU B 181 28.98 -22.10 32.90
C LEU B 181 28.63 -22.03 34.38
N LEU B 182 28.74 -23.15 35.10
CA LEU B 182 28.46 -23.14 36.53
C LEU B 182 29.39 -22.16 37.24
N GLY B 183 30.65 -22.13 36.82
CA GLY B 183 31.66 -21.23 37.41
C GLY B 183 31.34 -19.79 37.09
N ARG B 184 30.54 -19.60 36.05
CA ARG B 184 30.13 -18.27 35.61
C ARG B 184 28.72 -17.88 36.06
N GLY B 185 28.22 -18.53 37.11
CA GLY B 185 26.95 -18.15 37.71
C GLY B 185 25.71 -18.89 37.27
N LEU B 186 25.86 -20.00 36.53
CA LEU B 186 24.74 -20.87 36.24
C LEU B 186 24.17 -21.48 37.52
N SER B 187 25.05 -21.74 38.48
CA SER B 187 24.64 -22.29 39.76
C SER B 187 23.50 -21.51 40.43
N GLY B 188 23.41 -20.21 40.17
CA GLY B 188 22.33 -19.42 40.72
C GLY B 188 21.14 -19.28 39.79
N ALA B 189 21.07 -20.09 38.74
CA ALA B 189 19.99 -19.96 37.76
C ALA B 189 18.65 -20.44 38.31
N LYS B 190 17.57 -19.83 37.86
CA LYS B 190 16.20 -20.33 38.15
C LYS B 190 15.81 -21.25 37.01
N VAL B 191 16.10 -20.80 35.79
CA VAL B 191 15.72 -21.45 34.56
C VAL B 191 16.94 -21.57 33.63
N LEU B 192 17.21 -22.77 33.13
CA LEU B 192 18.09 -22.98 31.98
C LEU B 192 17.25 -23.48 30.82
N LEU B 193 17.04 -22.62 29.83
CA LEU B 193 16.27 -22.98 28.67
C LEU B 193 17.22 -23.32 27.57
N LEU B 194 17.22 -24.60 27.21
CA LEU B 194 18.14 -25.14 26.24
C LEU B 194 17.42 -25.11 24.91
N ALA B 195 17.84 -24.21 24.03
CA ALA B 195 17.18 -23.98 22.74
C ALA B 195 18.03 -24.45 21.56
N GLY B 196 17.40 -24.65 20.41
CA GLY B 196 18.17 -25.00 19.22
C GLY B 196 17.31 -24.96 17.99
N SER B 197 17.92 -24.70 16.83
CA SER B 197 17.18 -24.82 15.58
C SER B 197 17.82 -25.79 14.60
N SER B 198 16.98 -26.35 13.70
CA SER B 198 17.38 -27.35 12.72
C SER B 198 17.92 -28.54 13.48
N ALA B 199 19.12 -28.99 13.12
CA ALA B 199 19.81 -30.06 13.83
C ALA B 199 19.99 -29.72 15.31
N GLY B 200 19.94 -28.43 15.64
CA GLY B 200 20.03 -27.99 17.02
C GLY B 200 18.71 -28.24 17.72
N GLY B 201 17.62 -28.17 16.96
CA GLY B 201 16.30 -28.51 17.47
C GLY B 201 16.26 -29.96 17.96
N THR B 202 16.67 -30.87 17.08
CA THR B 202 16.78 -32.28 17.42
C THR B 202 17.78 -32.47 18.58
N GLY B 203 18.90 -31.74 18.49
CA GLY B 203 19.92 -31.69 19.54
C GLY B 203 19.37 -31.40 20.93
N VAL B 204 18.34 -30.57 20.99
CA VAL B 204 17.65 -30.32 22.26
C VAL B 204 16.92 -31.57 22.79
N LEU B 205 16.08 -32.19 21.96
CA LEU B 205 15.36 -33.41 22.34
C LEU B 205 16.31 -34.53 22.82
N LEU B 206 17.45 -34.67 22.13
CA LEU B 206 18.47 -35.61 22.55
C LEU B 206 19.19 -35.20 23.85
N ASN B 207 19.35 -33.91 24.08
CA ASN B 207 20.20 -33.54 25.19
C ASN B 207 19.57 -32.87 26.39
N VAL B 208 18.31 -32.47 26.27
CA VAL B 208 17.67 -31.76 27.35
C VAL B 208 17.73 -32.59 28.64
N ASP B 209 17.42 -33.87 28.54
CA ASP B 209 17.42 -34.70 29.74
C ASP B 209 18.80 -35.00 30.33
N ARG B 210 19.83 -35.08 29.49
CA ARG B 210 21.15 -35.41 29.98
C ARG B 210 21.66 -34.25 30.83
N VAL B 211 21.28 -33.04 30.39
CA VAL B 211 21.60 -31.80 31.11
C VAL B 211 20.97 -31.77 32.49
N ALA B 212 19.67 -32.03 32.57
CA ALA B 212 18.98 -32.08 33.85
C ALA B 212 19.62 -33.14 34.76
N GLU B 213 20.01 -34.28 34.19
CA GLU B 213 20.70 -35.33 34.96
C GLU B 213 22.06 -34.82 35.45
N GLN B 214 22.75 -34.10 34.56
CA GLN B 214 24.07 -33.60 34.85
C GLN B 214 24.04 -32.59 35.99
N LEU B 215 23.05 -31.71 35.96
CA LEU B 215 22.92 -30.68 36.95
C LEU B 215 22.56 -31.24 38.31
N GLU B 216 21.65 -32.20 38.35
CA GLU B 216 21.31 -32.84 39.63
C GLU B 216 22.55 -33.51 40.22
N LYS B 217 23.27 -34.28 39.40
CA LYS B 217 24.44 -35.02 39.89
C LYS B 217 25.55 -34.13 40.42
N LEU B 218 25.67 -32.94 39.84
CA LEU B 218 26.65 -31.96 40.27
C LEU B 218 26.25 -31.17 41.53
N GLY B 219 25.00 -31.38 41.96
CA GLY B 219 24.47 -30.77 43.19
C GLY B 219 23.63 -29.52 42.98
N TYR B 220 22.99 -29.40 41.82
CA TYR B 220 22.23 -28.20 41.49
C TYR B 220 20.79 -28.50 41.06
N PRO B 221 20.01 -29.14 41.95
CA PRO B 221 18.68 -29.62 41.57
C PRO B 221 17.66 -28.52 41.24
N ALA B 222 17.80 -27.35 41.88
CA ALA B 222 16.82 -26.26 41.79
C ALA B 222 16.69 -25.55 40.42
N ILE B 223 17.70 -25.67 39.55
CA ILE B 223 17.63 -25.08 38.21
C ILE B 223 16.64 -25.88 37.36
N GLN B 224 15.59 -25.20 36.88
CA GLN B 224 14.62 -25.81 36.01
C GLN B 224 15.16 -25.81 34.60
N VAL B 225 15.60 -26.99 34.15
CA VAL B 225 16.00 -27.23 32.77
C VAL B 225 14.77 -27.44 31.90
N ARG B 226 14.70 -26.75 30.78
CA ARG B 226 13.55 -26.89 29.90
C ARG B 226 14.04 -26.75 28.50
N GLY B 227 13.21 -27.11 27.53
CA GLY B 227 13.70 -27.17 26.18
C GLY B 227 12.85 -26.41 25.21
N LEU B 228 13.51 -25.80 24.24
CA LEU B 228 12.84 -25.17 23.13
C LEU B 228 13.40 -25.79 21.86
N ALA B 229 12.61 -26.57 21.15
CA ALA B 229 13.09 -27.15 19.91
C ALA B 229 12.44 -26.47 18.71
N ASP B 230 13.27 -25.79 17.93
CA ASP B 230 12.84 -25.19 16.68
C ASP B 230 13.31 -25.95 15.43
N SER B 231 12.34 -26.39 14.63
CA SER B 231 12.61 -27.06 13.37
C SER B 231 13.48 -28.29 13.55
N GLY B 232 13.28 -29.00 14.66
CA GLY B 232 14.03 -30.22 14.92
C GLY B 232 13.09 -31.41 15.00
N TRP B 233 11.85 -31.20 14.55
CA TRP B 233 10.78 -32.19 14.64
C TRP B 233 10.57 -32.84 13.27
N PHE B 234 10.94 -34.11 13.17
CA PHE B 234 10.98 -34.76 11.88
C PHE B 234 10.18 -36.03 11.76
N LEU B 235 9.82 -36.35 10.52
CA LEU B 235 9.09 -37.57 10.21
C LEU B 235 9.97 -38.50 9.41
N ASP B 236 10.07 -39.74 9.89
CA ASP B 236 10.78 -40.81 9.21
C ASP B 236 9.81 -41.47 8.26
N ASN B 237 9.31 -40.67 7.32
CA ASN B 237 8.27 -41.09 6.39
C ASN B 237 8.87 -41.47 5.06
N LYS B 238 8.07 -42.13 4.23
CA LYS B 238 8.53 -42.55 2.91
C LYS B 238 8.57 -41.37 1.96
N GLN B 239 9.62 -41.35 1.15
CA GLN B 239 10.07 -40.26 0.27
C GLN B 239 9.11 -39.90 -0.88
N TYR B 240 9.27 -38.72 -1.51
CA TYR B 240 8.46 -38.40 -2.69
C TYR B 240 8.82 -39.26 -3.91
N ARG B 241 10.10 -39.24 -4.27
CA ARG B 241 10.64 -40.12 -5.29
C ARG B 241 11.85 -40.75 -4.62
N HIS B 242 11.81 -42.07 -4.50
CA HIS B 242 12.86 -42.80 -3.82
C HIS B 242 14.19 -42.59 -4.52
N THR B 243 15.17 -42.23 -3.70
CA THR B 243 16.50 -41.98 -4.19
C THR B 243 17.47 -42.95 -3.55
N ASP B 244 18.32 -43.54 -4.38
CA ASP B 244 19.46 -44.29 -3.89
C ASP B 244 20.29 -43.29 -3.09
N CYS B 245 20.87 -43.70 -1.98
CA CYS B 245 21.56 -42.73 -1.13
C CYS B 245 23.08 -42.66 -1.35
N VAL B 246 23.54 -41.48 -1.76
CA VAL B 246 24.98 -41.20 -1.94
C VAL B 246 25.33 -39.83 -1.34
N ASP B 247 24.33 -38.98 -1.14
CA ASP B 247 24.52 -37.65 -0.56
C ASP B 247 23.57 -37.37 0.61
N THR B 248 24.04 -36.58 1.57
CA THR B 248 23.31 -36.38 2.83
C THR B 248 21.94 -35.77 2.60
N ILE B 249 21.90 -34.71 1.79
CA ILE B 249 20.66 -34.05 1.41
C ILE B 249 19.69 -35.03 0.73
N THR B 250 20.21 -35.86 -0.18
CA THR B 250 19.41 -36.88 -0.88
C THR B 250 18.81 -37.93 0.06
N CYS B 251 19.65 -38.44 0.97
CA CYS B 251 19.27 -39.56 1.82
C CYS B 251 17.90 -39.42 2.42
N ALA B 252 17.17 -40.53 2.48
CA ALA B 252 15.92 -40.59 3.26
C ALA B 252 16.25 -40.43 4.75
N PRO B 253 15.41 -39.70 5.50
CA PRO B 253 15.73 -39.38 6.89
C PRO B 253 16.16 -40.59 7.69
N THR B 254 15.44 -41.71 7.51
CA THR B 254 15.67 -42.88 8.34
C THR B 254 17.04 -43.55 8.09
N GLU B 255 17.42 -43.69 6.83
CA GLU B 255 18.68 -44.34 6.48
C GLU B 255 19.87 -43.48 6.92
N ALA B 256 19.77 -42.18 6.67
CA ALA B 256 20.80 -41.21 7.03
C ALA B 256 21.14 -41.34 8.51
N ILE B 257 20.09 -41.24 9.33
CA ILE B 257 20.23 -41.37 10.77
C ILE B 257 20.78 -42.74 11.13
N ARG B 258 20.28 -43.77 10.45
CA ARG B 258 20.68 -45.13 10.74
C ARG B 258 22.17 -45.29 10.53
N ARG B 259 22.64 -44.82 9.38
CA ARG B 259 24.05 -44.83 9.06
C ARG B 259 24.81 -43.95 10.03
N GLY B 260 24.29 -42.74 10.25
CA GLY B 260 24.99 -41.69 10.98
C GLY B 260 25.33 -42.03 12.42
N ILE B 261 24.36 -42.59 13.13
CA ILE B 261 24.50 -42.88 14.55
C ILE B 261 25.66 -43.85 14.83
N ARG B 262 25.78 -44.91 14.04
CA ARG B 262 26.94 -45.83 14.19
C ARG B 262 28.23 -45.08 13.92
N TYR B 263 28.22 -44.30 12.85
CA TYR B 263 29.38 -43.53 12.44
C TYR B 263 29.87 -42.59 13.53
N TRP B 264 28.95 -41.95 14.24
CA TRP B 264 29.36 -40.97 15.24
C TRP B 264 29.70 -41.59 16.59
N ASN B 265 29.28 -42.85 16.80
CA ASN B 265 29.12 -43.44 18.14
C ASN B 265 28.19 -42.55 18.98
N GLY B 266 27.02 -42.27 18.42
CA GLY B 266 26.05 -41.36 19.02
C GLY B 266 25.30 -41.97 20.18
N VAL B 267 24.80 -41.13 21.07
CA VAL B 267 24.06 -41.60 22.23
C VAL B 267 22.67 -40.98 22.26
N VAL B 268 21.67 -41.81 22.54
CA VAL B 268 20.27 -41.37 22.63
C VAL B 268 19.82 -41.29 24.10
N PRO B 269 18.76 -40.55 24.39
CA PRO B 269 18.24 -40.53 25.76
C PRO B 269 17.91 -41.93 26.26
N GLU B 270 18.43 -42.29 27.44
CA GLU B 270 18.30 -43.65 27.99
C GLU B 270 16.85 -44.15 28.06
N ARG B 271 15.91 -43.26 28.38
CA ARG B 271 14.50 -43.58 28.43
C ARG B 271 13.96 -44.00 27.06
N CYS B 272 14.38 -43.31 26.01
CA CYS B 272 14.02 -43.67 24.64
C CYS B 272 14.73 -44.95 24.16
N ARG B 273 16.01 -45.08 24.52
CA ARG B 273 16.81 -46.24 24.16
C ARG B 273 16.11 -47.53 24.64
N ARG B 274 15.56 -47.45 25.84
CA ARG B 274 14.88 -48.56 26.47
C ARG B 274 13.55 -48.94 25.77
N GLN B 275 12.86 -47.94 25.23
CA GLN B 275 11.56 -48.16 24.59
C GLN B 275 11.63 -48.87 23.22
N PHE B 276 12.82 -48.94 22.62
CA PHE B 276 12.97 -49.53 21.27
C PHE B 276 13.97 -50.70 21.22
N GLN B 277 13.98 -51.43 20.11
CA GLN B 277 14.89 -52.57 19.93
C GLN B 277 16.35 -52.15 19.98
N GLU B 278 17.20 -52.99 20.57
CA GLU B 278 18.63 -52.71 20.57
C GLU B 278 19.10 -52.59 19.12
N GLY B 279 19.88 -51.56 18.85
CA GLY B 279 20.27 -51.26 17.47
C GLY B 279 19.19 -50.55 16.67
N GLU B 280 18.11 -50.16 17.34
CA GLU B 280 17.04 -49.41 16.70
C GLU B 280 17.00 -47.97 17.22
N GLU B 281 18.15 -47.50 17.70
CA GLU B 281 18.28 -46.24 18.43
C GLU B 281 18.02 -45.05 17.54
N TRP B 282 18.15 -45.23 16.24
CA TRP B 282 17.83 -44.15 15.31
C TRP B 282 16.45 -43.56 15.59
N ASN B 283 15.53 -44.38 16.09
CA ASN B 283 14.15 -43.94 16.34
C ASN B 283 14.08 -42.73 17.23
N CYS B 284 15.01 -42.67 18.18
CA CYS B 284 15.09 -41.58 19.13
C CYS B 284 15.53 -40.24 18.56
N PHE B 285 15.71 -40.18 17.23
CA PHE B 285 16.11 -38.94 16.58
C PHE B 285 14.91 -38.19 16.05
N PHE B 286 13.72 -38.71 16.35
CA PHE B 286 12.48 -38.15 15.84
C PHE B 286 11.54 -37.80 16.98
N GLY B 287 11.22 -36.51 17.06
CA GLY B 287 10.50 -35.92 18.16
C GLY B 287 9.33 -36.77 18.62
N TYR B 288 8.46 -37.12 17.68
CA TYR B 288 7.20 -37.78 18.02
C TYR B 288 7.37 -39.10 18.79
N LYS B 289 8.39 -39.86 18.43
CA LYS B 289 8.80 -41.06 19.18
C LYS B 289 9.58 -40.70 20.45
N VAL B 290 10.40 -39.68 20.41
CA VAL B 290 11.23 -39.33 21.56
C VAL B 290 10.48 -38.54 22.62
N TYR B 291 9.51 -37.75 22.16
CA TYR B 291 8.73 -36.83 23.01
C TYR B 291 8.04 -37.41 24.25
N PRO B 292 7.31 -38.53 24.12
CA PRO B 292 6.56 -38.94 25.31
C PRO B 292 7.44 -39.32 26.50
N THR B 293 8.69 -39.69 26.26
CA THR B 293 9.57 -40.18 27.33
C THR B 293 10.36 -39.08 28.09
N LEU B 294 10.22 -37.83 27.68
CA LEU B 294 11.03 -36.77 28.28
C LEU B 294 10.56 -36.33 29.66
N ARG B 295 11.50 -36.20 30.58
CA ARG B 295 11.20 -35.73 31.95
C ARG B 295 11.04 -34.21 31.96
N CYS B 296 11.91 -33.53 31.22
CA CYS B 296 11.88 -32.07 31.11
C CYS B 296 10.80 -31.63 30.15
N PRO B 297 10.19 -30.46 30.42
CA PRO B 297 9.24 -29.79 29.54
C PRO B 297 9.91 -29.27 28.29
N VAL B 298 9.20 -29.29 27.18
CA VAL B 298 9.80 -28.91 25.93
C VAL B 298 8.76 -28.28 25.03
N PHE B 299 9.03 -27.06 24.60
CA PHE B 299 8.19 -26.36 23.65
C PHE B 299 8.68 -26.67 22.25
N VAL B 300 7.77 -27.11 21.39
CA VAL B 300 8.09 -27.53 20.03
C VAL B 300 7.60 -26.53 18.99
N VAL B 301 8.53 -25.91 18.29
CA VAL B 301 8.17 -25.02 17.20
C VAL B 301 8.52 -25.73 15.91
N GLN B 302 7.53 -25.89 15.03
CA GLN B 302 7.75 -26.52 13.72
C GLN B 302 6.83 -25.99 12.62
N TRP B 303 7.41 -25.59 11.51
CA TRP B 303 6.63 -25.20 10.34
C TRP B 303 6.02 -26.48 9.77
N LEU B 304 4.72 -26.46 9.50
CA LEU B 304 4.02 -27.68 9.08
C LEU B 304 4.64 -28.29 7.83
N PHE B 305 5.36 -27.48 7.08
CA PHE B 305 6.01 -27.93 5.86
C PHE B 305 7.47 -27.50 5.86
N ASP B 306 8.27 -28.11 6.72
CA ASP B 306 9.67 -27.71 6.88
C ASP B 306 10.43 -27.94 5.57
N GLU B 307 11.26 -26.95 5.18
CA GLU B 307 12.02 -27.02 3.94
C GLU B 307 13.00 -28.18 3.94
N ALA B 308 13.72 -28.33 5.06
CA ALA B 308 14.65 -29.43 5.28
C ALA B 308 13.96 -30.78 5.13
N GLN B 309 12.80 -30.91 5.76
CA GLN B 309 11.98 -32.10 5.66
C GLN B 309 11.62 -32.40 4.21
N LEU B 310 11.29 -31.37 3.44
CA LEU B 310 11.01 -31.57 2.02
C LEU B 310 12.25 -32.01 1.26
N THR B 311 13.37 -31.37 1.59
CA THR B 311 14.63 -31.63 0.91
C THR B 311 15.06 -33.07 1.12
N VAL B 312 15.05 -33.49 2.39
CA VAL B 312 15.35 -34.87 2.77
C VAL B 312 14.31 -35.87 2.22
N ASP B 313 13.14 -35.36 1.83
CA ASP B 313 12.10 -36.18 1.20
C ASP B 313 12.25 -36.26 -0.33
N ASN B 314 13.34 -35.69 -0.84
CA ASN B 314 13.63 -35.61 -2.27
C ASN B 314 12.56 -34.89 -3.09
N VAL B 315 12.08 -33.76 -2.56
CA VAL B 315 11.12 -32.92 -3.27
C VAL B 315 11.79 -31.67 -3.83
N ARG B 327 1.52 -32.77 -5.05
CA ARG B 327 0.56 -31.99 -4.28
C ARG B 327 0.00 -32.79 -3.11
N LEU B 328 -0.28 -34.07 -3.37
CA LEU B 328 -0.81 -34.98 -2.36
C LEU B 328 0.19 -35.27 -1.23
N TYR B 329 1.45 -35.54 -1.59
CA TYR B 329 2.49 -35.83 -0.61
C TYR B 329 2.57 -34.69 0.39
N ILE B 330 2.57 -33.47 -0.14
CA ILE B 330 2.76 -32.26 0.64
C ILE B 330 1.63 -32.02 1.66
N GLN B 331 0.39 -31.98 1.19
CA GLN B 331 -0.75 -31.84 2.11
C GLN B 331 -0.64 -32.93 3.16
N ASN B 332 -0.17 -34.09 2.71
CA ASN B 332 -0.01 -35.25 3.55
C ASN B 332 1.02 -35.04 4.65
N LEU B 333 2.13 -34.38 4.30
CA LEU B 333 3.18 -34.00 5.25
C LEU B 333 2.63 -33.12 6.37
N GLY B 334 1.99 -32.01 5.97
CA GLY B 334 1.28 -31.13 6.88
C GLY B 334 0.26 -31.88 7.72
N ARG B 335 -0.48 -32.77 7.07
CA ARG B 335 -1.47 -33.60 7.75
C ARG B 335 -0.84 -34.50 8.81
N GLU B 336 0.27 -35.14 8.46
CA GLU B 336 0.94 -36.04 9.38
C GLU B 336 1.53 -35.25 10.54
N LEU B 337 2.22 -34.16 10.22
CA LEU B 337 2.82 -33.27 11.22
C LEU B 337 1.78 -32.74 12.20
N ARG B 338 0.71 -32.15 11.68
CA ARG B 338 -0.38 -31.67 12.54
C ARG B 338 -0.82 -32.78 13.50
N HIS B 339 -0.95 -34.00 12.97
CA HIS B 339 -1.38 -35.12 13.80
C HIS B 339 -0.41 -35.44 14.94
N THR B 340 0.90 -35.42 14.66
CA THR B 340 1.92 -35.70 15.68
C THR B 340 1.92 -34.72 16.86
N LEU B 341 1.58 -33.46 16.60
CA LEU B 341 1.63 -32.45 17.64
C LEU B 341 0.37 -32.33 18.50
N LYS B 342 -0.67 -33.13 18.23
CA LYS B 342 -1.88 -33.13 19.07
C LYS B 342 -1.54 -33.39 20.55
N ASP B 343 -0.77 -34.45 20.79
CA ASP B 343 -0.41 -34.83 22.15
C ASP B 343 0.79 -34.02 22.65
N VAL B 344 1.16 -32.98 21.91
CA VAL B 344 2.26 -32.07 22.30
C VAL B 344 1.67 -30.77 22.88
N PRO B 345 1.67 -30.67 24.21
CA PRO B 345 0.95 -29.62 24.94
C PRO B 345 1.40 -28.20 24.56
N ALA B 346 2.72 -27.98 24.56
CA ALA B 346 3.34 -26.70 24.25
C ALA B 346 3.90 -26.69 22.83
N SER B 347 3.24 -25.97 21.93
CA SER B 347 3.62 -26.02 20.51
C SER B 347 3.36 -24.73 19.78
N PHE B 348 4.07 -24.57 18.66
CA PHE B 348 3.83 -23.48 17.72
C PHE B 348 4.11 -24.06 16.33
N ALA B 349 3.03 -24.26 15.56
CA ALA B 349 3.13 -24.94 14.28
C ALA B 349 2.39 -24.26 13.13
N PRO B 350 2.93 -23.14 12.61
CA PRO B 350 2.35 -22.42 11.48
C PRO B 350 2.41 -23.20 10.17
N ALA B 351 1.45 -22.91 9.29
CA ALA B 351 1.33 -23.58 8.00
C ALA B 351 2.14 -22.84 6.91
N CYS B 352 3.44 -22.78 7.14
CA CYS B 352 4.37 -22.12 6.24
C CYS B 352 5.40 -23.07 5.67
N LEU B 353 5.80 -22.81 4.43
CA LEU B 353 6.88 -23.52 3.79
C LEU B 353 8.15 -22.74 4.09
N SER B 354 8.74 -23.05 5.24
CA SER B 354 9.89 -22.31 5.74
C SER B 354 10.72 -23.13 6.72
N HIS B 355 11.98 -22.75 6.90
CA HIS B 355 12.89 -23.47 7.80
C HIS B 355 13.49 -22.50 8.79
N GLU B 356 13.28 -22.76 10.09
CA GLU B 356 13.89 -21.97 11.17
C GLU B 356 13.16 -20.64 11.47
N ILE B 357 13.18 -20.25 12.75
CA ILE B 357 12.54 -19.01 13.15
C ILE B 357 13.25 -18.27 14.29
N ILE B 358 13.58 -18.98 15.36
CA ILE B 358 13.86 -18.33 16.64
C ILE B 358 15.10 -17.47 16.63
N ILE B 359 16.04 -17.79 15.75
CA ILE B 359 17.29 -17.05 15.64
C ILE B 359 17.14 -15.84 14.72
N ARG B 360 16.04 -15.84 13.96
CA ARG B 360 15.78 -14.82 12.95
C ARG B 360 15.14 -13.58 13.57
N SER B 361 15.28 -12.43 12.90
CA SER B 361 14.86 -11.16 13.50
C SER B 361 13.36 -10.95 13.43
N HIS B 362 12.73 -11.48 12.39
CA HIS B 362 11.28 -11.33 12.21
C HIS B 362 10.46 -12.42 12.91
N TRP B 363 11.04 -13.05 13.93
CA TRP B 363 10.35 -14.11 14.65
C TRP B 363 9.16 -13.53 15.41
N THR B 364 9.29 -12.25 15.77
CA THR B 364 8.20 -11.52 16.43
C THR B 364 6.98 -11.37 15.53
N ASP B 365 7.21 -11.34 14.23
CA ASP B 365 6.15 -11.04 13.29
C ASP B 365 5.15 -12.17 13.14
N VAL B 366 5.62 -13.41 13.11
CA VAL B 366 4.73 -14.53 12.83
C VAL B 366 3.72 -14.84 13.96
N GLN B 367 2.50 -15.19 13.55
CA GLN B 367 1.42 -15.55 14.48
C GLN B 367 0.66 -16.78 13.96
N VAL B 368 0.10 -17.58 14.86
CA VAL B 368 -0.74 -18.71 14.42
C VAL B 368 -2.22 -18.36 14.47
N LYS B 369 -2.72 -17.98 15.65
CA LYS B 369 -4.10 -17.58 15.75
C LYS B 369 -4.24 -16.22 16.43
N GLY B 370 -3.69 -15.21 15.75
CA GLY B 370 -3.65 -13.84 16.25
C GLY B 370 -2.75 -13.77 17.48
N THR B 371 -1.74 -14.62 17.48
CA THR B 371 -0.73 -14.65 18.55
C THR B 371 0.66 -15.03 17.99
N SER B 372 1.70 -14.46 18.60
CA SER B 372 3.06 -14.59 18.08
C SER B 372 3.94 -15.45 18.96
N LEU B 373 4.94 -16.06 18.34
CA LEU B 373 5.87 -16.95 19.04
C LEU B 373 6.44 -16.44 20.39
N PRO B 374 6.81 -15.15 20.48
CA PRO B 374 7.29 -14.70 21.79
C PRO B 374 6.22 -14.76 22.88
N ARG B 375 4.98 -14.40 22.54
CA ARG B 375 3.86 -14.48 23.49
C ARG B 375 3.63 -15.92 23.98
N ALA B 376 3.62 -16.86 23.03
CA ALA B 376 3.39 -18.28 23.31
C ALA B 376 4.37 -18.83 24.32
N LEU B 377 5.64 -18.44 24.14
CA LEU B 377 6.72 -18.83 25.04
C LEU B 377 6.55 -18.23 26.42
N HIS B 378 6.13 -16.97 26.49
CA HIS B 378 5.83 -16.36 27.79
C HIS B 378 4.66 -17.05 28.50
N CYS B 379 3.59 -17.37 27.77
CA CYS B 379 2.46 -18.08 28.34
C CYS B 379 2.92 -19.46 28.78
N TRP B 380 3.77 -20.09 27.97
CA TRP B 380 4.36 -21.36 28.34
C TRP B 380 5.18 -21.23 29.62
N ASP B 381 5.86 -20.09 29.76
CA ASP B 381 6.67 -19.85 30.95
C ASP B 381 5.79 -19.63 32.17
N ARG B 382 4.76 -18.80 32.01
CA ARG B 382 3.80 -18.51 33.06
C ARG B 382 3.10 -19.78 33.55
N SER B 383 2.79 -20.68 32.61
CA SER B 383 2.22 -22.00 32.89
C SER B 383 3.08 -22.85 33.85
N LEU B 384 4.37 -22.92 33.55
CA LEU B 384 5.30 -23.75 34.29
C LEU B 384 5.61 -23.23 35.70
N HIS B 385 5.50 -21.90 35.85
CA HIS B 385 6.04 -21.16 37.01
C HIS B 385 6.07 -21.94 38.32
N CYS B 398 -3.81 -16.29 27.37
CA CYS B 398 -3.11 -16.64 26.14
C CYS B 398 -2.74 -18.13 26.09
N PRO B 399 -2.89 -18.74 24.89
CA PRO B 399 -2.89 -20.20 24.73
C PRO B 399 -1.57 -20.81 24.25
N VAL B 400 -1.11 -21.85 24.94
CA VAL B 400 0.18 -22.47 24.62
C VAL B 400 0.15 -23.33 23.37
N HIS B 401 -0.86 -24.20 23.24
CA HIS B 401 -0.91 -25.11 22.11
C HIS B 401 -1.43 -24.36 20.90
N LEU B 402 -0.57 -24.18 19.90
CA LEU B 402 -0.93 -23.33 18.76
C LEU B 402 -0.47 -23.97 17.46
N VAL B 403 -1.42 -24.60 16.80
CA VAL B 403 -1.13 -25.41 15.63
C VAL B 403 -2.20 -25.12 14.59
N ASP B 404 -1.77 -24.61 13.45
CA ASP B 404 -2.70 -24.29 12.38
C ASP B 404 -3.37 -25.53 11.83
N SER B 405 -4.64 -25.37 11.45
CA SER B 405 -5.43 -26.45 10.88
C SER B 405 -5.61 -26.26 9.37
N CYS B 406 -5.07 -25.17 8.83
CA CYS B 406 -5.08 -24.89 7.39
C CYS B 406 -4.25 -25.94 6.64
N PRO B 407 -4.72 -26.40 5.45
CA PRO B 407 -4.01 -27.54 4.88
C PRO B 407 -3.05 -27.29 3.70
N TRP B 408 -2.76 -26.03 3.39
CA TRP B 408 -2.00 -25.70 2.17
C TRP B 408 -0.72 -24.89 2.45
N PRO B 409 0.39 -25.20 1.74
CA PRO B 409 1.64 -24.47 2.00
C PRO B 409 1.48 -22.95 1.84
N HIS B 410 2.09 -22.21 2.77
CA HIS B 410 2.02 -20.74 2.81
C HIS B 410 0.57 -20.25 2.72
N CYS B 411 -0.34 -20.99 3.34
CA CYS B 411 -1.77 -20.68 3.33
C CYS B 411 -2.17 -19.75 4.48
N ASN B 412 -1.16 -19.32 5.22
CA ASN B 412 -1.28 -18.34 6.28
C ASN B 412 -0.60 -17.06 5.79
N PRO B 413 -1.24 -15.89 6.00
CA PRO B 413 -0.58 -14.63 5.62
C PRO B 413 0.77 -14.46 6.32
N SER B 414 0.83 -14.79 7.60
CA SER B 414 2.02 -14.56 8.44
C SER B 414 3.34 -15.13 7.92
N CYS B 415 3.25 -16.16 7.06
CA CYS B 415 4.42 -16.86 6.52
C CYS B 415 5.49 -15.90 6.03
N PRO B 416 6.73 -16.08 6.49
CA PRO B 416 7.74 -15.09 6.14
C PRO B 416 8.27 -15.28 4.72
N THR B 417 8.70 -14.20 4.11
CA THR B 417 9.08 -14.21 2.71
C THR B 417 10.51 -13.69 2.51
N GLU C 53 0.28 -5.26 -38.11
CA GLU C 53 0.08 -4.02 -37.29
C GLU C 53 1.26 -3.05 -37.34
N ASP C 54 2.50 -3.55 -37.41
CA ASP C 54 3.67 -2.68 -37.24
C ASP C 54 4.06 -1.86 -38.48
N LEU C 55 4.90 -0.85 -38.28
CA LEU C 55 5.31 0.10 -39.34
C LEU C 55 6.39 -0.44 -40.27
N ARG C 56 6.09 -0.38 -41.57
CA ARG C 56 6.98 -0.93 -42.60
C ARG C 56 7.96 0.09 -43.19
N LEU C 57 9.23 -0.29 -43.16
CA LEU C 57 10.30 0.56 -43.65
C LEU C 57 10.31 0.75 -45.15
N HIS C 58 10.52 1.98 -45.55
CA HIS C 58 10.72 2.35 -46.92
C HIS C 58 11.97 3.22 -46.98
N LEU C 59 12.59 3.26 -48.15
CA LEU C 59 13.77 4.07 -48.37
C LEU C 59 13.45 4.96 -49.55
N LEU C 60 13.99 6.17 -49.53
CA LEU C 60 13.68 7.18 -50.53
C LEU C 60 14.14 6.74 -51.91
N LEU C 61 13.26 6.92 -52.90
CA LEU C 61 13.59 6.61 -54.29
C LEU C 61 14.66 7.54 -54.86
N ASN C 62 14.52 8.83 -54.55
CA ASN C 62 15.53 9.85 -54.83
C ASN C 62 16.72 9.56 -53.91
N THR C 63 17.72 8.85 -54.42
CA THR C 63 18.82 8.37 -53.55
C THR C 63 19.89 9.42 -53.24
N SER C 64 19.89 10.52 -53.99
CA SER C 64 20.78 11.67 -53.66
C SER C 64 20.60 12.15 -52.22
N VAL C 65 19.36 12.10 -51.74
CA VAL C 65 19.01 12.44 -50.36
C VAL C 65 19.45 11.29 -49.45
N THR C 66 20.32 11.59 -48.50
CA THR C 66 21.04 10.55 -47.78
C THR C 66 21.26 10.86 -46.30
N CYS C 67 21.70 9.83 -45.59
CA CYS C 67 22.17 9.92 -44.23
C CYS C 67 23.55 10.54 -44.20
N ASN C 68 24.09 10.69 -42.99
CA ASN C 68 25.44 11.20 -42.83
C ASN C 68 26.51 10.38 -43.53
N ASP C 69 26.39 9.05 -43.47
CA ASP C 69 27.39 8.17 -44.09
C ASP C 69 27.12 7.91 -45.56
N GLY C 70 26.13 8.58 -46.12
CA GLY C 70 25.79 8.36 -47.53
C GLY C 70 24.81 7.23 -47.79
N SER C 71 24.40 6.53 -46.72
CA SER C 71 23.36 5.48 -46.84
C SER C 71 22.04 6.17 -47.21
N PRO C 72 21.19 5.52 -48.02
CA PRO C 72 19.90 6.19 -48.33
C PRO C 72 19.02 6.34 -47.09
N ALA C 73 18.27 7.42 -47.01
CA ALA C 73 17.41 7.66 -45.85
C ALA C 73 15.97 7.13 -46.05
N GLY C 74 15.21 7.07 -44.97
CA GLY C 74 13.85 6.54 -45.10
C GLY C 74 12.84 6.88 -44.02
N TYR C 75 11.83 6.04 -43.94
CA TYR C 75 10.72 6.23 -43.04
C TYR C 75 9.90 4.97 -42.98
N TYR C 76 9.32 4.75 -41.81
CA TYR C 76 8.40 3.65 -41.60
C TYR C 76 7.00 4.17 -41.79
N LEU C 77 6.17 3.39 -42.49
CA LEU C 77 4.77 3.72 -42.67
C LEU C 77 3.80 2.58 -42.24
N LYS C 78 2.81 2.95 -41.44
CA LYS C 78 1.61 2.17 -41.19
C LYS C 78 0.49 2.90 -41.89
N GLU C 79 -0.28 2.21 -42.74
CA GLU C 79 -1.40 2.88 -43.38
C GLU C 79 -2.71 2.53 -42.74
N SER C 80 -3.59 3.51 -42.62
CA SER C 80 -4.94 3.26 -42.17
C SER C 80 -5.81 3.69 -43.32
N ARG C 81 -6.46 2.72 -43.95
CA ARG C 81 -7.31 2.93 -45.13
C ARG C 81 -8.45 3.89 -44.79
N GLY C 82 -9.00 3.72 -43.59
CA GLY C 82 -10.14 4.53 -43.13
C GLY C 82 -9.75 5.96 -42.83
N SER C 83 -8.59 6.12 -42.19
CA SER C 83 -8.16 7.38 -41.59
C SER C 83 -7.67 8.42 -42.58
N ARG C 84 -7.98 9.68 -42.28
CA ARG C 84 -7.49 10.82 -43.04
C ARG C 84 -6.62 11.71 -42.17
N ARG C 85 -6.24 11.18 -41.00
CA ARG C 85 -5.30 11.82 -40.08
C ARG C 85 -3.91 11.20 -40.29
N TRP C 86 -2.91 12.04 -40.45
CA TRP C 86 -1.52 11.57 -40.61
C TRP C 86 -0.63 12.10 -39.50
N LEU C 87 0.13 11.20 -38.89
CA LEU C 87 1.18 11.58 -37.95
C LEU C 87 2.58 11.31 -38.48
N LEU C 88 3.35 12.37 -38.69
CA LEU C 88 4.74 12.23 -39.13
C LEU C 88 5.63 12.56 -37.96
N PHE C 89 6.32 11.56 -37.44
CA PHE C 89 7.17 11.75 -36.29
C PHE C 89 8.64 11.84 -36.69
N LEU C 90 9.37 12.75 -36.06
CA LEU C 90 10.81 12.87 -36.31
C LEU C 90 11.58 12.46 -35.07
N GLU C 91 12.43 11.45 -35.23
CA GLU C 91 13.19 10.90 -34.12
C GLU C 91 14.18 11.95 -33.63
N GLY C 92 14.43 11.96 -32.32
CA GLY C 92 15.32 12.94 -31.67
C GLY C 92 16.66 12.31 -31.38
N GLY C 93 17.52 13.00 -30.63
CA GLY C 93 18.78 12.39 -30.19
C GLY C 93 20.09 13.14 -30.44
N TRP C 94 20.12 14.42 -30.07
CA TRP C 94 21.35 15.23 -30.09
C TRP C 94 21.86 15.54 -31.48
N TYR C 95 23.16 15.83 -31.57
CA TYR C 95 23.80 16.37 -32.76
C TYR C 95 25.30 16.20 -32.61
N CYS C 96 26.03 16.42 -33.71
CA CYS C 96 27.45 16.72 -33.67
C CYS C 96 27.68 17.90 -34.59
N PHE C 97 28.58 18.79 -34.18
CA PHE C 97 28.84 20.01 -34.95
C PHE C 97 30.21 20.05 -35.64
N ASN C 98 31.06 19.06 -35.39
CA ASN C 98 32.37 19.02 -36.01
C ASN C 98 32.82 17.60 -36.32
N ARG C 99 33.76 17.47 -37.26
CA ARG C 99 34.26 16.16 -37.66
C ARG C 99 34.69 15.33 -36.46
N GLU C 100 35.50 15.92 -35.58
CA GLU C 100 35.96 15.23 -34.38
C GLU C 100 34.77 14.68 -33.59
N ASN C 101 33.79 15.54 -33.29
CA ASN C 101 32.61 15.10 -32.54
C ASN C 101 31.76 14.12 -33.32
N CYS C 102 31.56 14.41 -34.62
CA CYS C 102 30.76 13.56 -35.51
C CYS C 102 31.42 12.20 -35.67
N ASP C 103 32.71 12.21 -35.95
CA ASP C 103 33.45 10.98 -36.12
C ASP C 103 33.34 10.14 -34.86
N SER C 104 33.42 10.79 -33.69
CA SER C 104 33.29 10.09 -32.43
C SER C 104 31.89 9.48 -32.29
N ARG C 105 30.90 10.20 -32.82
CA ARG C 105 29.53 9.73 -32.79
C ARG C 105 29.36 8.46 -33.61
N TYR C 106 30.07 8.39 -34.75
CA TYR C 106 29.98 7.27 -35.65
C TYR C 106 30.38 5.93 -35.02
N ASP C 107 31.41 5.97 -34.17
CA ASP C 107 31.83 4.80 -33.41
C ASP C 107 30.76 4.47 -32.37
N THR C 108 30.48 5.43 -31.49
CA THR C 108 29.59 5.21 -30.35
C THR C 108 28.11 4.98 -30.70
N MET C 109 27.55 5.78 -31.60
CA MET C 109 26.09 5.77 -31.86
C MET C 109 25.77 5.55 -33.34
N ARG C 110 26.28 4.46 -33.91
CA ARG C 110 26.20 4.22 -35.36
C ARG C 110 24.79 4.34 -35.94
N ARG C 111 23.78 3.91 -35.19
CA ARG C 111 22.40 3.95 -35.66
C ARG C 111 21.95 5.37 -36.07
N LEU C 112 22.52 6.38 -35.42
CA LEU C 112 22.10 7.77 -35.61
C LEU C 112 22.68 8.50 -36.83
N MET C 113 23.47 7.78 -37.63
CA MET C 113 24.22 8.36 -38.78
C MET C 113 24.19 7.46 -40.04
N SER C 114 23.55 6.31 -39.91
CA SER C 114 23.42 5.37 -41.03
C SER C 114 22.06 4.71 -41.11
N SER C 115 21.73 4.18 -42.28
CA SER C 115 20.49 3.42 -42.43
C SER C 115 20.80 1.94 -42.61
N ARG C 116 22.03 1.53 -42.36
CA ARG C 116 22.48 0.17 -42.68
C ARG C 116 21.82 -0.87 -41.82
N ASP C 117 21.57 -0.53 -40.55
CA ASP C 117 21.04 -1.48 -39.57
C ASP C 117 19.64 -1.16 -39.10
N TRP C 118 18.86 -0.47 -39.92
CA TRP C 118 17.48 -0.23 -39.57
C TRP C 118 16.64 -1.50 -39.70
N PRO C 119 15.88 -1.83 -38.66
CA PRO C 119 14.94 -2.94 -38.72
C PRO C 119 13.96 -2.75 -39.88
N ARG C 120 13.56 -3.84 -40.51
CA ARG C 120 12.59 -3.80 -41.61
C ARG C 120 11.20 -3.29 -41.18
N THR C 121 10.86 -3.50 -39.92
CA THR C 121 9.64 -2.88 -39.37
C THR C 121 9.92 -2.36 -37.98
N ARG C 122 9.05 -1.45 -37.56
CA ARG C 122 9.10 -0.94 -36.21
C ARG C 122 7.69 -0.98 -35.67
N THR C 123 7.57 -1.25 -34.38
CA THR C 123 6.26 -1.33 -33.77
C THR C 123 5.93 0.00 -33.10
N GLY C 124 4.76 0.53 -33.43
CA GLY C 124 4.36 1.87 -32.99
C GLY C 124 4.18 1.97 -31.50
N THR C 125 4.60 3.09 -30.96
CA THR C 125 4.62 3.28 -29.54
C THR C 125 4.13 4.70 -29.18
N GLY C 126 3.51 4.85 -28.02
CA GLY C 126 2.94 6.13 -27.58
C GLY C 126 1.92 6.61 -28.58
N ILE C 127 2.11 7.84 -29.07
CA ILE C 127 1.23 8.44 -30.07
C ILE C 127 1.23 7.66 -31.38
N LEU C 128 2.30 6.91 -31.64
CA LEU C 128 2.39 6.11 -32.84
C LEU C 128 1.67 4.76 -32.74
N SER C 129 1.25 4.42 -31.52
CA SER C 129 0.58 3.15 -31.26
C SER C 129 -0.79 3.02 -31.95
N SER C 130 -1.11 1.81 -32.39
CA SER C 130 -2.40 1.53 -33.03
C SER C 130 -3.31 0.76 -32.09
N GLN C 131 -2.85 0.64 -30.84
CA GLN C 131 -3.70 0.16 -29.76
C GLN C 131 -4.51 1.32 -29.15
N PRO C 132 -5.85 1.19 -29.07
CA PRO C 132 -6.64 2.24 -28.42
C PRO C 132 -6.24 2.49 -26.96
N GLU C 133 -5.80 1.44 -26.28
CA GLU C 133 -5.44 1.61 -24.87
C GLU C 133 -4.30 2.59 -24.71
N GLU C 134 -3.31 2.52 -25.59
CA GLU C 134 -2.18 3.44 -25.53
C GLU C 134 -2.48 4.80 -26.16
N ASN C 135 -3.30 4.80 -27.21
CA ASN C 135 -3.48 5.97 -28.06
C ASN C 135 -4.98 6.11 -28.32
N PRO C 136 -5.76 6.56 -27.31
CA PRO C 136 -7.24 6.62 -27.39
C PRO C 136 -7.79 7.46 -28.57
N TYR C 137 -7.16 8.59 -28.86
CA TYR C 137 -7.65 9.48 -29.92
C TYR C 137 -6.96 9.38 -31.28
N TRP C 138 -5.67 9.02 -31.32
CA TRP C 138 -4.99 8.85 -32.62
C TRP C 138 -4.49 7.45 -32.98
N TRP C 139 -4.97 6.42 -32.29
CA TRP C 139 -4.59 5.04 -32.64
C TRP C 139 -5.02 4.65 -34.05
N ASN C 140 -6.05 5.29 -34.59
CA ASN C 140 -6.48 4.88 -35.91
C ASN C 140 -5.87 5.60 -37.10
N ALA C 141 -4.95 6.53 -36.84
CA ALA C 141 -4.33 7.36 -37.90
C ALA C 141 -3.27 6.62 -38.73
N ASN C 142 -2.88 7.22 -39.85
CA ASN C 142 -1.70 6.82 -40.57
C ASN C 142 -0.48 7.24 -39.79
N MET C 143 0.38 6.29 -39.53
CA MET C 143 1.56 6.56 -38.73
C MET C 143 2.82 6.54 -39.62
N VAL C 144 3.63 7.58 -39.51
CA VAL C 144 4.87 7.68 -40.25
C VAL C 144 5.94 8.05 -39.26
N PHE C 145 6.99 7.26 -39.17
CA PHE C 145 8.07 7.55 -38.25
C PHE C 145 9.27 7.84 -39.12
N ILE C 146 9.92 8.98 -38.92
CA ILE C 146 11.10 9.30 -39.72
C ILE C 146 12.35 9.26 -38.85
N PRO C 147 13.19 8.22 -39.07
CA PRO C 147 14.43 7.99 -38.31
C PRO C 147 15.44 9.10 -38.48
N TYR C 148 16.12 9.46 -37.40
CA TYR C 148 17.09 10.55 -37.37
C TYR C 148 18.45 10.16 -38.00
N CYS C 149 18.53 10.25 -39.32
CA CYS C 149 19.76 9.91 -40.04
C CYS C 149 20.85 11.01 -39.98
N SER C 150 20.41 12.27 -39.95
CA SER C 150 21.24 13.40 -40.34
C SER C 150 22.18 13.98 -39.30
N SER C 151 21.75 14.04 -38.04
CA SER C 151 22.59 14.66 -37.00
C SER C 151 22.62 16.18 -37.06
N ASP C 152 21.86 16.76 -37.98
CA ASP C 152 21.79 18.19 -38.14
C ASP C 152 20.58 18.84 -37.46
N VAL C 153 19.83 18.09 -36.67
CA VAL C 153 18.64 18.65 -36.02
C VAL C 153 17.55 18.97 -37.07
N TRP C 154 17.67 18.36 -38.25
CA TRP C 154 16.68 18.49 -39.31
C TRP C 154 16.84 19.80 -40.06
N SER C 155 17.85 20.55 -39.66
CA SER C 155 18.22 21.79 -40.32
C SER C 155 18.83 21.63 -41.70
N GLY C 156 19.65 20.60 -41.89
CA GLY C 156 20.51 20.49 -43.08
C GLY C 156 19.80 20.55 -44.41
N ALA C 157 20.13 21.56 -45.20
CA ALA C 157 19.66 21.63 -46.60
C ALA C 157 20.83 21.43 -47.55
N SER C 158 22.00 21.14 -46.98
CA SER C 158 23.25 20.99 -47.74
C SER C 158 23.16 19.79 -48.71
N SER C 159 23.67 19.96 -49.93
CA SER C 159 23.64 18.87 -50.93
C SER C 159 25.04 18.50 -51.42
N GLU C 165 33.27 15.10 -46.85
CA GLU C 165 32.65 15.41 -45.58
C GLU C 165 31.34 14.62 -45.43
N TYR C 166 30.82 14.53 -44.20
CA TYR C 166 29.48 14.02 -43.95
C TYR C 166 28.42 14.87 -44.65
N ALA C 167 27.33 14.24 -45.07
CA ALA C 167 26.18 14.96 -45.64
C ALA C 167 25.18 15.26 -44.54
N PHE C 168 24.57 16.44 -44.58
CA PHE C 168 23.58 16.81 -43.59
C PHE C 168 22.35 17.31 -44.29
N MET C 169 21.31 16.48 -44.26
CA MET C 169 20.15 16.69 -45.13
C MET C 169 18.84 16.59 -44.40
N GLY C 170 18.89 16.87 -43.10
CA GLY C 170 17.70 16.90 -42.25
C GLY C 170 16.49 17.49 -42.97
N ALA C 171 16.59 18.77 -43.35
CA ALA C 171 15.48 19.47 -43.96
C ALA C 171 15.07 18.84 -45.28
N LEU C 172 16.03 18.23 -45.96
CA LEU C 172 15.79 17.70 -47.30
C LEU C 172 15.11 16.34 -47.23
N ILE C 173 15.51 15.54 -46.27
CA ILE C 173 14.88 14.25 -46.09
C ILE C 173 13.38 14.46 -45.89
N ILE C 174 13.00 15.40 -45.00
CA ILE C 174 11.62 15.68 -44.65
C ILE C 174 10.80 15.99 -45.89
N GLN C 175 11.30 16.92 -46.69
CA GLN C 175 10.59 17.34 -47.87
C GLN C 175 10.35 16.17 -48.82
N GLU C 176 11.37 15.34 -48.99
CA GLU C 176 11.29 14.25 -49.96
C GLU C 176 10.36 13.14 -49.51
N VAL C 177 10.34 12.87 -48.20
CA VAL C 177 9.37 11.97 -47.60
C VAL C 177 7.95 12.43 -47.93
N VAL C 178 7.65 13.69 -47.65
CA VAL C 178 6.34 14.27 -47.89
C VAL C 178 5.92 14.08 -49.34
N ARG C 179 6.79 14.48 -50.25
CA ARG C 179 6.55 14.30 -51.67
C ARG C 179 6.16 12.85 -51.99
N GLU C 180 6.78 11.90 -51.29
CA GLU C 180 6.51 10.50 -51.56
C GLU C 180 5.23 10.08 -50.87
N LEU C 181 4.88 10.77 -49.79
CA LEU C 181 3.66 10.42 -49.07
C LEU C 181 2.41 10.80 -49.84
N LEU C 182 2.50 11.80 -50.71
CA LEU C 182 1.38 12.17 -51.55
C LEU C 182 0.93 11.01 -52.42
N GLY C 183 1.91 10.31 -53.00
CA GLY C 183 1.67 9.10 -53.79
C GLY C 183 0.95 7.98 -53.05
N ARG C 184 1.01 8.03 -51.72
CA ARG C 184 0.35 7.03 -50.90
C ARG C 184 -0.81 7.59 -50.10
N GLY C 185 -1.46 8.63 -50.61
CA GLY C 185 -2.65 9.17 -49.95
C GLY C 185 -2.51 10.26 -48.90
N LEU C 186 -1.35 10.91 -48.78
CA LEU C 186 -1.30 12.11 -47.95
C LEU C 186 -2.08 13.21 -48.65
N SER C 187 -2.19 13.11 -49.96
CA SER C 187 -3.05 13.99 -50.76
C SER C 187 -4.50 14.06 -50.24
N GLY C 188 -5.02 12.91 -49.79
CA GLY C 188 -6.35 12.87 -49.19
C GLY C 188 -6.46 13.40 -47.77
N ALA C 189 -5.36 13.36 -47.02
CA ALA C 189 -5.31 13.80 -45.61
C ALA C 189 -6.01 15.11 -45.34
N LYS C 190 -6.72 15.15 -44.20
CA LYS C 190 -7.37 16.36 -43.74
C LYS C 190 -6.41 17.12 -42.82
N VAL C 191 -5.63 16.36 -42.07
CA VAL C 191 -4.68 16.89 -41.10
C VAL C 191 -3.37 16.12 -41.21
N LEU C 192 -2.28 16.83 -41.47
CA LEU C 192 -0.92 16.30 -41.32
C LEU C 192 -0.36 16.87 -40.04
N LEU C 193 -0.11 16.00 -39.06
CA LEU C 193 0.44 16.48 -37.81
C LEU C 193 1.92 16.14 -37.76
N LEU C 194 2.76 17.17 -37.71
CA LEU C 194 4.20 16.99 -37.75
C LEU C 194 4.70 16.98 -36.33
N ALA C 195 5.06 15.82 -35.82
CA ALA C 195 5.43 15.68 -34.42
C ALA C 195 6.87 15.29 -34.28
N GLY C 196 7.36 15.34 -33.04
CA GLY C 196 8.76 15.11 -32.77
C GLY C 196 9.11 15.13 -31.30
N SER C 197 10.15 14.38 -30.96
CA SER C 197 10.71 14.30 -29.61
C SER C 197 12.14 14.81 -29.64
N SER C 198 12.53 15.55 -28.59
CA SER C 198 13.91 15.98 -28.39
C SER C 198 14.40 16.80 -29.59
N ALA C 199 15.49 16.37 -30.23
CA ALA C 199 16.00 16.99 -31.45
C ALA C 199 14.95 17.01 -32.57
N GLY C 200 14.07 16.01 -32.55
CA GLY C 200 12.90 15.96 -33.41
C GLY C 200 11.88 17.03 -33.03
N GLY C 201 11.81 17.36 -31.74
CA GLY C 201 10.97 18.47 -31.29
C GLY C 201 11.37 19.81 -31.88
N THR C 202 12.67 20.13 -31.77
CA THR C 202 13.23 21.36 -32.36
C THR C 202 13.05 21.34 -33.88
N GLY C 203 13.30 20.18 -34.47
CA GLY C 203 13.08 19.97 -35.89
C GLY C 203 11.67 20.30 -36.39
N VAL C 204 10.64 20.06 -35.56
CA VAL C 204 9.27 20.42 -35.93
C VAL C 204 9.14 21.93 -36.16
N LEU C 205 9.65 22.71 -35.20
CA LEU C 205 9.69 24.17 -35.29
C LEU C 205 10.41 24.63 -36.55
N LEU C 206 11.52 23.98 -36.86
CA LEU C 206 12.34 24.35 -38.02
C LEU C 206 11.68 24.01 -39.38
N ASN C 207 10.84 22.98 -39.38
CA ASN C 207 10.35 22.44 -40.65
C ASN C 207 8.86 22.55 -40.91
N VAL C 208 8.10 22.81 -39.85
CA VAL C 208 6.64 22.80 -39.93
C VAL C 208 6.09 23.74 -41.01
N ASP C 209 6.49 25.01 -40.95
CA ASP C 209 6.06 26.00 -41.94
C ASP C 209 6.50 25.67 -43.36
N ARG C 210 7.63 24.98 -43.48
CA ARG C 210 8.21 24.65 -44.77
C ARG C 210 7.39 23.56 -45.43
N VAL C 211 7.04 22.54 -44.64
CA VAL C 211 6.09 21.50 -45.03
C VAL C 211 4.77 22.09 -45.53
N ALA C 212 4.18 22.97 -44.71
CA ALA C 212 2.98 23.70 -45.09
C ALA C 212 3.13 24.43 -46.42
N GLU C 213 4.28 25.10 -46.61
CA GLU C 213 4.56 25.83 -47.86
C GLU C 213 4.68 24.88 -49.04
N GLN C 214 5.39 23.78 -48.83
CA GLN C 214 5.59 22.80 -49.89
C GLN C 214 4.26 22.24 -50.40
N LEU C 215 3.35 21.91 -49.47
CA LEU C 215 2.03 21.38 -49.81
C LEU C 215 1.18 22.40 -50.55
N GLU C 216 1.16 23.63 -50.05
CA GLU C 216 0.48 24.72 -50.74
C GLU C 216 1.04 24.92 -52.15
N LYS C 217 2.37 24.86 -52.27
CA LYS C 217 3.04 25.03 -53.57
C LYS C 217 2.68 23.93 -54.56
N LEU C 218 2.51 22.72 -54.05
CA LEU C 218 2.12 21.58 -54.87
C LEU C 218 0.64 21.61 -55.22
N GLY C 219 -0.11 22.52 -54.61
CA GLY C 219 -1.55 22.62 -54.85
C GLY C 219 -2.29 21.58 -54.04
N TYR C 220 -1.99 21.53 -52.75
CA TYR C 220 -2.75 20.77 -51.79
C TYR C 220 -3.01 21.65 -50.58
N PRO C 221 -3.67 22.81 -50.79
CA PRO C 221 -3.99 23.74 -49.72
C PRO C 221 -4.86 23.12 -48.63
N ALA C 222 -5.66 22.12 -49.00
CA ALA C 222 -6.70 21.54 -48.14
C ALA C 222 -6.18 20.84 -46.88
N ILE C 223 -5.01 20.23 -46.97
CA ILE C 223 -4.38 19.58 -45.84
C ILE C 223 -3.90 20.59 -44.81
N GLN C 224 -4.46 20.51 -43.61
CA GLN C 224 -4.04 21.38 -42.53
C GLN C 224 -2.82 20.81 -41.83
N VAL C 225 -1.68 21.46 -42.03
CA VAL C 225 -0.43 21.09 -41.34
C VAL C 225 -0.37 21.74 -39.97
N ARG C 226 -0.05 20.93 -38.96
CA ARG C 226 0.09 21.39 -37.58
C ARG C 226 1.33 20.74 -36.99
N GLY C 227 1.77 21.27 -35.86
CA GLY C 227 2.93 20.73 -35.20
C GLY C 227 2.73 20.31 -33.77
N LEU C 228 3.49 19.32 -33.34
CA LEU C 228 3.52 18.91 -31.95
C LEU C 228 4.98 18.74 -31.56
N ALA C 229 5.44 19.57 -30.62
CA ALA C 229 6.87 19.71 -30.34
C ALA C 229 7.24 19.24 -28.94
N ASP C 230 7.87 18.07 -28.82
CA ASP C 230 8.13 17.47 -27.51
C ASP C 230 9.61 17.48 -27.14
N SER C 231 9.93 18.10 -26.02
CA SER C 231 11.30 18.16 -25.51
C SER C 231 12.27 18.68 -26.55
N GLY C 232 11.79 19.60 -27.38
CA GLY C 232 12.61 20.36 -28.31
C GLY C 232 12.54 21.85 -27.96
N TRP C 233 11.85 22.17 -26.87
CA TRP C 233 11.68 23.55 -26.42
C TRP C 233 12.76 23.94 -25.39
N PHE C 234 13.82 24.60 -25.88
CA PHE C 234 15.02 24.82 -25.07
C PHE C 234 15.35 26.28 -24.76
N LEU C 235 16.09 26.48 -23.67
CA LEU C 235 16.49 27.81 -23.22
C LEU C 235 17.93 28.10 -23.62
N ASP C 236 18.13 29.24 -24.27
CA ASP C 236 19.45 29.81 -24.53
C ASP C 236 19.84 30.50 -23.23
N ASN C 237 20.52 29.74 -22.37
CA ASN C 237 20.69 30.14 -20.99
C ASN C 237 22.15 30.14 -20.61
N LYS C 238 22.46 30.91 -19.58
CA LYS C 238 23.74 30.78 -18.89
C LYS C 238 23.80 29.41 -18.21
N GLN C 239 24.92 28.73 -18.38
CA GLN C 239 25.15 27.41 -17.77
C GLN C 239 25.25 27.47 -16.25
N TYR C 240 25.00 26.35 -15.58
CA TYR C 240 25.20 26.30 -14.14
C TYR C 240 26.65 26.62 -13.82
N ARG C 241 27.54 25.85 -14.43
CA ARG C 241 28.97 26.05 -14.28
C ARG C 241 29.55 26.09 -15.67
N HIS C 242 30.27 27.17 -15.98
CA HIS C 242 30.86 27.32 -17.29
C HIS C 242 31.96 26.29 -17.54
N THR C 243 32.02 25.80 -18.77
CA THR C 243 33.07 24.92 -19.21
C THR C 243 33.40 25.24 -20.66
N ASP C 244 34.67 25.13 -21.02
CA ASP C 244 35.07 25.15 -22.41
C ASP C 244 34.34 24.02 -23.10
N CYS C 245 33.88 24.26 -24.32
CA CYS C 245 33.20 23.21 -25.05
C CYS C 245 34.16 22.39 -25.91
N VAL C 246 34.34 21.14 -25.52
CA VAL C 246 35.12 20.19 -26.30
C VAL C 246 34.24 19.07 -26.86
N ASP C 247 33.17 18.73 -26.13
CA ASP C 247 32.26 17.66 -26.51
C ASP C 247 30.80 18.13 -26.65
N THR C 248 30.04 17.36 -27.43
CA THR C 248 28.62 17.63 -27.73
C THR C 248 27.76 17.82 -26.47
N ILE C 249 27.81 16.84 -25.58
CA ILE C 249 27.11 16.93 -24.30
C ILE C 249 27.64 18.13 -23.50
N THR C 250 28.95 18.37 -23.64
CA THR C 250 29.65 19.43 -22.92
C THR C 250 29.23 20.82 -23.36
N CYS C 251 29.17 21.04 -24.67
CA CYS C 251 28.87 22.34 -25.25
C CYS C 251 27.66 23.02 -24.66
N ALA C 252 27.82 24.32 -24.40
CA ALA C 252 26.71 25.19 -24.00
C ALA C 252 25.73 25.34 -25.16
N PRO C 253 24.42 25.50 -24.85
CA PRO C 253 23.37 25.48 -25.88
C PRO C 253 23.65 26.39 -27.07
N THR C 254 23.96 27.64 -26.79
CA THR C 254 24.16 28.67 -27.81
C THR C 254 25.26 28.33 -28.82
N GLU C 255 26.42 27.88 -28.32
CA GLU C 255 27.59 27.67 -29.17
C GLU C 255 27.45 26.50 -30.10
N ALA C 256 27.00 25.37 -29.56
CA ALA C 256 26.67 24.17 -30.32
C ALA C 256 25.95 24.54 -31.60
N ILE C 257 24.88 25.32 -31.47
CA ILE C 257 24.05 25.73 -32.60
C ILE C 257 24.81 26.59 -33.61
N ARG C 258 25.45 27.64 -33.10
CA ARG C 258 26.26 28.54 -33.93
C ARG C 258 27.29 27.77 -34.73
N ARG C 259 28.01 26.89 -34.05
CA ARG C 259 29.03 26.09 -34.70
C ARG C 259 28.35 25.11 -35.66
N GLY C 260 27.29 24.49 -35.17
CA GLY C 260 26.57 23.47 -35.92
C GLY C 260 25.94 24.00 -37.20
N ILE C 261 25.29 25.16 -37.10
CA ILE C 261 24.59 25.74 -38.23
C ILE C 261 25.50 25.94 -39.44
N ARG C 262 26.71 26.46 -39.21
CA ARG C 262 27.68 26.65 -40.29
C ARG C 262 28.03 25.29 -40.87
N TYR C 263 28.33 24.35 -39.98
CA TYR C 263 28.76 23.02 -40.37
C TYR C 263 27.72 22.28 -41.20
N TRP C 264 26.46 22.29 -40.76
CA TRP C 264 25.40 21.58 -41.46
C TRP C 264 24.91 22.31 -42.70
N ASN C 265 25.13 23.62 -42.72
CA ASN C 265 24.48 24.50 -43.68
C ASN C 265 23.00 24.50 -43.42
N GLY C 266 22.66 24.59 -42.15
CA GLY C 266 21.29 24.49 -41.69
C GLY C 266 20.50 25.73 -42.04
N VAL C 267 19.40 25.53 -42.74
CA VAL C 267 18.48 26.59 -43.03
C VAL C 267 17.53 26.71 -41.85
N VAL C 268 17.04 27.91 -41.61
CA VAL C 268 16.00 28.14 -40.62
C VAL C 268 14.76 28.67 -41.34
N PRO C 269 13.59 28.58 -40.69
CA PRO C 269 12.40 29.19 -41.27
C PRO C 269 12.63 30.64 -41.67
N GLU C 270 12.23 30.95 -42.90
CA GLU C 270 12.42 32.25 -43.52
C GLU C 270 11.75 33.39 -42.74
N ARG C 271 10.58 33.13 -42.16
CA ARG C 271 9.91 34.14 -41.33
C ARG C 271 10.72 34.51 -40.07
N CYS C 272 11.38 33.54 -39.46
CA CYS C 272 12.23 33.77 -38.30
C CYS C 272 13.56 34.41 -38.68
N ARG C 273 14.15 33.93 -39.77
CA ARG C 273 15.42 34.43 -40.31
C ARG C 273 15.39 35.95 -40.41
N ARG C 274 14.26 36.47 -40.88
CA ARG C 274 14.10 37.88 -41.14
C ARG C 274 14.08 38.72 -39.87
N GLN C 275 13.65 38.13 -38.76
CA GLN C 275 13.54 38.87 -37.50
C GLN C 275 14.89 39.13 -36.85
N PHE C 276 15.88 38.30 -37.17
CA PHE C 276 17.20 38.42 -36.57
C PHE C 276 18.27 38.95 -37.50
N GLN C 277 19.37 39.42 -36.91
CA GLN C 277 20.50 39.94 -37.67
C GLN C 277 21.12 38.81 -38.47
N GLU C 278 21.66 39.12 -39.64
CA GLU C 278 22.27 38.07 -40.48
C GLU C 278 23.40 37.37 -39.76
N GLY C 279 23.46 36.05 -39.90
CA GLY C 279 24.41 35.24 -39.17
C GLY C 279 23.95 35.00 -37.74
N GLU C 280 22.73 35.44 -37.46
CA GLU C 280 22.08 35.22 -36.16
C GLU C 280 20.96 34.17 -36.24
N GLU C 281 21.03 33.32 -37.26
CA GLU C 281 20.01 32.32 -37.55
C GLU C 281 19.86 31.31 -36.42
N TRP C 282 20.94 31.07 -35.70
CA TRP C 282 20.91 30.18 -34.55
C TRP C 282 19.75 30.48 -33.61
N ASN C 283 19.46 31.77 -33.41
CA ASN C 283 18.35 32.19 -32.56
C ASN C 283 17.08 31.39 -32.84
N CYS C 284 16.97 30.98 -34.09
CA CYS C 284 15.80 30.29 -34.55
C CYS C 284 15.83 28.80 -34.21
N PHE C 285 16.74 28.38 -33.35
CA PHE C 285 16.70 26.99 -32.86
C PHE C 285 16.11 26.89 -31.47
N PHE C 286 15.55 28.00 -30.99
CA PHE C 286 14.96 28.00 -29.65
C PHE C 286 13.52 28.40 -29.68
N GLY C 287 12.72 27.52 -29.09
CA GLY C 287 11.26 27.62 -29.12
C GLY C 287 10.71 29.02 -29.00
N TYR C 288 11.09 29.73 -27.93
CA TYR C 288 10.50 31.04 -27.65
C TYR C 288 10.86 32.13 -28.65
N LYS C 289 12.02 31.99 -29.30
CA LYS C 289 12.37 32.93 -30.36
C LYS C 289 11.67 32.60 -31.69
N VAL C 290 11.33 31.35 -31.92
CA VAL C 290 10.78 30.95 -33.23
C VAL C 290 9.25 30.78 -33.25
N TYR C 291 8.65 30.59 -32.08
CA TYR C 291 7.19 30.43 -31.94
C TYR C 291 6.39 31.61 -32.51
N PRO C 292 6.72 32.85 -32.09
CA PRO C 292 6.03 34.04 -32.58
C PRO C 292 5.89 34.10 -34.11
N THR C 293 6.85 33.56 -34.84
CA THR C 293 6.86 33.70 -36.28
C THR C 293 5.97 32.68 -37.01
N LEU C 294 5.68 31.56 -36.35
CA LEU C 294 4.95 30.44 -36.94
C LEU C 294 3.52 30.75 -37.37
N ARG C 295 3.25 30.58 -38.66
CA ARG C 295 1.88 30.59 -39.17
C ARG C 295 1.12 29.32 -38.71
N CYS C 296 1.79 28.18 -38.73
CA CYS C 296 1.19 26.92 -38.29
C CYS C 296 0.96 26.85 -36.80
N PRO C 297 -0.22 26.34 -36.38
CA PRO C 297 -0.53 25.99 -34.99
C PRO C 297 0.40 24.91 -34.48
N VAL C 298 1.11 25.11 -33.38
CA VAL C 298 1.98 24.08 -32.81
C VAL C 298 1.67 23.86 -31.35
N PHE C 299 1.37 22.62 -30.96
CA PHE C 299 1.18 22.28 -29.55
C PHE C 299 2.53 21.99 -28.98
N VAL C 300 2.88 22.61 -27.85
CA VAL C 300 4.21 22.42 -27.26
C VAL C 300 4.19 21.55 -25.99
N VAL C 301 4.99 20.50 -25.98
CA VAL C 301 5.12 19.66 -24.79
C VAL C 301 6.51 19.78 -24.20
N GLN C 302 6.61 20.14 -22.93
CA GLN C 302 7.92 20.26 -22.30
C GLN C 302 7.92 19.89 -20.83
N TRP C 303 8.93 19.15 -20.40
CA TRP C 303 9.16 18.94 -18.99
C TRP C 303 9.71 20.26 -18.48
N LEU C 304 9.21 20.71 -17.33
CA LEU C 304 9.67 21.95 -16.71
C LEU C 304 11.15 21.88 -16.39
N PHE C 305 11.58 20.72 -15.95
CA PHE C 305 12.99 20.43 -15.78
C PHE C 305 13.36 19.36 -16.78
N ASP C 306 14.06 19.73 -17.85
CA ASP C 306 14.37 18.77 -18.88
C ASP C 306 15.78 18.21 -18.67
N GLU C 307 15.82 16.88 -18.55
CA GLU C 307 17.05 16.13 -18.29
C GLU C 307 18.11 16.63 -19.24
N ALA C 308 17.74 16.73 -20.52
CA ALA C 308 18.61 17.30 -21.53
C ALA C 308 19.00 18.75 -21.23
N GLN C 309 18.03 19.58 -20.84
CA GLN C 309 18.32 20.99 -20.59
C GLN C 309 19.31 21.15 -19.44
N LEU C 310 19.22 20.27 -18.44
CA LEU C 310 20.22 20.24 -17.37
C LEU C 310 21.58 19.78 -17.89
N THR C 311 21.57 18.77 -18.76
CA THR C 311 22.82 18.25 -19.33
C THR C 311 23.60 19.33 -20.06
N VAL C 312 22.91 20.09 -20.90
CA VAL C 312 23.54 21.16 -21.68
C VAL C 312 24.01 22.31 -20.78
N ASP C 313 23.19 22.66 -19.79
CA ASP C 313 23.56 23.72 -18.86
C ASP C 313 24.79 23.36 -18.05
N ASN C 314 24.91 22.07 -17.71
CA ASN C 314 26.09 21.56 -17.05
C ASN C 314 26.09 21.93 -15.57
N GLU C 324 23.08 23.99 -2.26
CA GLU C 324 22.07 25.05 -2.27
C GLU C 324 22.13 25.88 -3.55
N GLY C 325 23.35 26.26 -3.94
CA GLY C 325 23.58 27.04 -5.16
C GLY C 325 22.97 26.35 -6.35
N LEU C 326 23.20 25.03 -6.46
CA LEU C 326 22.61 24.20 -7.49
C LEU C 326 21.10 24.22 -7.37
N ARG C 327 20.62 23.80 -6.21
CA ARG C 327 19.20 23.77 -5.93
C ARG C 327 18.54 25.07 -6.39
N LEU C 328 19.25 26.19 -6.21
CA LEU C 328 18.72 27.51 -6.57
C LEU C 328 18.53 27.71 -8.08
N TYR C 329 19.52 27.28 -8.84
CA TYR C 329 19.50 27.36 -10.30
C TYR C 329 18.24 26.73 -10.86
N ILE C 330 17.97 25.50 -10.42
CA ILE C 330 16.94 24.63 -10.97
C ILE C 330 15.56 25.28 -10.86
N GLN C 331 15.20 25.64 -9.63
CA GLN C 331 14.00 26.44 -9.39
C GLN C 331 14.07 27.69 -10.26
N ASN C 332 15.20 28.39 -10.22
CA ASN C 332 15.34 29.54 -11.08
C ASN C 332 15.04 29.18 -12.54
N LEU C 333 15.54 28.02 -12.97
CA LEU C 333 15.34 27.59 -14.35
C LEU C 333 13.88 27.27 -14.66
N GLY C 334 13.28 26.43 -13.84
CA GLY C 334 11.88 26.04 -13.98
C GLY C 334 10.94 27.23 -14.03
N ARG C 335 11.21 28.22 -13.19
CA ARG C 335 10.54 29.52 -13.22
C ARG C 335 10.68 30.18 -14.58
N GLU C 336 11.90 30.16 -15.13
CA GLU C 336 12.20 30.80 -16.40
C GLU C 336 11.41 30.10 -17.51
N LEU C 337 11.47 28.77 -17.51
CA LEU C 337 10.66 27.96 -18.43
C LEU C 337 9.18 28.26 -18.29
N ARG C 338 8.70 28.39 -17.05
CA ARG C 338 7.33 28.78 -16.78
C ARG C 338 7.01 30.07 -17.55
N HIS C 339 7.87 31.08 -17.40
CA HIS C 339 7.65 32.35 -18.09
C HIS C 339 7.58 32.19 -19.61
N THR C 340 8.41 31.29 -20.15
CA THR C 340 8.50 31.12 -21.60
C THR C 340 7.21 30.60 -22.23
N LEU C 341 6.42 29.83 -21.48
CA LEU C 341 5.21 29.22 -22.02
C LEU C 341 3.92 29.99 -21.75
N LYS C 342 4.03 31.10 -21.03
CA LYS C 342 2.86 31.90 -20.64
C LYS C 342 2.00 32.33 -21.82
N ASP C 343 2.66 32.71 -22.92
CA ASP C 343 1.99 33.20 -24.12
C ASP C 343 1.97 32.15 -25.23
N VAL C 344 2.23 30.90 -24.86
CA VAL C 344 2.08 29.77 -25.76
C VAL C 344 0.74 29.15 -25.47
N PRO C 345 -0.24 29.41 -26.37
CA PRO C 345 -1.65 29.03 -26.26
C PRO C 345 -1.86 27.55 -25.94
N ALA C 346 -1.26 26.70 -26.79
CA ALA C 346 -1.37 25.27 -26.65
C ALA C 346 -0.07 24.75 -26.11
N SER C 347 -0.10 24.23 -24.88
CA SER C 347 1.10 23.72 -24.20
C SER C 347 0.76 22.83 -23.02
N PHE C 348 1.67 21.92 -22.72
CA PHE C 348 1.51 20.95 -21.64
C PHE C 348 2.89 20.83 -21.02
N ALA C 349 3.00 21.14 -19.73
CA ALA C 349 4.31 21.24 -19.07
C ALA C 349 4.30 20.85 -17.60
N PRO C 350 4.42 19.54 -17.31
CA PRO C 350 4.41 19.10 -15.92
C PRO C 350 5.72 19.42 -15.21
N ALA C 351 5.65 19.54 -13.89
CA ALA C 351 6.85 19.73 -13.07
C ALA C 351 7.51 18.40 -12.71
N CYS C 352 7.98 17.68 -13.72
CA CYS C 352 8.80 16.48 -13.49
C CYS C 352 10.16 16.68 -14.12
N LEU C 353 11.10 15.85 -13.71
CA LEU C 353 12.44 15.82 -14.28
C LEU C 353 12.61 14.55 -15.09
N SER C 354 12.46 14.69 -16.41
CA SER C 354 12.55 13.58 -17.34
C SER C 354 12.71 14.12 -18.76
N HIS C 355 13.17 13.28 -19.69
CA HIS C 355 13.35 13.69 -21.08
C HIS C 355 12.46 12.88 -21.99
N GLU C 356 11.62 13.58 -22.75
CA GLU C 356 10.74 12.95 -23.76
C GLU C 356 9.49 12.32 -23.16
N ILE C 357 8.45 12.17 -23.96
CA ILE C 357 7.28 11.43 -23.49
C ILE C 357 6.55 10.67 -24.57
N ILE C 358 6.10 11.39 -25.59
CA ILE C 358 5.02 10.97 -26.48
C ILE C 358 5.24 9.62 -27.17
N ILE C 359 6.48 9.33 -27.53
CA ILE C 359 6.82 8.05 -28.12
C ILE C 359 6.85 6.97 -27.03
N ARG C 360 7.11 7.41 -25.81
CA ARG C 360 7.20 6.54 -24.65
C ARG C 360 5.79 6.13 -24.21
N SER C 361 5.66 4.89 -23.75
CA SER C 361 4.36 4.25 -23.46
C SER C 361 3.54 4.83 -22.31
N HIS C 362 4.23 5.18 -21.24
CA HIS C 362 3.63 5.71 -20.02
C HIS C 362 3.03 7.11 -20.23
N TRP C 363 3.00 7.58 -21.48
CA TRP C 363 2.53 8.94 -21.78
C TRP C 363 1.08 9.18 -21.38
N THR C 364 0.28 8.11 -21.42
CA THR C 364 -1.10 8.14 -20.92
C THR C 364 -1.17 8.46 -19.44
N ASP C 365 -0.11 8.11 -18.71
CA ASP C 365 -0.12 8.18 -17.26
C ASP C 365 -0.08 9.59 -16.68
N VAL C 366 0.79 10.44 -17.24
CA VAL C 366 1.05 11.78 -16.72
C VAL C 366 -0.14 12.73 -16.88
N GLN C 367 -0.34 13.59 -15.87
CA GLN C 367 -1.38 14.64 -15.91
C GLN C 367 -0.82 15.93 -15.32
N VAL C 368 -1.35 17.06 -15.77
CA VAL C 368 -0.99 18.36 -15.20
C VAL C 368 -2.05 18.82 -14.20
N LYS C 369 -3.27 19.07 -14.68
CA LYS C 369 -4.33 19.50 -13.77
C LYS C 369 -5.47 18.50 -13.88
N GLY C 370 -5.14 17.25 -13.58
CA GLY C 370 -6.06 16.14 -13.76
C GLY C 370 -6.50 16.01 -15.20
N THR C 371 -5.73 16.60 -16.11
CA THR C 371 -5.96 16.41 -17.54
C THR C 371 -4.74 15.70 -18.11
N SER C 372 -5.01 14.62 -18.85
CA SER C 372 -3.96 13.84 -19.49
C SER C 372 -3.48 14.49 -20.78
N LEU C 373 -2.29 14.11 -21.22
CA LEU C 373 -1.72 14.65 -22.44
C LEU C 373 -2.53 14.27 -23.71
N PRO C 374 -2.92 12.98 -23.85
CA PRO C 374 -3.75 12.56 -24.98
C PRO C 374 -5.00 13.41 -25.10
N ARG C 375 -5.56 13.83 -23.96
CA ARG C 375 -6.67 14.75 -23.86
C ARG C 375 -6.39 16.15 -24.42
N ALA C 376 -5.42 16.84 -23.81
CA ALA C 376 -5.07 18.20 -24.18
C ALA C 376 -4.98 18.28 -25.69
N LEU C 377 -4.21 17.33 -26.23
CA LEU C 377 -4.03 17.14 -27.66
C LEU C 377 -5.35 16.96 -28.37
N HIS C 378 -6.29 16.26 -27.71
CA HIS C 378 -7.61 16.08 -28.27
C HIS C 378 -8.38 17.38 -28.30
N CYS C 379 -8.39 18.12 -27.18
CA CYS C 379 -9.10 19.41 -27.19
C CYS C 379 -8.52 20.41 -28.15
N TRP C 380 -7.18 20.43 -28.21
CA TRP C 380 -6.46 21.30 -29.10
C TRP C 380 -6.92 21.12 -30.56
N ASP C 381 -6.94 19.86 -31.02
CA ASP C 381 -7.42 19.50 -32.35
C ASP C 381 -8.86 19.98 -32.56
N ARG C 382 -9.70 19.76 -31.56
CA ARG C 382 -11.11 20.16 -31.67
C ARG C 382 -11.24 21.70 -31.64
N SER C 383 -10.43 22.36 -30.82
CA SER C 383 -10.39 23.82 -30.79
C SER C 383 -9.97 24.47 -32.12
N LEU C 384 -9.39 23.70 -33.02
CA LEU C 384 -9.08 24.17 -34.36
C LEU C 384 -10.22 23.81 -35.31
N CYS C 398 -11.81 20.14 -23.27
CA CYS C 398 -10.93 20.37 -22.12
C CYS C 398 -10.20 21.70 -22.21
N PRO C 399 -9.29 21.95 -21.27
CA PRO C 399 -8.38 23.08 -21.44
C PRO C 399 -7.31 22.75 -22.47
N VAL C 400 -6.42 23.70 -22.74
CA VAL C 400 -5.38 23.55 -23.75
C VAL C 400 -4.05 24.11 -23.24
N HIS C 401 -4.12 24.94 -22.20
CA HIS C 401 -2.93 25.43 -21.52
C HIS C 401 -2.80 24.67 -20.20
N LEU C 402 -1.74 23.88 -20.08
CA LEU C 402 -1.54 23.04 -18.90
C LEU C 402 -0.10 23.09 -18.43
N VAL C 403 0.15 23.91 -17.41
CA VAL C 403 1.50 24.17 -16.91
C VAL C 403 1.42 24.39 -15.42
N ASP C 404 1.86 23.44 -14.60
CA ASP C 404 1.75 23.65 -13.16
C ASP C 404 2.76 24.69 -12.66
N SER C 405 2.37 25.39 -11.61
CA SER C 405 3.26 26.23 -10.83
C SER C 405 3.65 25.42 -9.61
N CYS C 406 4.84 24.83 -9.68
CA CYS C 406 5.29 23.86 -8.68
C CYS C 406 6.82 23.77 -8.78
N PRO C 407 7.54 24.64 -8.05
CA PRO C 407 9.01 24.81 -8.20
C PRO C 407 9.87 23.66 -7.66
N TRP C 408 9.45 22.42 -7.87
CA TRP C 408 10.21 21.25 -7.42
C TRP C 408 9.92 19.98 -8.21
N PRO C 409 10.97 19.27 -8.67
CA PRO C 409 10.75 17.98 -9.39
C PRO C 409 10.02 16.95 -8.54
N HIS C 410 9.28 16.05 -9.21
CA HIS C 410 8.43 15.04 -8.56
C HIS C 410 7.33 15.59 -7.62
N CYS C 411 7.16 16.92 -7.57
CA CYS C 411 6.06 17.54 -6.81
C CYS C 411 4.75 17.32 -7.55
N ASN C 412 4.85 16.66 -8.69
CA ASN C 412 3.72 16.14 -9.42
C ASN C 412 3.65 14.64 -9.11
N PRO C 413 2.46 14.14 -8.75
CA PRO C 413 2.32 12.71 -8.42
C PRO C 413 2.39 11.80 -9.65
N SER C 414 2.22 12.37 -10.85
CA SER C 414 2.18 11.60 -12.10
C SER C 414 3.55 11.14 -12.59
N CYS C 415 4.63 11.78 -12.12
CA CYS C 415 5.98 11.66 -12.67
C CYS C 415 6.50 10.25 -12.95
N PRO C 416 7.14 10.06 -14.12
CA PRO C 416 7.75 8.79 -14.50
C PRO C 416 8.96 8.42 -13.63
N GLU D 53 -23.52 14.92 -26.18
CA GLU D 53 -22.76 13.83 -25.50
C GLU D 53 -23.63 12.98 -24.57
N ASP D 54 -24.52 13.65 -23.83
CA ASP D 54 -25.36 13.00 -22.82
C ASP D 54 -26.43 12.06 -23.40
N LEU D 55 -26.82 11.05 -22.61
CA LEU D 55 -27.87 10.11 -22.99
C LEU D 55 -29.22 10.74 -22.72
N ARG D 56 -30.12 10.64 -23.70
CA ARG D 56 -31.38 11.38 -23.64
C ARG D 56 -32.59 10.49 -23.35
N LEU D 57 -33.31 10.82 -22.27
CA LEU D 57 -34.46 10.03 -21.82
C LEU D 57 -35.67 9.96 -22.75
N HIS D 58 -36.14 8.74 -22.97
CA HIS D 58 -37.43 8.51 -23.62
C HIS D 58 -38.26 7.54 -22.80
N LEU D 59 -39.54 7.89 -22.65
CA LEU D 59 -40.49 7.00 -21.98
C LEU D 59 -41.11 6.06 -23.01
N LEU D 60 -41.53 4.89 -22.54
CA LEU D 60 -42.20 3.93 -23.41
C LEU D 60 -43.60 4.43 -23.73
N LEU D 61 -43.97 4.36 -25.00
CA LEU D 61 -45.28 4.81 -25.51
C LEU D 61 -46.41 3.93 -24.95
N ASN D 62 -46.17 2.63 -24.96
CA ASN D 62 -47.05 1.63 -24.37
C ASN D 62 -47.04 1.80 -22.84
N THR D 63 -47.81 2.79 -22.35
CA THR D 63 -47.81 3.18 -20.91
C THR D 63 -48.28 2.07 -19.98
N SER D 64 -48.80 1.03 -20.60
CA SER D 64 -49.12 -0.25 -19.99
C SER D 64 -47.95 -0.80 -19.15
N VAL D 65 -46.74 -0.77 -19.70
CA VAL D 65 -45.54 -1.28 -19.02
C VAL D 65 -45.00 -0.20 -18.10
N THR D 66 -44.65 -0.61 -16.88
CA THR D 66 -44.71 0.29 -15.73
C THR D 66 -43.68 -0.04 -14.67
N CYS D 67 -43.28 0.99 -13.93
CA CYS D 67 -42.46 0.88 -12.73
C CYS D 67 -43.28 0.31 -11.56
N ASN D 68 -42.62 0.15 -10.41
CA ASN D 68 -43.29 -0.29 -9.19
C ASN D 68 -44.41 0.63 -8.76
N ASP D 69 -44.16 1.93 -8.79
CA ASP D 69 -45.13 2.94 -8.39
C ASP D 69 -46.26 3.09 -9.39
N GLY D 70 -46.11 2.57 -10.60
CA GLY D 70 -47.12 2.81 -11.62
C GLY D 70 -46.75 3.88 -12.62
N SER D 71 -45.65 4.59 -12.38
CA SER D 71 -45.16 5.59 -13.32
C SER D 71 -44.65 4.90 -14.59
N PRO D 72 -44.74 5.58 -15.76
CA PRO D 72 -44.22 4.92 -16.95
C PRO D 72 -42.71 4.70 -16.89
N ALA D 73 -42.27 3.62 -17.52
CA ALA D 73 -40.85 3.35 -17.62
C ALA D 73 -40.27 3.90 -18.94
N GLY D 74 -38.94 4.02 -18.98
CA GLY D 74 -38.27 4.53 -20.15
C GLY D 74 -36.83 4.10 -20.17
N TYR D 75 -36.05 4.76 -21.03
CA TYR D 75 -34.65 4.47 -21.24
C TYR D 75 -33.92 5.72 -21.72
N TYR D 76 -32.64 5.77 -21.43
CA TYR D 76 -31.79 6.85 -21.90
C TYR D 76 -31.06 6.41 -23.15
N LEU D 77 -31.04 7.27 -24.16
CA LEU D 77 -30.40 6.93 -25.43
C LEU D 77 -29.38 7.98 -25.91
N LYS D 78 -28.24 7.48 -26.36
CA LYS D 78 -27.29 8.25 -27.14
C LYS D 78 -27.14 7.53 -28.48
N GLU D 79 -27.50 8.22 -29.55
CA GLU D 79 -27.41 7.64 -30.89
C GLU D 79 -26.05 7.87 -31.55
N SER D 80 -25.36 6.79 -31.87
CA SER D 80 -24.24 6.87 -32.77
C SER D 80 -24.71 6.43 -34.13
N ARG D 81 -25.02 7.39 -35.01
CA ARG D 81 -25.55 7.07 -36.33
C ARG D 81 -24.52 6.37 -37.20
N GLY D 82 -23.25 6.75 -37.05
CA GLY D 82 -22.15 6.06 -37.73
C GLY D 82 -21.98 4.60 -37.32
N SER D 83 -22.21 4.30 -36.03
CA SER D 83 -21.89 2.99 -35.45
C SER D 83 -22.94 1.92 -35.73
N ARG D 84 -22.53 0.65 -35.80
CA ARG D 84 -23.48 -0.47 -35.88
C ARG D 84 -23.59 -1.27 -34.58
N ARG D 85 -22.80 -0.87 -33.57
CA ARG D 85 -22.78 -1.53 -32.26
C ARG D 85 -23.73 -0.82 -31.31
N TRP D 86 -24.49 -1.62 -30.56
CA TRP D 86 -25.41 -1.11 -29.56
C TRP D 86 -25.06 -1.66 -28.20
N LEU D 87 -25.16 -0.81 -27.18
CA LEU D 87 -25.07 -1.24 -25.78
C LEU D 87 -26.29 -0.87 -24.94
N LEU D 88 -27.02 -1.90 -24.51
CA LEU D 88 -28.13 -1.76 -23.57
C LEU D 88 -27.67 -2.17 -22.20
N PHE D 89 -27.65 -1.23 -21.28
CA PHE D 89 -27.21 -1.49 -19.95
C PHE D 89 -28.42 -1.58 -19.03
N LEU D 90 -28.39 -2.53 -18.10
CA LEU D 90 -29.45 -2.71 -17.10
C LEU D 90 -28.92 -2.33 -15.74
N GLU D 91 -29.52 -1.31 -15.12
CA GLU D 91 -29.05 -0.84 -13.84
C GLU D 91 -29.38 -1.86 -12.74
N GLY D 92 -28.58 -1.92 -11.70
CA GLY D 92 -28.84 -2.88 -10.65
C GLY D 92 -29.24 -2.15 -9.41
N GLY D 93 -29.07 -2.77 -8.25
CA GLY D 93 -29.43 -2.14 -6.99
C GLY D 93 -30.47 -2.88 -6.17
N TRP D 94 -30.23 -4.15 -5.91
CA TRP D 94 -31.07 -4.98 -5.04
C TRP D 94 -32.49 -5.25 -5.52
N TYR D 95 -33.36 -5.56 -4.57
CA TYR D 95 -34.68 -6.07 -4.84
C TYR D 95 -35.54 -5.85 -3.59
N CYS D 96 -36.85 -6.07 -3.71
CA CYS D 96 -37.70 -6.26 -2.54
C CYS D 96 -38.73 -7.34 -2.83
N PHE D 97 -38.91 -8.24 -1.87
CA PHE D 97 -39.72 -9.42 -2.07
C PHE D 97 -41.00 -9.49 -1.23
N ASN D 98 -41.25 -8.50 -0.38
CA ASN D 98 -42.51 -8.44 0.38
C ASN D 98 -43.00 -7.03 0.65
N ARG D 99 -44.31 -6.88 0.87
CA ARG D 99 -44.94 -5.57 1.06
C ARG D 99 -44.15 -4.63 1.96
N GLU D 100 -43.80 -5.10 3.16
CA GLU D 100 -43.09 -4.26 4.13
C GLU D 100 -41.81 -3.68 3.55
N ASN D 101 -40.93 -4.55 3.04
CA ASN D 101 -39.65 -4.14 2.48
C ASN D 101 -39.77 -3.21 1.27
N CYS D 102 -40.69 -3.49 0.36
CA CYS D 102 -40.95 -2.57 -0.75
C CYS D 102 -41.48 -1.23 -0.27
N ASP D 103 -42.25 -1.25 0.81
CA ASP D 103 -42.74 -0.01 1.37
C ASP D 103 -41.56 0.76 1.93
N SER D 104 -40.69 0.07 2.67
CA SER D 104 -39.51 0.69 3.26
C SER D 104 -38.60 1.27 2.19
N ARG D 105 -38.48 0.54 1.08
CA ARG D 105 -37.70 0.94 -0.06
C ARG D 105 -38.30 2.21 -0.66
N TYR D 106 -39.63 2.28 -0.67
CA TYR D 106 -40.35 3.38 -1.30
C TYR D 106 -40.09 4.70 -0.62
N ASP D 107 -39.98 4.67 0.69
CA ASP D 107 -39.65 5.87 1.42
C ASP D 107 -38.16 6.20 1.22
N THR D 108 -37.29 5.25 1.55
CA THR D 108 -35.84 5.50 1.48
C THR D 108 -35.23 5.66 0.08
N MET D 109 -35.68 4.88 -0.89
CA MET D 109 -35.04 4.84 -2.20
C MET D 109 -36.02 4.94 -3.36
N ARG D 110 -36.91 5.91 -3.26
CA ARG D 110 -37.97 6.05 -4.23
C ARG D 110 -37.49 6.00 -5.69
N ARG D 111 -36.27 6.47 -5.96
CA ARG D 111 -35.73 6.53 -7.33
C ARG D 111 -35.78 5.19 -8.08
N LEU D 112 -35.64 4.11 -7.33
CA LEU D 112 -35.63 2.77 -7.88
C LEU D 112 -37.02 2.17 -8.06
N MET D 113 -38.08 2.90 -7.69
CA MET D 113 -39.46 2.43 -7.90
C MET D 113 -40.31 3.32 -8.79
N SER D 114 -39.78 4.46 -9.20
CA SER D 114 -40.58 5.46 -9.93
C SER D 114 -39.78 6.15 -11.01
N SER D 115 -40.44 6.44 -12.13
CA SER D 115 -39.82 7.16 -13.21
C SER D 115 -39.87 8.67 -13.00
N ARG D 116 -40.32 9.09 -11.82
CA ARG D 116 -40.74 10.48 -11.64
C ARG D 116 -39.63 11.51 -11.49
N ASP D 117 -38.65 11.20 -10.65
CA ASP D 117 -37.58 12.13 -10.37
C ASP D 117 -36.39 11.90 -11.28
N TRP D 118 -36.61 11.22 -12.40
CA TRP D 118 -35.55 10.94 -13.35
C TRP D 118 -35.15 12.18 -14.13
N PRO D 119 -33.84 12.47 -14.17
CA PRO D 119 -33.31 13.51 -15.05
C PRO D 119 -33.70 13.26 -16.49
N ARG D 120 -33.84 14.33 -17.26
CA ARG D 120 -34.16 14.23 -18.70
C ARG D 120 -32.95 13.75 -19.50
N THR D 121 -31.76 13.89 -18.90
CA THR D 121 -30.53 13.37 -19.49
C THR D 121 -29.67 12.73 -18.41
N ARG D 122 -28.85 11.78 -18.85
CA ARG D 122 -27.91 11.11 -17.98
C ARG D 122 -26.62 11.06 -18.78
N THR D 123 -25.49 11.07 -18.10
CA THR D 123 -24.20 11.05 -18.81
C THR D 123 -23.52 9.70 -18.72
N GLY D 124 -23.07 9.20 -19.87
CA GLY D 124 -22.40 7.91 -19.91
C GLY D 124 -21.14 7.87 -19.08
N THR D 125 -20.97 6.79 -18.31
CA THR D 125 -19.72 6.56 -17.58
C THR D 125 -19.29 5.13 -17.82
N GLY D 126 -18.00 4.89 -17.66
CA GLY D 126 -17.40 3.59 -17.91
C GLY D 126 -17.73 3.11 -19.30
N ILE D 127 -18.42 1.98 -19.38
CA ILE D 127 -18.65 1.36 -20.67
C ILE D 127 -19.68 2.09 -21.49
N LEU D 128 -20.26 3.13 -20.91
CA LEU D 128 -21.33 3.89 -21.55
C LEU D 128 -20.86 5.26 -21.97
N SER D 129 -19.61 5.54 -21.61
CA SER D 129 -18.97 6.81 -21.91
C SER D 129 -18.68 6.92 -23.39
N SER D 130 -18.76 8.13 -23.92
CA SER D 130 -18.43 8.38 -25.32
C SER D 130 -17.07 9.06 -25.48
N GLN D 131 -16.31 9.09 -24.39
CA GLN D 131 -14.96 9.62 -24.38
C GLN D 131 -13.92 8.51 -24.48
N PRO D 132 -13.15 8.52 -25.57
CA PRO D 132 -12.18 7.49 -25.88
C PRO D 132 -11.24 7.22 -24.73
N GLU D 133 -11.02 8.24 -23.90
CA GLU D 133 -10.16 8.11 -22.72
C GLU D 133 -10.63 6.99 -21.81
N GLU D 134 -11.92 6.94 -21.51
CA GLU D 134 -12.42 5.93 -20.58
C GLU D 134 -13.26 4.85 -21.23
N ASN D 135 -13.38 4.91 -22.55
CA ASN D 135 -13.99 3.85 -23.33
C ASN D 135 -13.21 3.63 -24.64
N PRO D 136 -11.98 3.06 -24.55
CA PRO D 136 -11.09 3.05 -25.72
C PRO D 136 -11.62 2.33 -26.95
N TYR D 137 -12.37 1.24 -26.76
CA TYR D 137 -12.89 0.47 -27.90
C TYR D 137 -14.35 0.74 -28.26
N TRP D 138 -15.21 0.94 -27.26
CA TRP D 138 -16.64 1.06 -27.54
C TRP D 138 -17.26 2.44 -27.34
N TRP D 139 -16.44 3.49 -27.30
CA TRP D 139 -16.97 4.84 -27.05
C TRP D 139 -17.94 5.32 -28.12
N ASN D 140 -17.82 4.77 -29.32
CA ASN D 140 -18.57 5.27 -30.44
C ASN D 140 -19.84 4.49 -30.72
N ALA D 141 -20.15 3.53 -29.87
CA ALA D 141 -21.39 2.75 -30.05
C ALA D 141 -22.65 3.55 -29.70
N ASN D 142 -23.81 3.04 -30.13
CA ASN D 142 -25.10 3.52 -29.64
C ASN D 142 -25.28 3.07 -28.20
N MET D 143 -25.48 4.01 -27.29
CA MET D 143 -25.56 3.71 -25.86
C MET D 143 -26.99 3.79 -25.36
N VAL D 144 -27.41 2.75 -24.65
CA VAL D 144 -28.73 2.75 -23.99
C VAL D 144 -28.57 2.46 -22.50
N PHE D 145 -29.22 3.29 -21.68
CA PHE D 145 -29.27 3.05 -20.23
C PHE D 145 -30.73 2.82 -19.82
N ILE D 146 -30.99 1.64 -19.26
CA ILE D 146 -32.32 1.34 -18.78
C ILE D 146 -32.29 1.32 -17.27
N PRO D 147 -32.96 2.31 -16.64
CA PRO D 147 -32.96 2.41 -15.18
C PRO D 147 -33.84 1.33 -14.59
N TYR D 148 -33.46 0.90 -13.40
CA TYR D 148 -34.04 -0.24 -12.75
C TYR D 148 -35.32 0.18 -12.05
N CYS D 149 -36.43 0.11 -12.78
CA CYS D 149 -37.74 0.52 -12.25
C CYS D 149 -38.37 -0.53 -11.36
N SER D 150 -38.12 -1.80 -11.70
CA SER D 150 -38.95 -2.91 -11.25
C SER D 150 -38.77 -3.47 -9.84
N SER D 151 -37.55 -3.54 -9.33
CA SER D 151 -37.27 -4.21 -8.05
C SER D 151 -37.37 -5.73 -8.14
N ASP D 152 -37.59 -6.23 -9.35
CA ASP D 152 -37.83 -7.64 -9.62
C ASP D 152 -36.59 -8.37 -10.08
N VAL D 153 -35.46 -7.65 -10.17
CA VAL D 153 -34.26 -8.23 -10.75
C VAL D 153 -34.49 -8.49 -12.24
N TRP D 154 -35.48 -7.81 -12.79
CA TRP D 154 -35.80 -7.85 -14.20
C TRP D 154 -36.57 -9.10 -14.57
N SER D 155 -36.84 -9.93 -13.56
CA SER D 155 -37.58 -11.19 -13.72
C SER D 155 -39.07 -11.08 -14.09
N GLY D 156 -39.78 -10.15 -13.45
CA GLY D 156 -41.24 -10.03 -13.58
C GLY D 156 -41.73 -9.81 -15.00
N ALA D 157 -42.86 -10.44 -15.35
CA ALA D 157 -43.44 -10.30 -16.68
C ALA D 157 -44.96 -10.27 -16.57
N SER D 158 -45.41 -9.98 -15.35
CA SER D 158 -46.83 -10.00 -15.00
C SER D 158 -47.65 -8.96 -15.73
N SER D 159 -48.54 -9.45 -16.61
CA SER D 159 -49.53 -8.63 -17.34
C SER D 159 -50.17 -7.56 -16.45
N LYS D 160 -50.92 -8.03 -15.45
CA LYS D 160 -51.72 -7.16 -14.58
C LYS D 160 -50.87 -6.37 -13.59
N ASN D 164 -53.64 -2.00 -4.47
CA ASN D 164 -52.73 -2.00 -3.33
C ASN D 164 -51.39 -2.73 -3.57
N GLU D 165 -51.00 -2.88 -4.83
CA GLU D 165 -49.88 -3.73 -5.18
C GLU D 165 -48.91 -3.06 -6.15
N TYR D 166 -47.62 -3.25 -5.93
CA TYR D 166 -46.62 -2.73 -6.83
C TYR D 166 -46.61 -3.58 -8.10
N ALA D 167 -46.06 -3.02 -9.17
CA ALA D 167 -45.91 -3.78 -10.41
C ALA D 167 -44.48 -4.30 -10.57
N PHE D 168 -44.37 -5.52 -11.07
CA PHE D 168 -43.08 -6.11 -11.30
C PHE D 168 -42.97 -6.51 -12.76
N MET D 169 -42.49 -5.59 -13.58
CA MET D 169 -42.52 -5.79 -15.02
C MET D 169 -41.14 -5.65 -15.67
N GLY D 170 -40.09 -5.85 -14.87
CA GLY D 170 -38.71 -5.79 -15.35
C GLY D 170 -38.46 -6.49 -16.66
N ALA D 171 -38.85 -7.77 -16.74
CA ALA D 171 -38.71 -8.53 -17.97
C ALA D 171 -39.51 -7.90 -19.12
N LEU D 172 -40.64 -7.25 -18.79
CA LEU D 172 -41.46 -6.63 -19.83
C LEU D 172 -40.88 -5.30 -20.31
N ILE D 173 -40.29 -4.55 -19.37
CA ILE D 173 -39.63 -3.30 -19.70
C ILE D 173 -38.57 -3.55 -20.75
N ILE D 174 -37.71 -4.55 -20.50
CA ILE D 174 -36.64 -4.90 -21.44
C ILE D 174 -37.20 -5.18 -22.81
N GLN D 175 -38.27 -5.97 -22.84
CA GLN D 175 -38.89 -6.37 -24.09
C GLN D 175 -39.35 -5.15 -24.86
N GLU D 176 -39.96 -4.21 -24.14
CA GLU D 176 -40.56 -3.05 -24.76
C GLU D 176 -39.50 -2.09 -25.27
N VAL D 177 -38.43 -1.98 -24.49
CA VAL D 177 -37.27 -1.19 -24.85
C VAL D 177 -36.72 -1.64 -26.20
N VAL D 178 -36.43 -2.93 -26.35
CA VAL D 178 -35.90 -3.47 -27.62
C VAL D 178 -36.82 -3.20 -28.80
N ARG D 179 -38.13 -3.37 -28.61
CA ARG D 179 -39.05 -3.08 -29.70
C ARG D 179 -39.10 -1.58 -30.07
N GLU D 180 -39.09 -0.68 -29.08
CA GLU D 180 -38.98 0.76 -29.37
C GLU D 180 -37.65 1.13 -30.04
N LEU D 181 -36.55 0.54 -29.59
CA LEU D 181 -35.24 0.78 -30.17
C LEU D 181 -35.15 0.35 -31.62
N LEU D 182 -35.93 -0.66 -32.01
CA LEU D 182 -36.00 -1.06 -33.40
C LEU D 182 -36.44 0.12 -34.24
N GLY D 183 -37.36 0.91 -33.69
CA GLY D 183 -37.78 2.16 -34.30
C GLY D 183 -36.69 3.21 -34.35
N ARG D 184 -35.69 3.08 -33.47
CA ARG D 184 -34.62 4.08 -33.40
C ARG D 184 -33.31 3.59 -34.02
N GLY D 185 -33.41 2.68 -34.99
CA GLY D 185 -32.24 2.25 -35.72
C GLY D 185 -31.56 1.01 -35.18
N LEU D 186 -32.14 0.39 -34.16
CA LEU D 186 -31.60 -0.89 -33.68
C LEU D 186 -31.62 -1.95 -34.78
N SER D 187 -32.53 -1.78 -35.74
CA SER D 187 -32.64 -2.63 -36.91
C SER D 187 -31.31 -2.83 -37.68
N GLY D 188 -30.54 -1.76 -37.82
CA GLY D 188 -29.31 -1.82 -38.59
C GLY D 188 -28.15 -2.53 -37.91
N ALA D 189 -28.26 -2.75 -36.60
CA ALA D 189 -27.12 -3.21 -35.78
C ALA D 189 -26.50 -4.56 -36.16
N LYS D 190 -25.18 -4.63 -36.04
CA LYS D 190 -24.47 -5.87 -36.24
C LYS D 190 -24.29 -6.60 -34.91
N VAL D 191 -24.08 -5.84 -33.84
CA VAL D 191 -23.98 -6.42 -32.51
C VAL D 191 -24.84 -5.67 -31.52
N LEU D 192 -25.70 -6.39 -30.82
CA LEU D 192 -26.38 -5.83 -29.66
C LEU D 192 -25.77 -6.51 -28.45
N LEU D 193 -25.05 -5.72 -27.65
CA LEU D 193 -24.56 -6.22 -26.38
C LEU D 193 -25.51 -5.83 -25.26
N LEU D 194 -25.97 -6.82 -24.52
CA LEU D 194 -26.80 -6.59 -23.36
C LEU D 194 -25.96 -6.66 -22.10
N ALA D 195 -25.73 -5.53 -21.45
CA ALA D 195 -24.84 -5.49 -20.29
C ALA D 195 -25.58 -5.10 -19.02
N GLY D 196 -24.98 -5.43 -17.88
CA GLY D 196 -25.54 -5.03 -16.60
C GLY D 196 -24.68 -5.18 -15.37
N SER D 197 -24.95 -4.35 -14.38
CA SER D 197 -24.25 -4.40 -13.11
C SER D 197 -25.15 -4.84 -11.99
N SER D 198 -24.60 -5.66 -11.08
CA SER D 198 -25.28 -5.99 -9.84
C SER D 198 -26.52 -6.81 -10.17
N ALA D 199 -27.69 -6.39 -9.69
CA ALA D 199 -28.96 -7.01 -10.03
C ALA D 199 -29.21 -6.93 -11.54
N GLY D 200 -28.70 -5.87 -12.14
CA GLY D 200 -28.76 -5.75 -13.59
C GLY D 200 -27.85 -6.79 -14.21
N GLY D 201 -26.93 -7.30 -13.40
CA GLY D 201 -25.98 -8.32 -13.85
C GLY D 201 -26.73 -9.62 -14.00
N THR D 202 -27.42 -10.00 -12.92
CA THR D 202 -28.24 -11.19 -12.93
C THR D 202 -29.33 -11.04 -13.99
N GLY D 203 -29.79 -9.80 -14.18
CA GLY D 203 -30.84 -9.49 -15.15
C GLY D 203 -30.45 -9.87 -16.55
N VAL D 204 -29.15 -9.84 -16.85
CA VAL D 204 -28.61 -10.16 -18.17
C VAL D 204 -28.78 -11.64 -18.41
N LEU D 205 -28.34 -12.43 -17.44
CA LEU D 205 -28.48 -13.88 -17.54
C LEU D 205 -29.93 -14.30 -17.76
N LEU D 206 -30.85 -13.57 -17.16
CA LEU D 206 -32.24 -13.95 -17.21
C LEU D 206 -32.87 -13.56 -18.52
N ASN D 207 -32.36 -12.50 -19.13
CA ASN D 207 -33.07 -11.91 -20.25
C ASN D 207 -32.35 -12.05 -21.58
N VAL D 208 -31.08 -12.41 -21.53
CA VAL D 208 -30.32 -12.42 -22.77
C VAL D 208 -30.94 -13.41 -23.77
N ASP D 209 -31.38 -14.56 -23.29
CA ASP D 209 -32.07 -15.57 -24.11
C ASP D 209 -33.39 -15.12 -24.71
N ARG D 210 -34.22 -14.47 -23.90
CA ARG D 210 -35.48 -13.90 -24.38
C ARG D 210 -35.29 -12.84 -25.45
N VAL D 211 -34.31 -11.95 -25.24
CA VAL D 211 -34.06 -10.87 -26.18
C VAL D 211 -33.61 -11.42 -27.52
N ALA D 212 -32.71 -12.38 -27.49
CA ALA D 212 -32.21 -13.02 -28.71
C ALA D 212 -33.39 -13.60 -29.43
N GLU D 213 -34.29 -14.20 -28.64
CA GLU D 213 -35.56 -14.78 -29.07
C GLU D 213 -36.50 -13.74 -29.72
N GLN D 214 -36.73 -12.63 -29.01
CA GLN D 214 -37.64 -11.56 -29.49
C GLN D 214 -37.21 -11.04 -30.84
N LEU D 215 -35.91 -10.83 -31.00
CA LEU D 215 -35.37 -10.25 -32.22
C LEU D 215 -35.49 -11.14 -33.44
N GLU D 216 -35.13 -12.42 -33.29
CA GLU D 216 -35.16 -13.33 -34.44
C GLU D 216 -36.58 -13.46 -34.99
N LYS D 217 -37.56 -13.45 -34.09
CA LYS D 217 -38.97 -13.50 -34.46
C LYS D 217 -39.35 -12.33 -35.36
N LEU D 218 -39.06 -11.12 -34.90
CA LEU D 218 -39.36 -9.93 -35.69
C LEU D 218 -38.40 -9.72 -36.86
N GLY D 219 -37.98 -10.81 -37.50
CA GLY D 219 -37.18 -10.73 -38.73
C GLY D 219 -35.88 -9.93 -38.62
N TYR D 220 -35.13 -10.16 -37.55
CA TYR D 220 -33.81 -9.57 -37.40
C TYR D 220 -32.79 -10.64 -37.05
N PRO D 221 -32.55 -11.60 -37.99
CA PRO D 221 -31.54 -12.61 -37.74
C PRO D 221 -30.13 -12.04 -37.77
N ALA D 222 -29.93 -10.94 -38.48
CA ALA D 222 -28.62 -10.32 -38.66
C ALA D 222 -28.01 -9.74 -37.39
N ILE D 223 -28.84 -9.23 -36.48
CA ILE D 223 -28.38 -8.69 -35.20
C ILE D 223 -27.91 -9.81 -34.28
N GLN D 224 -26.67 -9.68 -33.80
CA GLN D 224 -26.13 -10.62 -32.84
C GLN D 224 -26.34 -10.10 -31.41
N VAL D 225 -27.07 -10.86 -30.60
CA VAL D 225 -27.24 -10.52 -29.19
C VAL D 225 -26.13 -11.20 -28.38
N ARG D 226 -25.56 -10.48 -27.43
CA ARG D 226 -24.44 -10.98 -26.62
C ARG D 226 -24.65 -10.45 -25.24
N GLY D 227 -24.00 -11.06 -24.25
CA GLY D 227 -24.23 -10.68 -22.88
C GLY D 227 -22.99 -10.36 -22.07
N LEU D 228 -23.13 -9.39 -21.18
CA LEU D 228 -22.09 -9.02 -20.25
C LEU D 228 -22.69 -8.83 -18.84
N ALA D 229 -22.28 -9.67 -17.90
CA ALA D 229 -22.88 -9.67 -16.56
C ALA D 229 -21.85 -9.39 -15.45
N ASP D 230 -21.94 -8.18 -14.89
CA ASP D 230 -20.99 -7.67 -13.90
C ASP D 230 -21.58 -7.73 -12.50
N SER D 231 -20.90 -8.48 -11.63
CA SER D 231 -21.32 -8.69 -10.25
C SER D 231 -22.71 -9.31 -10.11
N GLY D 232 -23.16 -10.03 -11.13
CA GLY D 232 -24.47 -10.69 -11.10
C GLY D 232 -24.35 -12.18 -10.81
N TRP D 233 -23.13 -12.60 -10.51
CA TRP D 233 -22.81 -14.01 -10.34
C TRP D 233 -22.75 -14.31 -8.86
N PHE D 234 -23.82 -14.85 -8.32
CA PHE D 234 -23.84 -15.13 -6.89
C PHE D 234 -23.85 -16.62 -6.50
N LEU D 235 -23.48 -16.85 -5.25
CA LEU D 235 -23.55 -18.18 -4.66
C LEU D 235 -24.71 -18.30 -3.64
N ASP D 236 -25.39 -19.44 -3.69
CA ASP D 236 -26.44 -19.75 -2.73
C ASP D 236 -25.86 -20.57 -1.57
N ASN D 237 -25.03 -19.93 -0.77
CA ASN D 237 -24.22 -20.62 0.21
C ASN D 237 -24.70 -20.32 1.61
N LYS D 238 -24.10 -20.99 2.59
CA LYS D 238 -24.34 -20.71 4.00
C LYS D 238 -23.74 -19.35 4.42
N GLN D 239 -24.51 -18.57 5.18
CA GLN D 239 -24.06 -17.29 5.73
C GLN D 239 -22.98 -17.51 6.78
N TYR D 240 -22.20 -16.46 7.06
CA TYR D 240 -21.18 -16.55 8.10
C TYR D 240 -21.85 -16.71 9.46
N ARG D 241 -22.89 -15.91 9.68
CA ARG D 241 -23.78 -16.07 10.83
C ARG D 241 -25.21 -16.13 10.31
N HIS D 242 -26.01 -17.08 10.76
CA HIS D 242 -27.38 -17.13 10.26
C HIS D 242 -28.18 -15.93 10.75
N THR D 243 -28.94 -15.32 9.85
CA THR D 243 -29.78 -14.20 10.19
C THR D 243 -31.20 -14.43 9.68
N ASP D 244 -32.18 -14.18 10.54
CA ASP D 244 -33.58 -14.32 10.15
C ASP D 244 -33.88 -13.40 8.99
N CYS D 245 -34.64 -13.89 8.03
CA CYS D 245 -34.90 -13.11 6.83
C CYS D 245 -35.97 -12.05 7.08
N VAL D 246 -35.55 -10.95 7.69
CA VAL D 246 -36.45 -9.84 8.02
C VAL D 246 -36.20 -8.64 7.09
N ASP D 247 -34.94 -8.21 6.97
CA ASP D 247 -34.55 -7.11 6.09
C ASP D 247 -33.85 -7.61 4.82
N THR D 248 -34.15 -6.96 3.70
CA THR D 248 -33.58 -7.27 2.38
C THR D 248 -32.07 -7.51 2.37
N ILE D 249 -31.31 -6.61 2.96
CA ILE D 249 -29.86 -6.70 3.04
C ILE D 249 -29.42 -8.01 3.70
N THR D 250 -30.10 -8.34 4.79
CA THR D 250 -29.72 -9.47 5.64
C THR D 250 -30.22 -10.84 5.14
N CYS D 251 -31.35 -10.85 4.43
CA CYS D 251 -31.89 -12.10 3.96
C CYS D 251 -30.88 -12.85 3.14
N ALA D 252 -30.76 -14.15 3.42
CA ALA D 252 -29.84 -15.03 2.72
C ALA D 252 -30.25 -15.23 1.26
N PRO D 253 -29.26 -15.47 0.38
CA PRO D 253 -29.51 -15.39 -1.07
C PRO D 253 -30.65 -16.31 -1.52
N THR D 254 -30.60 -17.58 -1.11
CA THR D 254 -31.62 -18.56 -1.48
C THR D 254 -33.05 -18.19 -1.05
N GLU D 255 -33.18 -17.81 0.22
CA GLU D 255 -34.44 -17.49 0.83
C GLU D 255 -35.07 -16.27 0.18
N ALA D 256 -34.22 -15.26 -0.07
CA ALA D 256 -34.62 -14.02 -0.74
C ALA D 256 -35.28 -14.28 -2.09
N ILE D 257 -34.62 -15.12 -2.90
CA ILE D 257 -35.05 -15.36 -4.26
C ILE D 257 -36.24 -16.32 -4.27
N ARG D 258 -36.28 -17.21 -3.29
CA ARG D 258 -37.45 -18.06 -3.07
C ARG D 258 -38.73 -17.23 -2.87
N ARG D 259 -38.66 -16.31 -1.90
CA ARG D 259 -39.73 -15.37 -1.62
C ARG D 259 -39.95 -14.47 -2.81
N GLY D 260 -38.88 -13.86 -3.30
CA GLY D 260 -38.95 -12.90 -4.38
C GLY D 260 -39.73 -13.42 -5.57
N ILE D 261 -39.31 -14.57 -6.08
CA ILE D 261 -39.86 -15.06 -7.32
C ILE D 261 -41.39 -15.21 -7.27
N ARG D 262 -41.92 -15.59 -6.11
CA ARG D 262 -43.37 -15.65 -5.90
C ARG D 262 -43.95 -14.24 -6.01
N TYR D 263 -43.38 -13.32 -5.24
CA TYR D 263 -43.92 -11.98 -5.10
C TYR D 263 -43.90 -11.25 -6.44
N TRP D 264 -42.82 -11.42 -7.18
CA TRP D 264 -42.64 -10.72 -8.46
C TRP D 264 -43.43 -11.36 -9.60
N ASN D 265 -43.76 -12.63 -9.45
CA ASN D 265 -44.27 -13.42 -10.57
C ASN D 265 -43.19 -13.56 -11.63
N GLY D 266 -41.99 -13.92 -11.19
CA GLY D 266 -40.83 -13.89 -12.08
C GLY D 266 -40.72 -15.05 -13.07
N VAL D 267 -40.49 -14.72 -14.34
CA VAL D 267 -40.21 -15.72 -15.33
C VAL D 267 -38.70 -15.94 -15.45
N VAL D 268 -38.29 -17.19 -15.62
CA VAL D 268 -36.88 -17.47 -15.82
C VAL D 268 -36.65 -17.98 -17.24
N PRO D 269 -35.39 -18.02 -17.68
CA PRO D 269 -35.06 -18.72 -18.90
C PRO D 269 -35.67 -20.12 -18.94
N GLU D 270 -36.46 -20.36 -19.98
CA GLU D 270 -37.12 -21.65 -20.19
C GLU D 270 -36.11 -22.80 -20.26
N ARG D 271 -34.94 -22.54 -20.87
CA ARG D 271 -33.87 -23.52 -20.96
C ARG D 271 -33.36 -23.99 -19.61
N CYS D 272 -33.19 -23.05 -18.68
CA CYS D 272 -32.78 -23.38 -17.33
C CYS D 272 -33.98 -23.92 -16.54
N ARG D 273 -35.16 -23.37 -16.82
CA ARG D 273 -36.43 -23.84 -16.23
C ARG D 273 -36.55 -25.37 -16.27
N ARG D 274 -36.12 -25.96 -17.37
CA ARG D 274 -36.23 -27.40 -17.62
C ARG D 274 -35.39 -28.29 -16.70
N GLN D 275 -34.19 -27.86 -16.33
CA GLN D 275 -33.38 -28.69 -15.42
C GLN D 275 -33.98 -28.80 -14.03
N PHE D 276 -34.95 -27.95 -13.71
CA PHE D 276 -35.42 -27.87 -12.33
C PHE D 276 -36.87 -28.24 -12.12
N GLN D 277 -37.14 -28.70 -10.90
CA GLN D 277 -38.48 -28.98 -10.38
C GLN D 277 -39.34 -27.71 -10.49
N GLU D 278 -40.62 -27.86 -10.80
CA GLU D 278 -41.49 -26.69 -10.84
C GLU D 278 -41.58 -26.13 -9.43
N GLY D 279 -41.61 -24.79 -9.32
CA GLY D 279 -41.55 -24.12 -8.02
C GLY D 279 -40.15 -24.13 -7.44
N GLU D 280 -39.19 -24.56 -8.25
CA GLU D 280 -37.79 -24.54 -7.85
C GLU D 280 -36.96 -23.71 -8.83
N GLU D 281 -37.61 -22.73 -9.44
CA GLU D 281 -37.03 -21.92 -10.49
C GLU D 281 -36.03 -20.88 -9.93
N TRP D 282 -35.97 -20.77 -8.61
CA TRP D 282 -35.08 -19.81 -7.98
C TRP D 282 -33.63 -20.15 -8.22
N ASN D 283 -33.36 -21.41 -8.60
CA ASN D 283 -32.04 -21.86 -9.01
C ASN D 283 -31.51 -21.07 -10.19
N CYS D 284 -32.38 -20.81 -11.17
CA CYS D 284 -32.02 -20.02 -12.35
C CYS D 284 -31.58 -18.59 -12.06
N PHE D 285 -31.50 -18.21 -10.80
CA PHE D 285 -31.09 -16.85 -10.44
C PHE D 285 -29.63 -16.84 -10.07
N PHE D 286 -28.98 -17.98 -10.31
CA PHE D 286 -27.58 -18.14 -9.99
C PHE D 286 -26.79 -18.51 -11.24
N GLY D 287 -25.75 -17.70 -11.51
CA GLY D 287 -24.96 -17.84 -12.72
C GLY D 287 -24.53 -19.26 -13.03
N TYR D 288 -23.88 -19.89 -12.05
CA TYR D 288 -23.36 -21.22 -12.26
C TYR D 288 -24.44 -22.24 -12.59
N LYS D 289 -25.64 -22.03 -12.07
CA LYS D 289 -26.78 -22.86 -12.42
C LYS D 289 -27.36 -22.55 -13.79
N VAL D 290 -27.21 -21.31 -14.24
CA VAL D 290 -27.86 -20.85 -15.46
C VAL D 290 -26.92 -20.80 -16.67
N TYR D 291 -25.62 -20.74 -16.41
CA TYR D 291 -24.66 -20.50 -17.46
C TYR D 291 -24.53 -21.63 -18.49
N PRO D 292 -24.38 -22.88 -18.04
CA PRO D 292 -24.27 -23.98 -18.99
C PRO D 292 -25.43 -24.05 -19.99
N THR D 293 -26.62 -23.65 -19.57
CA THR D 293 -27.82 -23.75 -20.41
C THR D 293 -27.89 -22.66 -21.49
N LEU D 294 -27.24 -21.53 -21.24
CA LEU D 294 -27.43 -20.31 -22.05
C LEU D 294 -27.11 -20.43 -23.52
N ARG D 295 -28.01 -19.94 -24.34
CA ARG D 295 -27.86 -19.99 -25.80
C ARG D 295 -26.85 -18.96 -26.31
N CYS D 296 -26.89 -17.77 -25.71
CA CYS D 296 -26.04 -16.67 -26.14
C CYS D 296 -24.63 -16.70 -25.54
N PRO D 297 -23.66 -16.06 -26.22
CA PRO D 297 -22.35 -15.92 -25.59
C PRO D 297 -22.44 -14.87 -24.49
N VAL D 298 -21.87 -15.14 -23.33
CA VAL D 298 -21.92 -14.19 -22.23
C VAL D 298 -20.56 -14.07 -21.57
N PHE D 299 -20.09 -12.85 -21.44
CA PHE D 299 -18.86 -12.52 -20.70
C PHE D 299 -19.21 -12.24 -19.24
N VAL D 300 -18.47 -12.81 -18.31
CA VAL D 300 -18.75 -12.63 -16.89
C VAL D 300 -17.68 -11.80 -16.18
N VAL D 301 -18.10 -10.73 -15.50
CA VAL D 301 -17.23 -9.92 -14.67
C VAL D 301 -17.67 -10.05 -13.23
N GLN D 302 -16.77 -10.48 -12.36
CA GLN D 302 -17.15 -10.76 -10.98
C GLN D 302 -15.96 -10.58 -10.04
N TRP D 303 -16.07 -9.76 -9.01
CA TRP D 303 -15.01 -9.72 -8.00
C TRP D 303 -15.04 -11.01 -7.21
N LEU D 304 -13.87 -11.59 -6.98
CA LEU D 304 -13.81 -12.85 -6.26
C LEU D 304 -14.37 -12.74 -4.86
N PHE D 305 -14.32 -11.54 -4.29
CA PHE D 305 -14.87 -11.27 -2.96
C PHE D 305 -15.87 -10.11 -2.99
N ASP D 306 -17.06 -10.38 -3.54
CA ASP D 306 -18.07 -9.34 -3.76
C ASP D 306 -18.70 -8.77 -2.49
N GLU D 307 -18.80 -7.45 -2.44
CA GLU D 307 -19.43 -6.76 -1.31
C GLU D 307 -20.88 -7.17 -1.16
N ALA D 308 -21.61 -7.23 -2.29
CA ALA D 308 -23.01 -7.61 -2.25
C ALA D 308 -23.21 -9.03 -1.73
N GLN D 309 -22.39 -9.95 -2.25
CA GLN D 309 -22.39 -11.34 -1.81
C GLN D 309 -22.09 -11.44 -0.32
N LEU D 310 -21.10 -10.68 0.12
CA LEU D 310 -20.73 -10.70 1.52
C LEU D 310 -21.86 -10.16 2.39
N THR D 311 -22.60 -9.20 1.85
CA THR D 311 -23.66 -8.53 2.60
C THR D 311 -24.76 -9.53 2.90
N VAL D 312 -25.21 -10.25 1.88
CA VAL D 312 -26.27 -11.24 2.09
C VAL D 312 -25.78 -12.46 2.85
N ASP D 313 -24.45 -12.61 2.96
CA ASP D 313 -23.85 -13.69 3.76
C ASP D 313 -23.68 -13.27 5.20
N ASN D 314 -24.27 -12.12 5.53
CA ASN D 314 -24.24 -11.53 6.88
C ASN D 314 -22.82 -11.24 7.39
N VAL D 315 -21.98 -10.73 6.51
CA VAL D 315 -20.64 -10.28 6.88
C VAL D 315 -20.63 -8.76 6.69
N HIS D 316 -20.64 -8.03 7.80
CA HIS D 316 -20.49 -6.58 7.76
C HIS D 316 -19.01 -6.26 7.94
N LEU D 317 -18.38 -5.70 6.91
CA LEU D 317 -16.95 -5.38 6.99
C LEU D 317 -16.71 -3.93 7.39
N THR D 318 -16.20 -3.76 8.61
CA THR D 318 -16.10 -2.45 9.23
C THR D 318 -14.72 -2.29 9.87
N GLY D 319 -14.42 -1.11 10.39
CA GLY D 319 -13.18 -0.90 11.11
C GLY D 319 -13.11 -1.69 12.40
N GLN D 320 -13.03 -3.02 12.29
CA GLN D 320 -12.97 -3.91 13.44
C GLN D 320 -11.94 -5.01 13.16
N PRO D 321 -11.23 -5.46 14.20
CA PRO D 321 -10.23 -6.50 13.95
C PRO D 321 -10.90 -7.77 13.43
N VAL D 322 -10.24 -8.47 12.52
CA VAL D 322 -10.86 -9.60 11.83
C VAL D 322 -10.58 -10.95 12.49
N GLN D 323 -11.65 -11.63 12.88
CA GLN D 323 -11.55 -12.92 13.52
C GLN D 323 -10.91 -13.95 12.59
N GLU D 324 -10.17 -14.88 13.17
CA GLU D 324 -9.58 -15.99 12.42
C GLU D 324 -10.68 -16.68 11.65
N GLY D 325 -11.81 -16.92 12.32
CA GLY D 325 -12.98 -17.52 11.70
C GLY D 325 -13.47 -16.75 10.50
N LEU D 326 -13.66 -15.45 10.67
CA LEU D 326 -14.16 -14.63 9.58
C LEU D 326 -13.21 -14.63 8.37
N ARG D 327 -11.90 -14.51 8.62
CA ARG D 327 -10.94 -14.52 7.54
C ARG D 327 -11.06 -15.82 6.73
N LEU D 328 -11.27 -16.94 7.42
CA LEU D 328 -11.50 -18.24 6.80
C LEU D 328 -12.71 -18.29 5.87
N TYR D 329 -13.83 -17.71 6.31
CA TYR D 329 -15.04 -17.62 5.51
C TYR D 329 -14.74 -16.92 4.16
N ILE D 330 -14.12 -15.74 4.25
CA ILE D 330 -13.88 -14.92 3.07
C ILE D 330 -13.00 -15.59 2.01
N GLN D 331 -11.91 -16.23 2.42
CA GLN D 331 -11.10 -16.91 1.42
C GLN D 331 -11.83 -18.05 0.73
N ASN D 332 -12.59 -18.84 1.49
CA ASN D 332 -13.41 -19.92 0.93
C ASN D 332 -14.40 -19.43 -0.11
N LEU D 333 -14.99 -18.27 0.15
CA LEU D 333 -15.92 -17.65 -0.77
C LEU D 333 -15.24 -17.39 -2.12
N GLY D 334 -14.01 -16.87 -2.05
CA GLY D 334 -13.19 -16.66 -3.25
C GLY D 334 -12.78 -17.98 -3.86
N ARG D 335 -12.33 -18.90 -3.00
CA ARG D 335 -12.02 -20.26 -3.39
C ARG D 335 -13.19 -20.77 -4.22
N GLU D 336 -14.36 -20.82 -3.60
CA GLU D 336 -15.62 -21.26 -4.22
C GLU D 336 -15.96 -20.55 -5.52
N LEU D 337 -16.03 -19.24 -5.48
CA LEU D 337 -16.39 -18.47 -6.64
C LEU D 337 -15.48 -18.79 -7.80
N ARG D 338 -14.18 -18.88 -7.50
CA ARG D 338 -13.17 -19.15 -8.52
C ARG D 338 -13.49 -20.49 -9.15
N HIS D 339 -13.75 -21.49 -8.31
CA HIS D 339 -14.19 -22.82 -8.73
C HIS D 339 -15.37 -22.78 -9.70
N THR D 340 -16.39 -21.98 -9.41
CA THR D 340 -17.52 -21.88 -10.34
C THR D 340 -17.13 -21.29 -11.70
N LEU D 341 -16.07 -20.50 -11.75
CA LEU D 341 -15.72 -19.78 -12.98
C LEU D 341 -14.73 -20.53 -13.84
N LYS D 342 -14.33 -21.71 -13.35
CA LYS D 342 -13.37 -22.60 -14.00
C LYS D 342 -13.76 -22.89 -15.46
N ASP D 343 -15.03 -23.23 -15.67
CA ASP D 343 -15.53 -23.57 -17.00
C ASP D 343 -16.40 -22.45 -17.60
N VAL D 344 -16.29 -21.25 -17.06
CA VAL D 344 -16.78 -20.06 -17.76
C VAL D 344 -15.62 -19.51 -18.58
N PRO D 345 -15.65 -19.72 -19.90
CA PRO D 345 -14.52 -19.34 -20.75
C PRO D 345 -14.23 -17.83 -20.80
N ALA D 346 -15.24 -17.01 -21.09
CA ALA D 346 -15.05 -15.56 -21.14
C ALA D 346 -15.36 -14.95 -19.79
N SER D 347 -14.32 -14.65 -19.02
CA SER D 347 -14.52 -14.12 -17.66
C SER D 347 -13.35 -13.31 -17.14
N PHE D 348 -13.66 -12.48 -16.16
CA PHE D 348 -12.73 -11.51 -15.60
C PHE D 348 -13.07 -11.39 -14.11
N ALA D 349 -12.15 -11.80 -13.24
CA ALA D 349 -12.47 -11.92 -11.85
C ALA D 349 -11.30 -11.56 -10.93
N PRO D 350 -11.00 -10.25 -10.81
CA PRO D 350 -9.90 -9.78 -9.97
C PRO D 350 -10.15 -10.10 -8.49
N ALA D 351 -9.11 -10.51 -7.78
CA ALA D 351 -9.19 -10.93 -6.38
C ALA D 351 -9.27 -9.74 -5.46
N CYS D 352 -10.46 -9.17 -5.39
CA CYS D 352 -10.64 -7.85 -4.87
C CYS D 352 -12.02 -7.75 -4.23
N LEU D 353 -12.07 -7.09 -3.09
CA LEU D 353 -13.31 -6.85 -2.38
C LEU D 353 -13.89 -5.52 -2.83
N SER D 354 -14.91 -5.60 -3.67
CA SER D 354 -15.55 -4.46 -4.27
C SER D 354 -16.84 -4.94 -4.92
N HIS D 355 -17.71 -4.00 -5.32
CA HIS D 355 -18.95 -4.34 -5.99
C HIS D 355 -19.17 -3.39 -7.15
N GLU D 356 -19.42 -3.94 -8.35
CA GLU D 356 -19.70 -3.14 -9.56
C GLU D 356 -18.49 -2.42 -10.12
N ILE D 357 -18.25 -2.57 -11.42
CA ILE D 357 -17.07 -1.98 -12.04
C ILE D 357 -17.36 -1.25 -13.34
N ILE D 358 -18.14 -1.92 -14.18
CA ILE D 358 -18.27 -1.60 -15.60
C ILE D 358 -18.87 -0.24 -15.88
N ILE D 359 -19.73 0.21 -14.97
CA ILE D 359 -20.38 1.51 -15.07
C ILE D 359 -19.49 2.62 -14.46
N ARG D 360 -18.41 2.24 -13.76
CA ARG D 360 -17.47 3.19 -13.13
C ARG D 360 -16.48 3.79 -14.13
N SER D 361 -15.96 4.97 -13.79
CA SER D 361 -14.95 5.67 -14.59
C SER D 361 -13.59 4.98 -14.56
N HIS D 362 -13.26 4.40 -13.41
CA HIS D 362 -11.96 3.82 -13.16
C HIS D 362 -11.89 2.33 -13.51
N TRP D 363 -12.81 1.86 -14.37
CA TRP D 363 -12.84 0.45 -14.73
C TRP D 363 -11.65 0.05 -15.55
N THR D 364 -11.16 1.00 -16.35
CA THR D 364 -9.97 0.76 -17.15
C THR D 364 -8.72 0.53 -16.30
N ASP D 365 -8.74 0.90 -15.03
CA ASP D 365 -7.56 0.73 -14.18
C ASP D 365 -7.28 -0.72 -13.82
N VAL D 366 -8.31 -1.49 -13.51
CA VAL D 366 -8.16 -2.87 -13.04
C VAL D 366 -7.57 -3.79 -14.12
N GLN D 367 -6.63 -4.64 -13.68
CA GLN D 367 -6.01 -5.66 -14.51
C GLN D 367 -5.91 -6.99 -13.75
N VAL D 368 -5.97 -8.10 -14.49
CA VAL D 368 -5.72 -9.39 -13.86
C VAL D 368 -4.36 -9.98 -14.23
N LYS D 369 -4.19 -10.42 -15.46
CA LYS D 369 -2.92 -11.03 -15.86
C LYS D 369 -2.26 -10.08 -16.85
N GLY D 370 -2.08 -8.83 -16.40
CA GLY D 370 -1.57 -7.78 -17.25
C GLY D 370 -2.52 -7.41 -18.37
N THR D 371 -3.83 -7.51 -18.09
CA THR D 371 -4.87 -7.14 -19.05
C THR D 371 -6.02 -6.34 -18.40
N SER D 372 -6.43 -5.27 -19.05
CA SER D 372 -7.57 -4.51 -18.59
C SER D 372 -8.85 -5.18 -19.05
N LEU D 373 -9.92 -4.89 -18.32
CA LEU D 373 -11.24 -5.39 -18.67
C LEU D 373 -11.69 -4.86 -20.03
N PRO D 374 -11.48 -3.55 -20.30
CA PRO D 374 -11.87 -3.03 -21.61
C PRO D 374 -11.23 -3.81 -22.74
N ARG D 375 -9.96 -4.16 -22.53
CA ARG D 375 -9.22 -4.97 -23.48
C ARG D 375 -9.79 -6.40 -23.55
N ALA D 376 -9.95 -7.03 -22.39
CA ALA D 376 -10.45 -8.38 -22.35
C ALA D 376 -11.76 -8.50 -23.13
N LEU D 377 -12.59 -7.48 -23.04
CA LEU D 377 -13.88 -7.44 -23.75
C LEU D 377 -13.72 -7.42 -25.25
N HIS D 378 -12.71 -6.68 -25.71
CA HIS D 378 -12.41 -6.56 -27.12
C HIS D 378 -11.94 -7.93 -27.69
N CYS D 379 -11.05 -8.58 -26.96
CA CYS D 379 -10.58 -9.92 -27.27
C CYS D 379 -11.72 -10.91 -27.40
N TRP D 380 -12.65 -10.84 -26.46
CA TRP D 380 -13.84 -11.68 -26.47
C TRP D 380 -14.65 -11.39 -27.72
N ASP D 381 -14.74 -10.09 -28.04
CA ASP D 381 -15.45 -9.61 -29.21
C ASP D 381 -14.71 -10.10 -30.45
N ARG D 382 -13.39 -9.98 -30.42
CA ARG D 382 -12.51 -10.46 -31.49
C ARG D 382 -12.68 -11.96 -31.70
N SER D 383 -12.80 -12.70 -30.61
CA SER D 383 -13.00 -14.16 -30.65
C SER D 383 -14.29 -14.55 -31.37
N LEU D 384 -15.24 -13.63 -31.43
CA LEU D 384 -16.53 -13.90 -32.04
C LEU D 384 -16.80 -13.00 -33.23
N CYS D 398 -6.20 -12.66 -28.29
CA CYS D 398 -5.65 -12.34 -26.97
C CYS D 398 -6.35 -13.13 -25.85
N PRO D 399 -5.79 -13.08 -24.61
CA PRO D 399 -6.39 -13.95 -23.59
C PRO D 399 -7.76 -13.41 -23.17
N VAL D 400 -8.66 -14.30 -22.77
CA VAL D 400 -10.04 -13.90 -22.43
C VAL D 400 -10.60 -14.64 -21.20
N HIS D 401 -9.80 -15.51 -20.59
CA HIS D 401 -10.19 -16.11 -19.33
C HIS D 401 -9.31 -15.58 -18.18
N LEU D 402 -9.63 -14.38 -17.70
CA LEU D 402 -8.82 -13.71 -16.69
C LEU D 402 -9.44 -13.77 -15.30
N VAL D 403 -9.10 -14.84 -14.58
CA VAL D 403 -9.48 -15.02 -13.20
C VAL D 403 -8.21 -14.87 -12.40
N ASP D 404 -8.32 -14.58 -11.10
CA ASP D 404 -7.16 -14.29 -10.29
C ASP D 404 -6.84 -15.39 -9.29
N SER D 405 -5.56 -15.78 -9.19
CA SER D 405 -5.16 -16.90 -8.34
C SER D 405 -4.81 -16.53 -6.89
N CYS D 406 -4.77 -15.23 -6.61
CA CYS D 406 -4.65 -14.69 -5.25
C CYS D 406 -5.68 -15.31 -4.30
N PRO D 407 -5.22 -15.82 -3.14
CA PRO D 407 -6.14 -16.47 -2.22
C PRO D 407 -6.58 -15.52 -1.09
N TRP D 408 -6.10 -14.28 -1.14
CA TRP D 408 -6.37 -13.28 -0.13
C TRP D 408 -7.11 -12.12 -0.77
N PRO D 409 -8.13 -11.56 -0.08
CA PRO D 409 -8.86 -10.42 -0.65
C PRO D 409 -7.94 -9.23 -0.94
N HIS D 410 -8.25 -8.48 -2.01
CA HIS D 410 -7.50 -7.28 -2.37
C HIS D 410 -5.99 -7.48 -2.44
N CYS D 411 -5.56 -8.68 -2.82
CA CYS D 411 -4.15 -8.97 -2.98
C CYS D 411 -3.71 -8.65 -4.40
N ASN D 412 -4.62 -8.13 -5.22
CA ASN D 412 -4.27 -7.59 -6.53
C ASN D 412 -3.85 -6.13 -6.36
N PRO D 413 -2.78 -5.72 -7.05
CA PRO D 413 -2.31 -4.36 -6.91
C PRO D 413 -3.12 -3.36 -7.72
N SER D 414 -3.91 -3.85 -8.67
CA SER D 414 -4.63 -2.99 -9.63
C SER D 414 -6.03 -2.66 -9.15
N CYS D 415 -6.26 -3.00 -7.90
CA CYS D 415 -7.54 -2.99 -7.25
C CYS D 415 -8.09 -1.57 -7.02
N PRO D 416 -9.41 -1.44 -6.76
CA PRO D 416 -9.97 -0.11 -6.46
C PRO D 416 -10.09 0.13 -4.95
N THR D 417 -9.72 1.32 -4.49
CA THR D 417 -9.62 1.59 -3.06
C THR D 417 -10.18 2.96 -2.62
N ARG D 419 -9.88 6.70 -3.19
CA ARG D 419 -9.16 7.87 -3.68
C ARG D 419 -8.94 8.97 -2.63
N ASP D 420 -7.74 9.57 -2.65
CA ASP D 420 -7.38 10.65 -1.70
C ASP D 420 -7.58 12.03 -2.30
N GLN D 421 -8.48 12.81 -1.70
CA GLN D 421 -8.87 14.11 -2.23
C GLN D 421 -7.68 15.11 -2.37
N PHE D 422 -6.75 15.06 -1.44
CA PHE D 422 -5.60 15.98 -1.43
C PHE D 422 -4.67 15.84 -2.64
N THR D 423 -4.33 14.60 -2.99
CA THR D 423 -3.37 14.31 -4.08
C THR D 423 -4.04 13.66 -5.31
N GLY D 424 -5.28 13.22 -5.15
CA GLY D 424 -6.00 12.61 -6.26
C GLY D 424 -5.47 11.24 -6.65
N GLN D 425 -4.41 10.80 -5.97
CA GLN D 425 -3.86 9.46 -6.19
C GLN D 425 -4.72 8.41 -5.49
N GLU D 426 -4.76 7.20 -6.03
CA GLU D 426 -5.48 6.10 -5.36
C GLU D 426 -4.68 5.57 -4.16
N MET D 427 -5.40 5.22 -3.09
CA MET D 427 -4.81 4.69 -1.86
C MET D 427 -4.05 3.37 -2.06
N ASN D 428 -2.96 3.18 -1.33
CA ASN D 428 -2.25 1.90 -1.31
C ASN D 428 -3.16 0.75 -0.87
N VAL D 429 -3.09 -0.37 -1.60
CA VAL D 429 -3.96 -1.52 -1.34
C VAL D 429 -3.70 -2.10 0.05
N ALA D 430 -2.43 -2.13 0.45
CA ALA D 430 -2.03 -2.53 1.79
C ALA D 430 -2.73 -1.71 2.88
N GLN D 431 -2.72 -0.38 2.72
CA GLN D 431 -3.37 0.51 3.69
C GLN D 431 -4.87 0.26 3.71
N PHE D 432 -5.48 0.16 2.52
CA PHE D 432 -6.90 -0.09 2.38
C PHE D 432 -7.30 -1.33 3.19
N LEU D 433 -6.58 -2.42 2.95
CA LEU D 433 -6.82 -3.70 3.59
C LEU D 433 -6.73 -3.56 5.11
N MET D 434 -5.74 -2.81 5.58
CA MET D 434 -5.47 -2.61 7.00
C MET D 434 -6.62 -1.89 7.71
N HIS D 435 -7.14 -0.87 7.03
CA HIS D 435 -8.27 -0.10 7.51
C HIS D 435 -9.48 -1.00 7.64
N MET D 436 -9.64 -1.90 6.68
CA MET D 436 -10.73 -2.85 6.64
C MET D 436 -10.65 -3.90 7.75
N GLY D 437 -9.52 -4.00 8.43
CA GLY D 437 -9.38 -4.97 9.51
C GLY D 437 -8.45 -6.14 9.19
N PHE D 438 -8.01 -6.22 7.95
CA PHE D 438 -7.06 -7.25 7.54
C PHE D 438 -5.63 -6.83 7.91
N ALA E 1 -15.84 1.44 17.60
CA ALA E 1 -16.70 2.59 18.00
C ALA E 1 -17.34 3.32 16.80
N ALA E 2 -16.58 3.52 15.73
CA ALA E 2 -17.05 4.28 14.55
C ALA E 2 -16.98 3.50 13.24
N ALA E 3 -17.74 3.95 12.24
CA ALA E 3 -17.80 3.26 10.94
C ALA E 3 -16.53 3.50 10.13
N ALA E 4 -16.11 2.48 9.38
CA ALA E 4 -14.94 2.59 8.50
C ALA E 4 -15.13 3.71 7.47
N ALA E 5 -16.33 3.76 6.88
CA ALA E 5 -16.69 4.81 5.92
C ALA E 5 -16.65 6.16 6.60
N ALA E 6 -17.02 6.19 7.89
CA ALA E 6 -16.94 7.41 8.69
C ALA E 6 -15.48 7.80 9.02
N ALA E 7 -14.66 6.83 9.45
CA ALA E 7 -13.25 7.09 9.78
C ALA E 7 -12.44 7.55 8.56
N ALA E 8 -12.66 6.90 7.42
CA ALA E 8 -11.96 7.25 6.20
C ALA E 8 -12.30 8.68 5.72
N ALA E 9 -13.58 9.02 5.73
CA ALA E 9 -14.03 10.34 5.26
C ALA E 9 -13.46 11.51 6.08
N ALA E 10 -13.28 11.31 7.39
CA ALA E 10 -12.66 12.29 8.28
C ALA E 10 -11.20 12.54 7.92
C1 NAG F . 37.52 -32.17 31.41
C2 NAG F . 37.31 -31.78 32.90
C3 NAG F . 36.57 -32.87 33.71
C4 NAG F . 35.38 -33.45 32.95
C5 NAG F . 35.92 -33.86 31.60
C6 NAG F . 34.95 -34.63 30.72
C7 NAG F . 39.53 -30.68 33.23
C8 NAG F . 40.67 -30.50 34.20
N2 NAG F . 38.51 -31.46 33.64
O3 NAG F . 36.10 -32.38 34.95
O4 NAG F . 34.83 -34.55 33.65
O5 NAG F . 36.26 -32.65 30.98
O6 NAG F . 35.36 -35.97 30.84
O7 NAG F . 39.57 -30.14 32.13
CL CL G . 0.37 -12.27 31.38
#